data_6CIK
#
_entry.id   6CIK
#
_cell.length_a   156.423
_cell.length_b   123.149
_cell.length_c   186.327
_cell.angle_alpha   90.000
_cell.angle_beta   105.030
_cell.angle_gamma   90.000
#
_symmetry.space_group_name_H-M   'C 1 2 1'
#
loop_
_entity.id
_entity.type
_entity.pdbx_description
1 polymer 'V(D)J recombination-activating protein 1'
2 polymer 'V(D)J recombination-activating protein 2'
3 polymer 'High mobility group protein B1'
4 polymer 'Intact 12RSS substrate reverse strand'
5 polymer 'Intact 12RSS substrate forward strand'
6 polymer 'Nicked 23RSS intermediate reverse strand'
7 polymer "DNA (5'-D(*AP*TP*CP*TP*GP*GP*CP*CP*TP*GP*TP*CP*TP*TP*A)-3')"
8 polymer 'Nicked 23RSS intermediate forward strand'
9 non-polymer 'ZINC ION'
10 non-polymer 'MANGANESE (II) ION'
11 water water
#
loop_
_entity_poly.entity_id
_entity_poly.type
_entity_poly.pdbx_seq_one_letter_code
_entity_poly.pdbx_strand_id
1 'polypeptide(L)'
;VHINKGGRPRQHLLSLTRRAQKHRLRELKIQVKEFADKEEGGDVKAVCLTLFLLALRARNEHRQADELEAIMQGRGSGLQ
PAVCLAIRVNTFLSCSQYHKMYRTVKAITGRQIFQPLHALRNAEKVLLPGYHPFEWQPPLKNVSSRTDVGIIDGLSGLAS
SVDEYPVDTIAKRFRYDSALVSALMDMEEDILEGMRSQDLDDYLNGPFTVVVKESCDGMGDVSEKHGSGPAVPEKAVRFS
FTVMRITIEHGSQNVKVFEEPKPNSELCCKPLCLMLADESDHETLTAILSPLIAEREAMKSSELTLEMGGIPRTFKFIFR
GTGYDEKLVREVEGLEASGSVYICTLCDTTRLEASQNLVFHSITRSHAENLQRYEVWRSNPYHESVEELRDRVKGVSAKP
FIETVPSIDALHCDIGNAAEFYKIFQLEIGEVYKHPNASKEERKRWQATLDKHLRKRMNLKPIMRMNGNFARKLMTQETV
DAVCELIPSEERHEALRELMDLYLKMKPVWRSSCPAKECPESLCQYSFNSQRFAELLSTKFKYRYEGKITNYFHKTLAHV
PEIIERDGSIGAWASEGNQSGNKLFRRFRKMNARQSKCYEMEDVLKHHWLYTSKYLQKFMNAHNA
;
A,C
2 'polypeptide(L)'
;MSLQMVTVGHNIALIQPGFSLMNFDGQVFFFGQKGWPKRSCPTGVFHFDIKQNHLKLKPAIFSKDSCYLPPLRYPATCSY
KGSIDSDKHQYIIHGGKTPNNELSDKIYIMSVACKNNKKVTFRCTEKDLVGDVPEPRYGHSIDVVYSRGKSMGVLFGGRS
YMPSTQRTTEKWNSVADCLPHVFLIDFEFGCATSYILPELQDGLSFHVSIARNDTVYILGGHSLASNIRPANLYRIRVDL
PLGTPAVNCTVLPGGISVSSAILTQTNNDEFVIVGGYQLENQKRMVCSLVSLGDNTIEISEMETPDWTSDIKHSKIWFGS
NMGNGTIFLGIPGDNKQAMSEAFYFYTLRCSEEDLSEDQ
;
B,D
3 'polypeptide(L)'
;MGKGDPKKPRGKMSSYAFFVQTCREEHKKKHPDASVNFSEFSKKCSERWKTMSAKEKGKFEDMAKADKARYEREMKTYIP
PKGETKKKFKDPNAPKRPPSAFFLFCSEYRPKIKGEHPGLSIGDVAKKLGEMWNNTAADDKQPYEKKAAKLKEKYEKDIA
AYR
;
N
4 'polydeoxyribonucleotide'
;(DG)(DG)(DG)(DT)(DT)(DT)(DT)(DT)(DG)(DT)(DT)(DA)(DA)(DG)(DG)(DG)(DC)(DT)(DG)(DT)
(DA)(DT)(DC)(DA)(DC)(DT)(DG)(DT)(DG)(DT)(DA)(DA)(DG)(DA)(DC)(DA)(DG)(DG)(DC)
;
F
5 'polydeoxyribonucleotide'
;(DG)(DC)(DC)(DT)(DG)(DT)(DC)(DT)(DT)(DA)(DC)(DA)(DC)(DA)(DG)(DT)(DG)(DA)(DT)(DA)
(DC)(DA)(DG)(DC)(DC)(DC)(DT)(DT)(DA)(DA)(DC)(DA)(DA)(DA)(DA)(DA)(DC)(DC)(DC)(DG)
;
I
6 'polydeoxyribonucleotide'
;(DA)(DG)(DG)(DG)(DT)(DT)(DT)(DT)(DT)(DG)(DT)(DC)(DT)(DG)(DG)(DC)(DT)(DT)(DC)(DA)
(DC)(DA)(DC)(DT)(DT)(DG)(DA)(DT)(DT)(DT)(DG)(DC)(DA)(DT)(DC)(DA)(DC)(DT)(DG)(DT)
(DG)(DT)(DA)(DA)(DG)(DA)(DC)(DA)(DG)(DG)(DC)(DC)(DA)(DG)(DA)
;
G
7 'polydeoxyribonucleotide' (DA)(DT)(DC)(DT)(DG)(DG)(DC)(DC)(DT)(DG)(DT)(DC)(DT)(DT)(DA) J
8 'polydeoxyribonucleotide'
;(DC)(DA)(DC)(DA)(DG)(DT)(DG)(DA)(DT)(DG)(DC)(DA)(DA)(DA)(DT)(DC)(DA)(DA)(DG)(DT)
(DG)(DT)(DG)(DA)(DA)(DG)(DC)(DC)(DA)(DG)(DA)(DC)(DA)(DA)(DA)(DA)(DA)(DC)(DC)(DC)
;
M
#
# COMPACT_ATOMS: atom_id res chain seq x y z
N HIS A 12 -44.47 -24.64 26.95
CA HIS A 12 -43.96 -24.95 25.61
C HIS A 12 -43.34 -26.34 25.65
N LEU A 13 -43.65 -27.12 24.60
CA LEU A 13 -43.25 -28.53 24.53
C LEU A 13 -41.75 -28.68 24.73
N LEU A 14 -40.98 -27.82 24.03
CA LEU A 14 -39.52 -27.76 24.09
C LEU A 14 -39.00 -27.34 25.45
N SER A 15 -39.87 -26.76 26.28
CA SER A 15 -39.46 -26.36 27.62
C SER A 15 -39.26 -27.58 28.51
N LEU A 16 -40.20 -28.53 28.44
CA LEU A 16 -40.31 -29.73 29.28
C LEU A 16 -39.38 -30.86 28.86
N THR A 17 -39.19 -31.81 29.78
CA THR A 17 -38.31 -32.96 29.57
C THR A 17 -38.98 -34.03 28.71
N ARG A 18 -38.15 -35.01 28.32
CA ARG A 18 -38.55 -36.05 27.39
C ARG A 18 -39.67 -36.89 27.98
N ARG A 19 -39.63 -37.17 29.29
CA ARG A 19 -40.76 -37.83 29.93
C ARG A 19 -42.01 -36.96 29.86
N ALA A 20 -41.85 -35.65 30.05
CA ALA A 20 -42.98 -34.73 30.05
C ALA A 20 -43.57 -34.59 28.64
N GLN A 21 -42.69 -34.46 27.63
CA GLN A 21 -43.17 -34.26 26.25
C GLN A 21 -43.82 -35.54 25.71
N LYS A 22 -43.25 -36.70 26.10
CA LYS A 22 -43.88 -37.99 25.86
C LYS A 22 -45.30 -38.00 26.41
N HIS A 23 -45.47 -37.49 27.62
CA HIS A 23 -46.81 -37.43 28.22
C HIS A 23 -47.75 -36.56 27.39
N ARG A 24 -47.34 -35.32 27.10
CA ARG A 24 -48.19 -34.39 26.38
C ARG A 24 -48.47 -34.79 24.93
N LEU A 25 -47.69 -35.71 24.35
CA LEU A 25 -47.91 -36.13 22.97
C LEU A 25 -48.36 -37.58 22.80
N ARG A 26 -48.55 -38.33 23.88
CA ARG A 26 -48.92 -39.74 23.80
C ARG A 26 -50.10 -40.01 22.86
N GLU A 27 -51.13 -39.16 22.90
CA GLU A 27 -52.33 -39.42 22.11
C GLU A 27 -52.01 -39.37 20.61
N LEU A 28 -51.36 -38.29 20.17
CA LEU A 28 -50.98 -38.18 18.77
C LEU A 28 -49.98 -39.26 18.39
N LYS A 29 -49.14 -39.70 19.34
CA LYS A 29 -48.21 -40.78 19.05
C LYS A 29 -48.95 -42.08 18.71
N ILE A 30 -49.99 -42.39 19.49
CA ILE A 30 -50.77 -43.60 19.22
C ILE A 30 -51.49 -43.48 17.88
N GLN A 31 -52.03 -42.29 17.60
CA GLN A 31 -52.73 -42.09 16.33
C GLN A 31 -51.77 -42.26 15.16
N VAL A 32 -50.54 -41.78 15.30
CA VAL A 32 -49.55 -41.90 14.24
C VAL A 32 -49.13 -43.35 14.05
N LYS A 33 -48.98 -44.10 15.15
CA LYS A 33 -48.64 -45.51 15.01
C LYS A 33 -49.75 -46.25 14.26
N GLU A 34 -51.01 -45.91 14.54
CA GLU A 34 -52.13 -46.50 13.80
C GLU A 34 -52.03 -46.14 12.31
N PHE A 35 -51.82 -44.86 12.00
CA PHE A 35 -51.72 -44.42 10.60
C PHE A 35 -50.59 -45.12 9.87
N ALA A 36 -49.45 -45.29 10.53
CA ALA A 36 -48.29 -45.91 9.91
C ALA A 36 -48.56 -47.38 9.62
N ASP A 37 -49.11 -48.10 10.61
CA ASP A 37 -49.42 -49.51 10.39
C ASP A 37 -50.51 -49.70 9.34
N LYS A 38 -51.50 -48.80 9.27
CA LYS A 38 -52.59 -48.95 8.32
C LYS A 38 -52.25 -48.50 6.91
N GLU A 39 -51.27 -47.60 6.74
CA GLU A 39 -50.95 -47.05 5.43
C GLU A 39 -49.50 -47.19 4.98
N GLU A 40 -48.53 -47.17 5.89
CA GLU A 40 -47.13 -47.09 5.50
C GLU A 40 -46.30 -48.26 6.00
N GLY A 41 -46.95 -49.35 6.40
CA GLY A 41 -46.19 -50.52 6.79
C GLY A 41 -45.45 -50.42 8.10
N GLY A 42 -45.89 -49.56 9.01
CA GLY A 42 -45.31 -49.51 10.34
C GLY A 42 -44.06 -48.68 10.51
N ASP A 43 -43.72 -47.85 9.54
CA ASP A 43 -42.51 -47.03 9.60
C ASP A 43 -42.85 -45.70 10.28
N VAL A 44 -42.87 -45.73 11.61
CA VAL A 44 -43.12 -44.50 12.35
C VAL A 44 -42.02 -43.49 12.09
N LYS A 45 -40.77 -43.98 12.02
CA LYS A 45 -39.62 -43.10 11.80
C LYS A 45 -39.79 -42.30 10.52
N ALA A 46 -40.04 -42.98 9.40
CA ALA A 46 -40.18 -42.30 8.11
C ALA A 46 -41.37 -41.35 8.10
N VAL A 47 -42.46 -41.75 8.75
CA VAL A 47 -43.66 -40.91 8.76
C VAL A 47 -43.40 -39.62 9.51
N CYS A 48 -42.77 -39.71 10.68
CA CYS A 48 -42.48 -38.49 11.45
C CYS A 48 -41.44 -37.64 10.74
N LEU A 49 -40.44 -38.26 10.11
CA LEU A 49 -39.47 -37.49 9.35
C LEU A 49 -40.14 -36.68 8.25
N THR A 50 -41.02 -37.32 7.46
CA THR A 50 -41.66 -36.59 6.37
C THR A 50 -42.59 -35.50 6.89
N LEU A 51 -43.33 -35.80 7.96
CA LEU A 51 -44.21 -34.79 8.54
C LEU A 51 -43.40 -33.55 8.94
N PHE A 52 -42.27 -33.78 9.64
CA PHE A 52 -41.46 -32.66 10.11
C PHE A 52 -40.79 -31.89 8.96
N LEU A 53 -40.31 -32.61 7.94
CA LEU A 53 -39.71 -31.95 6.78
C LEU A 53 -40.72 -31.06 6.07
N LEU A 54 -41.93 -31.56 5.85
CA LEU A 54 -42.95 -30.76 5.16
C LEU A 54 -43.42 -29.60 6.02
N ALA A 55 -43.49 -29.79 7.35
CA ALA A 55 -43.80 -28.67 8.25
C ALA A 55 -42.72 -27.59 8.16
N LEU A 56 -41.45 -28.00 8.16
CA LEU A 56 -40.35 -27.07 7.98
C LEU A 56 -40.48 -26.31 6.66
N ARG A 57 -40.76 -27.03 5.57
CA ARG A 57 -40.96 -26.36 4.29
C ARG A 57 -42.14 -25.41 4.31
N ALA A 58 -43.16 -25.71 5.13
CA ALA A 58 -44.33 -24.83 5.26
C ALA A 58 -44.00 -23.53 5.98
N ARG A 59 -43.15 -23.58 7.02
CA ARG A 59 -42.79 -22.35 7.72
C ARG A 59 -41.69 -21.57 7.01
N ASN A 60 -41.44 -21.88 5.74
CA ASN A 60 -40.42 -21.27 4.88
C ASN A 60 -38.99 -21.49 5.39
N GLU A 61 -38.77 -22.49 6.23
CA GLU A 61 -37.45 -22.78 6.80
C GLU A 61 -36.74 -23.92 6.05
N HIS A 62 -36.50 -23.69 4.75
CA HIS A 62 -35.92 -24.72 3.90
C HIS A 62 -34.51 -25.13 4.33
N ARG A 63 -33.76 -24.21 4.95
CA ARG A 63 -32.37 -24.51 5.31
C ARG A 63 -32.28 -25.70 6.27
N GLN A 64 -32.99 -25.64 7.38
CA GLN A 64 -32.93 -26.72 8.36
C GLN A 64 -33.53 -28.01 7.80
N ALA A 65 -34.53 -27.90 6.93
CA ALA A 65 -35.12 -29.08 6.30
C ALA A 65 -34.12 -29.78 5.37
N ASP A 66 -33.40 -29.00 4.56
CA ASP A 66 -32.38 -29.60 3.70
C ASP A 66 -31.22 -30.18 4.50
N GLU A 67 -30.83 -29.53 5.60
CA GLU A 67 -29.76 -30.08 6.42
C GLU A 67 -30.19 -31.41 7.05
N LEU A 68 -31.45 -31.48 7.50
CA LEU A 68 -32.01 -32.74 7.99
C LEU A 68 -32.04 -33.80 6.90
N GLU A 69 -32.45 -33.42 5.68
CA GLU A 69 -32.44 -34.38 4.59
C GLU A 69 -31.05 -34.92 4.33
N ALA A 70 -30.05 -34.04 4.32
CA ALA A 70 -28.70 -34.51 4.02
C ALA A 70 -28.14 -35.37 5.15
N ILE A 71 -28.47 -35.05 6.40
CA ILE A 71 -27.98 -35.88 7.49
C ILE A 71 -28.70 -37.22 7.54
N MET A 72 -29.95 -37.28 7.09
CA MET A 72 -30.63 -38.57 7.03
C MET A 72 -30.12 -39.40 5.86
N GLN A 73 -29.97 -38.79 4.68
CA GLN A 73 -29.31 -39.48 3.58
C GLN A 73 -27.87 -39.86 3.91
N GLY A 74 -27.26 -39.21 4.91
CA GLY A 74 -25.88 -39.47 5.21
C GLY A 74 -24.89 -38.97 4.17
N ARG A 75 -25.36 -38.24 3.17
CA ARG A 75 -24.50 -37.71 2.13
C ARG A 75 -23.41 -36.82 2.73
N GLY A 76 -22.15 -37.22 2.53
CA GLY A 76 -21.05 -36.56 3.20
C GLY A 76 -20.65 -35.27 2.51
N SER A 77 -20.35 -34.25 3.32
CA SER A 77 -19.96 -32.94 2.81
C SER A 77 -18.45 -32.82 2.93
N GLY A 78 -17.75 -33.02 1.81
CA GLY A 78 -16.31 -32.84 1.79
C GLY A 78 -15.84 -32.20 0.50
N LEU A 79 -15.17 -31.06 0.58
CA LEU A 79 -14.64 -30.41 -0.61
C LEU A 79 -13.34 -31.10 -1.04
N GLN A 80 -13.23 -31.40 -2.34
CA GLN A 80 -11.98 -31.94 -2.86
C GLN A 80 -10.87 -30.89 -2.83
N PRO A 81 -9.65 -31.30 -2.50
CA PRO A 81 -8.57 -30.32 -2.36
C PRO A 81 -8.49 -29.34 -3.52
N ALA A 82 -8.88 -29.78 -4.72
CA ALA A 82 -8.88 -28.87 -5.86
C ALA A 82 -9.87 -27.73 -5.68
N VAL A 83 -11.04 -28.02 -5.10
CA VAL A 83 -12.02 -26.96 -4.90
C VAL A 83 -11.56 -26.02 -3.82
N CYS A 84 -10.95 -26.58 -2.78
CA CYS A 84 -10.31 -25.74 -1.76
C CYS A 84 -9.30 -24.82 -2.41
N LEU A 85 -8.47 -25.34 -3.32
CA LEU A 85 -7.49 -24.48 -3.98
C LEU A 85 -8.17 -23.42 -4.84
N ALA A 86 -9.24 -23.77 -5.53
CA ALA A 86 -9.89 -22.77 -6.37
C ALA A 86 -10.42 -21.62 -5.52
N ILE A 87 -11.01 -21.94 -4.36
CA ILE A 87 -11.50 -20.91 -3.44
C ILE A 87 -10.35 -20.08 -2.88
N ARG A 88 -9.33 -20.73 -2.32
CA ARG A 88 -8.17 -20.00 -1.80
C ARG A 88 -7.60 -19.04 -2.84
N VAL A 89 -7.25 -19.57 -4.01
CA VAL A 89 -6.72 -18.75 -5.10
C VAL A 89 -7.69 -17.61 -5.39
N ASN A 90 -8.92 -17.96 -5.69
CA ASN A 90 -9.81 -16.97 -6.24
C ASN A 90 -10.31 -15.95 -5.23
N THR A 91 -10.07 -16.14 -3.91
CA THR A 91 -10.38 -15.13 -2.89
C THR A 91 -9.15 -14.50 -2.24
N PHE A 92 -7.94 -14.78 -2.73
CA PHE A 92 -6.69 -14.12 -2.30
C PHE A 92 -6.30 -14.39 -0.86
N LEU A 93 -6.74 -15.49 -0.30
CA LEU A 93 -6.34 -15.87 1.05
C LEU A 93 -4.91 -16.35 1.07
N SER A 94 -4.12 -15.83 2.02
CA SER A 94 -2.78 -16.37 2.26
C SER A 94 -2.86 -17.74 2.94
N CYS A 95 -1.71 -18.40 3.09
CA CYS A 95 -1.74 -19.75 3.65
C CYS A 95 -2.19 -19.73 5.09
N SER A 96 -1.70 -18.76 5.87
CA SER A 96 -2.11 -18.66 7.26
C SER A 96 -3.59 -18.38 7.39
N GLN A 97 -4.15 -17.50 6.57
CA GLN A 97 -5.58 -17.20 6.69
CA GLN A 97 -5.58 -17.22 6.64
C GLN A 97 -6.42 -18.41 6.26
N TYR A 98 -6.02 -19.09 5.21
CA TYR A 98 -6.73 -20.31 4.87
C TYR A 98 -6.64 -21.31 6.02
N HIS A 99 -5.46 -21.43 6.63
CA HIS A 99 -5.32 -22.40 7.70
C HIS A 99 -6.23 -22.07 8.88
N LYS A 100 -6.36 -20.79 9.23
CA LYS A 100 -7.32 -20.41 10.26
C LYS A 100 -8.73 -20.84 9.90
N MET A 101 -9.18 -20.55 8.67
CA MET A 101 -10.55 -20.91 8.32
C MET A 101 -10.73 -22.42 8.32
N TYR A 102 -9.74 -23.15 7.81
CA TYR A 102 -9.81 -24.60 7.76
C TYR A 102 -9.93 -25.18 9.15
N ARG A 103 -9.03 -24.77 10.04
CA ARG A 103 -8.98 -25.36 11.37
C ARG A 103 -10.24 -25.02 12.14
N THR A 104 -10.78 -23.82 11.94
CA THR A 104 -12.00 -23.44 12.64
C THR A 104 -13.19 -24.25 12.16
N VAL A 105 -13.39 -24.35 10.85
CA VAL A 105 -14.54 -25.11 10.39
C VAL A 105 -14.42 -26.56 10.85
N LYS A 106 -13.21 -27.10 10.82
CA LYS A 106 -13.06 -28.50 11.26
C LYS A 106 -13.30 -28.66 12.74
N ALA A 107 -12.84 -27.71 13.55
CA ALA A 107 -13.09 -27.83 14.99
C ALA A 107 -14.57 -27.67 15.34
N ILE A 108 -15.27 -26.77 14.65
CA ILE A 108 -16.63 -26.44 15.05
C ILE A 108 -17.66 -27.37 14.45
N THR A 109 -17.50 -27.84 13.22
CA THR A 109 -18.44 -28.82 12.70
C THR A 109 -17.96 -30.23 12.90
N GLY A 110 -16.75 -30.43 13.43
CA GLY A 110 -16.20 -31.75 13.63
C GLY A 110 -15.94 -32.53 12.35
N ARG A 111 -16.42 -31.99 11.23
CA ARG A 111 -16.18 -32.53 9.90
C ARG A 111 -15.09 -31.68 9.22
N GLN A 112 -14.33 -32.35 8.36
CA GLN A 112 -13.23 -31.74 7.60
C GLN A 112 -13.72 -31.29 6.23
N ILE A 113 -14.49 -30.20 6.23
CA ILE A 113 -15.05 -29.67 4.98
C ILE A 113 -13.93 -29.17 4.06
N PHE A 114 -13.07 -28.31 4.57
CA PHE A 114 -11.93 -27.87 3.79
C PHE A 114 -10.77 -28.83 4.05
N GLN A 115 -9.91 -28.97 3.08
CA GLN A 115 -8.76 -29.83 3.21
C GLN A 115 -7.55 -29.06 3.73
N PRO A 116 -6.59 -29.74 4.34
CA PRO A 116 -5.42 -29.05 4.88
C PRO A 116 -4.48 -28.53 3.79
N LEU A 117 -3.51 -27.72 4.22
CA LEU A 117 -2.71 -26.97 3.26
C LEU A 117 -1.88 -27.89 2.39
N HIS A 118 -1.32 -28.94 2.96
CA HIS A 118 -0.44 -29.79 2.18
C HIS A 118 -1.21 -30.41 1.02
N ALA A 119 -2.49 -30.72 1.25
CA ALA A 119 -3.32 -31.23 0.17
C ALA A 119 -3.50 -30.18 -0.90
N LEU A 120 -3.62 -28.92 -0.52
CA LEU A 120 -3.75 -27.91 -1.56
C LEU A 120 -2.49 -27.76 -2.40
N ARG A 121 -1.30 -27.74 -1.77
CA ARG A 121 -0.05 -27.73 -2.54
C ARG A 121 -0.06 -28.88 -3.55
N ASN A 122 -0.34 -30.08 -3.07
CA ASN A 122 -0.33 -31.21 -3.96
C ASN A 122 -1.27 -30.99 -5.13
N ALA A 123 -2.46 -30.46 -4.86
CA ALA A 123 -3.39 -30.21 -5.96
C ALA A 123 -2.86 -29.14 -6.89
N GLU A 124 -2.05 -28.20 -6.36
CA GLU A 124 -1.44 -27.19 -7.22
C GLU A 124 -0.53 -27.84 -8.26
N LYS A 125 0.26 -28.84 -7.83
CA LYS A 125 1.23 -29.45 -8.74
C LYS A 125 0.56 -29.93 -10.02
N VAL A 126 -0.66 -30.45 -9.91
CA VAL A 126 -1.31 -30.94 -11.11
C VAL A 126 -1.55 -29.81 -12.10
N LEU A 127 -1.89 -28.62 -11.61
CA LEU A 127 -2.37 -27.52 -12.44
C LEU A 127 -1.28 -26.59 -12.99
N LEU A 128 -0.07 -26.72 -12.56
CA LEU A 128 1.13 -25.99 -12.89
C LEU A 128 1.93 -26.68 -14.00
N PRO A 129 2.69 -25.88 -14.77
CA PRO A 129 3.59 -26.44 -15.78
C PRO A 129 4.56 -27.40 -15.14
N GLY A 130 4.93 -28.43 -15.89
CA GLY A 130 5.87 -29.40 -15.38
C GLY A 130 5.29 -30.65 -14.76
N TYR A 131 4.00 -30.92 -14.97
CA TYR A 131 3.40 -32.08 -14.32
C TYR A 131 3.11 -33.21 -15.29
N HIS A 132 2.43 -32.95 -16.36
CA HIS A 132 2.15 -34.03 -17.28
C HIS A 132 3.35 -34.30 -18.19
N PRO A 133 3.46 -35.51 -18.70
CA PRO A 133 4.49 -35.81 -19.70
C PRO A 133 4.00 -35.52 -21.11
N PHE A 134 4.94 -35.23 -22.01
CA PHE A 134 4.61 -34.91 -23.41
C PHE A 134 5.80 -35.23 -24.29
N GLU A 135 5.57 -35.18 -25.61
CA GLU A 135 6.65 -35.37 -26.59
C GLU A 135 6.45 -34.44 -27.76
N TRP A 136 7.56 -34.04 -28.37
CA TRP A 136 7.52 -33.25 -29.60
C TRP A 136 8.13 -34.07 -30.73
N GLN A 137 7.43 -34.12 -31.85
CA GLN A 137 7.89 -34.89 -33.00
C GLN A 137 7.99 -33.99 -34.23
N PRO A 138 9.20 -33.69 -34.69
CA PRO A 138 10.49 -34.11 -34.14
C PRO A 138 10.89 -33.28 -32.93
N PRO A 139 11.79 -33.77 -32.07
CA PRO A 139 12.19 -32.98 -30.89
C PRO A 139 12.50 -31.53 -31.26
N LEU A 140 12.16 -30.63 -30.34
CA LEU A 140 12.27 -29.23 -30.65
C LEU A 140 13.74 -28.84 -30.75
N LYS A 141 14.04 -27.95 -31.71
CA LYS A 141 15.41 -27.51 -31.91
C LYS A 141 15.85 -26.61 -30.75
N ASN A 142 16.94 -26.97 -30.09
CA ASN A 142 17.59 -26.18 -29.04
C ASN A 142 16.73 -26.01 -27.80
N VAL A 143 15.66 -26.80 -27.65
CA VAL A 143 14.81 -26.82 -26.47
C VAL A 143 14.95 -28.19 -25.81
N SER A 144 15.03 -28.19 -24.48
CA SER A 144 15.18 -29.44 -23.75
C SER A 144 13.96 -30.35 -23.93
N SER A 145 14.20 -31.66 -23.86
CA SER A 145 13.10 -32.63 -23.88
C SER A 145 12.58 -32.97 -22.49
N ARG A 146 13.19 -32.43 -21.42
CA ARG A 146 12.72 -32.70 -20.06
C ARG A 146 11.33 -32.14 -19.84
N THR A 147 10.44 -32.95 -19.26
CA THR A 147 9.08 -32.48 -19.09
C THR A 147 8.77 -32.03 -17.67
N ASP A 148 9.66 -32.30 -16.73
CA ASP A 148 9.41 -31.91 -15.36
C ASP A 148 9.94 -30.52 -15.06
N VAL A 149 9.87 -29.57 -15.99
CA VAL A 149 10.36 -28.22 -15.73
C VAL A 149 9.21 -27.35 -15.29
N GLY A 150 9.43 -26.58 -14.24
CA GLY A 150 8.39 -25.68 -13.86
C GLY A 150 8.80 -24.25 -14.09
N ILE A 151 8.85 -23.50 -12.99
CA ILE A 151 9.34 -22.14 -13.02
C ILE A 151 10.84 -22.18 -13.24
N ILE A 152 11.31 -21.36 -14.17
CA ILE A 152 12.69 -21.24 -14.56
C ILE A 152 13.06 -19.79 -14.38
N ASP A 153 14.35 -19.56 -14.14
CA ASP A 153 14.84 -18.20 -14.03
C ASP A 153 14.72 -17.48 -15.37
N GLY A 154 14.10 -16.31 -15.35
CA GLY A 154 13.85 -15.56 -16.58
C GLY A 154 15.10 -15.01 -17.24
N LEU A 155 16.20 -14.88 -16.50
CA LEU A 155 17.45 -14.45 -17.10
C LEU A 155 18.08 -15.50 -18.02
N SER A 156 17.62 -16.74 -17.96
CA SER A 156 18.08 -17.76 -18.90
C SER A 156 19.61 -17.84 -18.90
N GLY A 157 20.18 -17.90 -17.70
CA GLY A 157 21.62 -18.01 -17.57
C GLY A 157 22.40 -16.75 -17.86
N LEU A 158 21.73 -15.59 -17.93
CA LEU A 158 22.38 -14.31 -18.18
C LEU A 158 23.54 -14.06 -17.23
N ALA A 159 24.67 -13.64 -17.79
CA ALA A 159 25.87 -13.42 -16.98
C ALA A 159 25.61 -12.30 -15.99
N SER A 160 26.10 -12.51 -14.76
CA SER A 160 25.88 -11.59 -13.66
C SER A 160 27.14 -11.14 -12.96
N SER A 161 28.33 -11.56 -13.42
CA SER A 161 29.58 -11.16 -12.77
C SER A 161 29.76 -9.64 -12.85
N VAL A 162 30.54 -9.11 -11.91
CA VAL A 162 30.71 -7.66 -11.83
C VAL A 162 31.33 -7.05 -13.10
N ASP A 163 32.04 -7.87 -13.89
CA ASP A 163 32.66 -7.40 -15.13
C ASP A 163 31.63 -7.14 -16.20
N GLU A 164 30.61 -7.99 -16.25
CA GLU A 164 29.60 -7.99 -17.27
C GLU A 164 28.69 -6.77 -17.12
N TYR A 165 27.76 -6.66 -18.06
CA TYR A 165 26.74 -5.65 -17.97
C TYR A 165 25.95 -5.85 -16.70
N PRO A 166 25.57 -4.78 -16.01
CA PRO A 166 24.88 -4.92 -14.72
C PRO A 166 23.43 -5.37 -14.89
N VAL A 167 23.09 -6.46 -14.19
CA VAL A 167 21.76 -7.05 -14.23
C VAL A 167 20.96 -6.52 -13.04
N ASP A 168 20.00 -5.66 -13.33
CA ASP A 168 19.21 -4.98 -12.32
C ASP A 168 17.79 -5.49 -12.24
N THR A 169 17.47 -6.63 -12.85
CA THR A 169 16.07 -7.05 -12.90
C THR A 169 15.95 -8.49 -12.43
N ILE A 170 14.74 -8.78 -11.92
CA ILE A 170 14.33 -10.12 -11.51
C ILE A 170 13.17 -10.53 -12.40
N ALA A 171 13.27 -11.72 -12.98
CA ALA A 171 12.25 -12.20 -13.88
C ALA A 171 12.18 -13.71 -13.72
N LYS A 172 10.97 -14.23 -13.92
CA LYS A 172 10.69 -15.65 -13.83
C LYS A 172 9.74 -16.04 -14.95
N ARG A 173 9.88 -17.26 -15.43
CA ARG A 173 9.07 -17.64 -16.57
C ARG A 173 8.86 -19.15 -16.56
N PHE A 174 7.99 -19.58 -17.45
CA PHE A 174 7.82 -20.98 -17.81
C PHE A 174 8.52 -21.26 -19.14
N ARG A 175 8.83 -22.54 -19.37
CA ARG A 175 9.25 -22.95 -20.72
C ARG A 175 8.04 -23.06 -21.63
N TYR A 176 8.09 -22.38 -22.78
CA TYR A 176 6.88 -22.09 -23.54
C TYR A 176 6.15 -23.37 -23.97
N ASP A 177 6.86 -24.40 -24.40
CA ASP A 177 6.15 -25.65 -24.69
C ASP A 177 5.48 -26.20 -23.43
N SER A 178 6.21 -26.20 -22.31
CA SER A 178 5.71 -26.75 -21.05
C SER A 178 4.41 -26.04 -20.58
N ALA A 179 4.38 -24.69 -20.71
CA ALA A 179 3.17 -23.93 -20.42
C ALA A 179 2.06 -24.26 -21.41
N LEU A 180 2.40 -24.46 -22.70
CA LEU A 180 1.38 -24.88 -23.65
C LEU A 180 0.73 -26.20 -23.23
N VAL A 181 1.56 -27.12 -22.73
CA VAL A 181 1.06 -28.38 -22.22
C VAL A 181 0.11 -28.15 -21.03
N SER A 182 0.55 -27.33 -20.07
CA SER A 182 -0.24 -27.16 -18.84
C SER A 182 -1.58 -26.53 -19.16
N ALA A 183 -1.59 -25.57 -20.06
CA ALA A 183 -2.85 -24.94 -20.45
C ALA A 183 -3.75 -25.92 -21.21
N LEU A 184 -3.18 -26.78 -22.06
CA LEU A 184 -4.05 -27.73 -22.75
C LEU A 184 -4.67 -28.73 -21.76
N MET A 185 -3.87 -29.25 -20.81
CA MET A 185 -4.41 -30.17 -19.84
C MET A 185 -5.50 -29.51 -19.01
N ASP A 186 -5.31 -28.23 -18.67
CA ASP A 186 -6.36 -27.46 -18.00
C ASP A 186 -7.65 -27.43 -18.82
N MET A 187 -7.55 -27.26 -20.14
CA MET A 187 -8.77 -27.15 -20.94
C MET A 187 -9.36 -28.49 -21.32
N GLU A 188 -8.73 -29.60 -20.93
CA GLU A 188 -9.22 -30.93 -21.32
C GLU A 188 -10.73 -31.10 -21.24
N GLU A 189 -11.34 -30.74 -20.12
CA GLU A 189 -12.78 -30.96 -20.03
C GLU A 189 -13.53 -30.12 -21.06
N ASP A 190 -13.07 -28.90 -21.32
CA ASP A 190 -13.73 -28.07 -22.34
C ASP A 190 -13.49 -28.61 -23.74
N ILE A 191 -12.33 -29.23 -23.97
CA ILE A 191 -12.07 -29.78 -25.29
C ILE A 191 -13.00 -30.96 -25.56
N LEU A 192 -13.05 -31.90 -24.62
CA LEU A 192 -13.92 -33.06 -24.80
C LEU A 192 -15.39 -32.63 -24.89
N GLU A 193 -15.83 -31.70 -24.03
CA GLU A 193 -17.21 -31.24 -24.12
C GLU A 193 -17.49 -30.53 -25.44
N GLY A 194 -16.52 -29.82 -26.00
CA GLY A 194 -16.77 -29.15 -27.26
C GLY A 194 -16.86 -30.14 -28.41
N MET A 195 -15.99 -31.15 -28.40
CA MET A 195 -16.11 -32.21 -29.41
C MET A 195 -17.48 -32.88 -29.33
N ARG A 196 -17.93 -33.21 -28.12
CA ARG A 196 -19.28 -33.75 -27.95
C ARG A 196 -20.33 -32.81 -28.51
N SER A 197 -20.23 -31.52 -28.19
CA SER A 197 -21.26 -30.58 -28.64
C SER A 197 -21.25 -30.39 -30.14
N GLN A 198 -20.16 -30.78 -30.81
CA GLN A 198 -20.08 -30.79 -32.27
C GLN A 198 -20.40 -32.14 -32.88
N ASP A 199 -20.97 -33.07 -32.10
CA ASP A 199 -21.31 -34.41 -32.57
C ASP A 199 -20.06 -35.17 -33.00
N LEU A 200 -18.96 -34.98 -32.29
CA LEU A 200 -17.73 -35.72 -32.52
C LEU A 200 -17.43 -36.62 -31.32
N ASP A 201 -16.48 -37.53 -31.51
CA ASP A 201 -16.18 -38.53 -30.50
C ASP A 201 -15.15 -38.07 -29.48
N ASP A 202 -15.38 -38.40 -28.20
CA ASP A 202 -14.41 -38.12 -27.15
C ASP A 202 -13.06 -38.74 -27.44
N TYR A 203 -13.06 -39.95 -27.99
CA TYR A 203 -11.80 -40.67 -28.12
C TYR A 203 -11.04 -40.30 -29.37
N LEU A 204 -11.64 -39.53 -30.27
CA LEU A 204 -10.97 -39.10 -31.48
C LEU A 204 -9.66 -38.40 -31.17
N ASN A 205 -8.64 -38.63 -31.98
CA ASN A 205 -7.32 -38.06 -31.70
C ASN A 205 -6.73 -37.28 -32.86
N GLY A 206 -7.41 -37.17 -34.01
CA GLY A 206 -6.88 -36.54 -35.20
C GLY A 206 -6.35 -35.15 -34.91
N PRO A 207 -5.43 -34.66 -35.75
CA PRO A 207 -4.63 -33.47 -35.39
C PRO A 207 -5.48 -32.25 -35.02
N PHE A 208 -5.34 -31.80 -33.77
CA PHE A 208 -5.95 -30.56 -33.32
C PHE A 208 -5.03 -29.41 -33.67
N THR A 209 -5.63 -28.25 -33.93
CA THR A 209 -4.87 -27.04 -34.18
C THR A 209 -5.25 -25.96 -33.19
N VAL A 210 -4.23 -25.36 -32.60
CA VAL A 210 -4.33 -24.40 -31.51
C VAL A 210 -3.91 -23.03 -32.05
N VAL A 211 -4.84 -22.10 -32.13
CA VAL A 211 -4.50 -20.72 -32.46
C VAL A 211 -4.18 -19.98 -31.17
N VAL A 212 -2.90 -19.77 -30.90
CA VAL A 212 -2.43 -19.09 -29.70
C VAL A 212 -2.25 -17.61 -29.99
N LYS A 213 -2.88 -16.75 -29.20
CA LYS A 213 -2.62 -15.31 -29.24
C LYS A 213 -1.47 -14.98 -28.32
N GLU A 214 -0.46 -14.30 -28.84
CA GLU A 214 0.63 -13.82 -28.01
C GLU A 214 0.46 -12.34 -27.73
N SER A 215 0.95 -11.95 -26.54
CA SER A 215 0.76 -10.63 -25.96
C SER A 215 2.01 -10.27 -25.17
N CYS A 216 2.13 -8.96 -24.91
CA CYS A 216 3.20 -8.41 -24.07
C CYS A 216 2.84 -6.97 -23.75
N ASP A 217 2.97 -6.58 -22.49
CA ASP A 217 2.75 -5.18 -22.19
C ASP A 217 3.55 -4.80 -20.95
N GLY A 218 3.78 -3.50 -20.82
CA GLY A 218 4.23 -2.97 -19.56
C GLY A 218 3.08 -2.81 -18.59
N MET A 219 3.39 -2.93 -17.30
CA MET A 219 2.38 -2.76 -16.27
C MET A 219 2.56 -1.46 -15.52
N GLY A 220 3.16 -0.45 -16.15
CA GLY A 220 3.35 0.83 -15.52
C GLY A 220 4.09 0.65 -14.22
N ASP A 221 3.72 1.45 -13.21
CA ASP A 221 4.36 1.31 -11.92
C ASP A 221 3.77 0.12 -11.17
N VAL A 222 4.64 -0.52 -10.39
CA VAL A 222 4.28 -1.63 -9.54
C VAL A 222 4.74 -1.40 -8.11
N SER A 223 5.32 -0.23 -7.87
CA SER A 223 5.95 0.05 -6.59
C SER A 223 4.91 0.11 -5.50
N GLU A 224 5.29 -0.34 -4.31
CA GLU A 224 4.52 -0.14 -3.10
C GLU A 224 5.32 0.76 -2.17
N LYS A 225 4.70 1.82 -1.66
CA LYS A 225 5.45 2.89 -1.00
C LYS A 225 4.77 3.39 0.27
N VAL A 232 10.25 6.06 -5.70
CA VAL A 232 11.00 5.33 -6.73
C VAL A 232 10.12 4.38 -7.52
N PRO A 233 9.99 4.64 -8.82
CA PRO A 233 9.12 3.80 -9.66
C PRO A 233 9.69 2.40 -9.84
N GLU A 234 8.81 1.44 -10.09
CA GLU A 234 9.20 0.07 -10.38
C GLU A 234 8.29 -0.48 -11.46
N LYS A 235 8.81 -0.58 -12.68
CA LYS A 235 8.01 -1.02 -13.82
C LYS A 235 8.11 -2.53 -14.00
N ALA A 236 7.07 -3.08 -14.62
CA ALA A 236 7.00 -4.50 -14.90
C ALA A 236 6.58 -4.74 -16.35
N VAL A 237 7.00 -5.90 -16.86
CA VAL A 237 6.61 -6.41 -18.17
C VAL A 237 5.99 -7.77 -17.94
N ARG A 238 4.89 -8.03 -18.64
CA ARG A 238 4.24 -9.33 -18.66
C ARG A 238 4.27 -9.86 -20.08
N PHE A 239 4.72 -11.11 -20.25
CA PHE A 239 4.66 -11.82 -21.51
C PHE A 239 3.66 -12.96 -21.35
N SER A 240 2.61 -12.95 -22.18
CA SER A 240 1.46 -13.81 -22.00
C SER A 240 1.03 -14.44 -23.31
N PHE A 241 0.12 -15.41 -23.20
CA PHE A 241 -0.49 -16.08 -24.35
C PHE A 241 -1.89 -16.52 -24.01
N THR A 242 -2.74 -16.61 -25.02
CA THR A 242 -4.16 -16.86 -24.86
C THR A 242 -4.65 -17.84 -25.92
N VAL A 243 -4.91 -19.08 -25.53
CA VAL A 243 -5.53 -20.04 -26.45
C VAL A 243 -6.85 -19.48 -26.96
N MET A 244 -6.90 -19.17 -28.26
CA MET A 244 -8.05 -18.50 -28.86
C MET A 244 -9.08 -19.45 -29.42
N ARG A 245 -8.63 -20.52 -30.06
CA ARG A 245 -9.55 -21.53 -30.56
C ARG A 245 -8.75 -22.78 -30.86
N ILE A 246 -9.43 -23.91 -30.72
CA ILE A 246 -8.90 -25.22 -31.07
C ILE A 246 -9.87 -25.84 -32.04
N THR A 247 -9.34 -26.31 -33.16
CA THR A 247 -10.12 -26.97 -34.18
C THR A 247 -9.58 -28.37 -34.40
N ILE A 248 -10.38 -29.19 -35.08
CA ILE A 248 -10.00 -30.55 -35.42
C ILE A 248 -10.34 -30.81 -36.88
N GLU A 249 -9.41 -31.45 -37.60
CA GLU A 249 -9.59 -31.74 -39.01
C GLU A 249 -10.39 -33.02 -39.12
N HIS A 250 -11.66 -32.91 -39.51
CA HIS A 250 -12.56 -34.05 -39.60
C HIS A 250 -13.14 -34.10 -41.01
N GLY A 251 -12.30 -34.54 -41.95
CA GLY A 251 -12.52 -34.49 -43.39
C GLY A 251 -11.58 -33.51 -44.05
N SER A 252 -12.07 -32.81 -45.07
CA SER A 252 -11.46 -31.56 -45.51
C SER A 252 -12.06 -30.36 -44.79
N GLN A 253 -12.60 -30.59 -43.59
CA GLN A 253 -13.25 -29.58 -42.76
C GLN A 253 -12.49 -29.44 -41.44
N ASN A 254 -12.50 -28.21 -40.91
CA ASN A 254 -11.89 -27.89 -39.62
C ASN A 254 -13.01 -27.53 -38.67
N VAL A 255 -13.34 -28.45 -37.76
CA VAL A 255 -14.45 -28.27 -36.83
C VAL A 255 -13.97 -27.51 -35.60
N LYS A 256 -14.75 -26.51 -35.17
CA LYS A 256 -14.34 -25.65 -34.07
C LYS A 256 -14.81 -26.26 -32.75
N VAL A 257 -13.93 -27.03 -32.10
CA VAL A 257 -14.30 -27.63 -30.81
C VAL A 257 -14.04 -26.73 -29.61
N PHE A 258 -13.30 -25.62 -29.77
CA PHE A 258 -13.12 -24.71 -28.65
C PHE A 258 -12.92 -23.29 -29.15
N GLU A 259 -13.58 -22.33 -28.51
CA GLU A 259 -13.35 -20.92 -28.83
C GLU A 259 -13.51 -20.07 -27.58
N GLU A 260 -12.45 -19.39 -27.20
CA GLU A 260 -12.40 -18.64 -25.97
C GLU A 260 -13.54 -17.63 -25.90
N PRO A 261 -14.38 -17.69 -24.89
CA PRO A 261 -15.59 -16.85 -24.90
C PRO A 261 -15.33 -15.39 -24.59
N LYS A 262 -14.31 -15.09 -23.80
CA LYS A 262 -14.00 -13.72 -23.39
C LYS A 262 -12.51 -13.51 -23.64
N PRO A 263 -12.11 -13.34 -24.91
CA PRO A 263 -10.68 -13.44 -25.24
C PRO A 263 -9.83 -12.34 -24.65
N ASN A 264 -10.42 -11.19 -24.30
CA ASN A 264 -9.65 -10.12 -23.71
C ASN A 264 -9.65 -10.17 -22.20
N SER A 265 -10.26 -11.18 -21.60
CA SER A 265 -10.31 -11.25 -20.15
C SER A 265 -8.94 -11.52 -19.57
N GLU A 266 -8.71 -10.97 -18.39
CA GLU A 266 -7.54 -11.36 -17.64
C GLU A 266 -7.61 -12.82 -17.19
N LEU A 267 -8.77 -13.48 -17.35
CA LEU A 267 -8.94 -14.82 -16.81
C LEU A 267 -8.30 -15.90 -17.67
N CYS A 268 -8.11 -15.64 -18.96
CA CYS A 268 -7.53 -16.58 -19.92
C CYS A 268 -6.22 -16.06 -20.49
N CYS A 269 -5.63 -15.06 -19.86
CA CYS A 269 -4.37 -14.51 -20.31
C CYS A 269 -3.27 -15.16 -19.49
N LYS A 270 -2.86 -16.33 -19.93
CA LYS A 270 -1.93 -17.15 -19.16
C LYS A 270 -0.54 -16.52 -19.10
N PRO A 271 -0.06 -16.16 -17.92
CA PRO A 271 1.27 -15.53 -17.76
C PRO A 271 2.39 -16.52 -18.04
N LEU A 272 3.22 -16.16 -19.03
CA LEU A 272 4.41 -16.90 -19.45
C LEU A 272 5.69 -16.41 -18.77
N CYS A 273 5.80 -15.10 -18.61
CA CYS A 273 7.03 -14.55 -18.07
C CYS A 273 6.69 -13.22 -17.40
N LEU A 274 7.03 -13.11 -16.12
CA LEU A 274 6.92 -11.86 -15.40
C LEU A 274 8.31 -11.30 -15.14
N MET A 275 8.49 -10.01 -15.40
CA MET A 275 9.81 -9.46 -15.24
C MET A 275 9.71 -8.04 -14.70
N LEU A 276 10.60 -7.72 -13.77
CA LEU A 276 10.64 -6.37 -13.22
C LEU A 276 11.63 -5.55 -14.00
N ALA A 277 11.15 -4.91 -15.06
CA ALA A 277 12.02 -4.20 -16.00
C ALA A 277 11.16 -3.22 -16.78
N ASP A 278 11.82 -2.26 -17.43
CA ASP A 278 11.11 -1.26 -18.23
C ASP A 278 10.93 -1.76 -19.66
N GLU A 279 9.68 -1.66 -20.16
CA GLU A 279 9.41 -2.04 -21.54
C GLU A 279 10.21 -1.24 -22.54
N SER A 280 10.75 -0.10 -22.11
CA SER A 280 11.59 0.74 -22.96
C SER A 280 13.07 0.43 -22.82
N ASP A 281 13.44 -0.58 -22.03
CA ASP A 281 14.84 -0.90 -21.78
C ASP A 281 15.27 -2.04 -22.68
N HIS A 282 15.71 -1.69 -23.89
CA HIS A 282 15.76 -2.64 -24.98
C HIS A 282 16.72 -3.79 -24.69
N GLU A 283 17.78 -3.53 -23.95
CA GLU A 283 18.76 -4.57 -23.69
C GLU A 283 18.18 -5.66 -22.81
N THR A 284 17.49 -5.26 -21.73
CA THR A 284 16.86 -6.25 -20.87
C THR A 284 15.68 -6.93 -21.56
N LEU A 285 14.82 -6.13 -22.21
CA LEU A 285 13.70 -6.69 -22.94
C LEU A 285 14.17 -7.84 -23.80
N THR A 286 15.19 -7.61 -24.64
CA THR A 286 15.58 -8.65 -25.58
C THR A 286 16.28 -9.80 -24.87
N ALA A 287 17.14 -9.50 -23.88
CA ALA A 287 17.78 -10.59 -23.13
C ALA A 287 16.75 -11.55 -22.55
N ILE A 288 15.62 -11.03 -22.04
CA ILE A 288 14.70 -11.87 -21.29
C ILE A 288 13.75 -12.60 -22.23
N LEU A 289 13.29 -11.91 -23.29
CA LEU A 289 12.30 -12.53 -24.17
C LEU A 289 12.91 -13.46 -25.23
N SER A 290 14.14 -13.21 -25.69
CA SER A 290 14.65 -14.02 -26.78
C SER A 290 14.59 -15.52 -26.53
N PRO A 291 14.93 -16.06 -25.35
CA PRO A 291 14.68 -17.50 -25.15
C PRO A 291 13.26 -17.92 -25.44
N LEU A 292 12.29 -17.12 -25.01
CA LEU A 292 10.91 -17.51 -25.25
C LEU A 292 10.62 -17.55 -26.74
N ILE A 293 11.03 -16.50 -27.46
CA ILE A 293 10.85 -16.46 -28.91
C ILE A 293 11.50 -17.66 -29.58
N ALA A 294 12.67 -18.08 -29.08
CA ALA A 294 13.34 -19.26 -29.61
C ALA A 294 12.49 -20.52 -29.43
N GLU A 295 11.92 -20.71 -28.23
CA GLU A 295 11.07 -21.89 -28.04
C GLU A 295 9.81 -21.82 -28.91
N ARG A 296 9.29 -20.61 -29.14
CA ARG A 296 8.08 -20.46 -29.96
C ARG A 296 8.38 -20.79 -31.42
N GLU A 297 9.49 -20.25 -31.94
CA GLU A 297 9.99 -20.66 -33.24
C GLU A 297 10.10 -22.18 -33.32
N ALA A 298 10.86 -22.80 -32.41
CA ALA A 298 11.07 -24.25 -32.45
C ALA A 298 9.76 -24.99 -32.57
N MET A 299 8.77 -24.57 -31.79
CA MET A 299 7.46 -25.19 -31.84
C MET A 299 6.76 -24.99 -33.18
N LYS A 300 7.08 -23.94 -33.93
CA LYS A 300 6.42 -23.78 -35.23
C LYS A 300 6.72 -24.93 -36.18
N SER A 301 7.69 -25.79 -35.88
CA SER A 301 8.12 -26.83 -36.81
C SER A 301 8.06 -28.20 -36.17
N SER A 302 6.97 -28.52 -35.48
CA SER A 302 6.87 -29.81 -34.81
C SER A 302 5.43 -30.03 -34.35
N GLU A 303 5.13 -31.27 -33.99
CA GLU A 303 3.79 -31.64 -33.52
C GLU A 303 3.87 -32.19 -32.10
N LEU A 304 2.90 -31.82 -31.28
CA LEU A 304 2.92 -32.17 -29.86
C LEU A 304 2.01 -33.38 -29.65
N THR A 305 2.56 -34.41 -29.00
CA THR A 305 1.77 -35.55 -28.60
C THR A 305 1.69 -35.54 -27.09
N LEU A 306 0.48 -35.78 -26.57
CA LEU A 306 0.14 -35.54 -25.18
C LEU A 306 -1.10 -36.33 -24.84
N GLU A 307 -1.07 -37.04 -23.73
CA GLU A 307 -2.14 -37.97 -23.41
C GLU A 307 -3.27 -37.23 -22.72
N MET A 308 -4.48 -37.33 -23.28
CA MET A 308 -5.67 -36.73 -22.70
C MET A 308 -6.77 -37.79 -22.64
N GLY A 309 -7.40 -37.90 -21.48
CA GLY A 309 -8.40 -38.93 -21.25
C GLY A 309 -7.95 -40.32 -21.63
N GLY A 310 -6.65 -40.62 -21.53
CA GLY A 310 -6.14 -41.91 -21.88
C GLY A 310 -5.74 -42.06 -23.34
N ILE A 311 -6.23 -41.20 -24.23
CA ILE A 311 -5.90 -41.26 -25.65
C ILE A 311 -4.78 -40.27 -25.94
N PRO A 312 -3.70 -40.68 -26.60
CA PRO A 312 -2.72 -39.70 -27.07
C PRO A 312 -3.32 -38.84 -28.15
N ARG A 313 -3.04 -37.55 -28.09
CA ARG A 313 -3.52 -36.63 -29.09
C ARG A 313 -2.33 -35.84 -29.61
N THR A 314 -2.50 -35.30 -30.81
CA THR A 314 -1.49 -34.49 -31.46
C THR A 314 -2.05 -33.11 -31.71
N PHE A 315 -1.20 -32.11 -31.48
CA PHE A 315 -1.58 -30.70 -31.55
C PHE A 315 -0.56 -29.98 -32.40
N LYS A 316 -1.05 -29.19 -33.33
CA LYS A 316 -0.27 -28.25 -34.12
C LYS A 316 -0.63 -26.83 -33.68
N PHE A 317 0.38 -25.99 -33.49
CA PHE A 317 0.16 -24.64 -33.00
C PHE A 317 0.30 -23.60 -34.11
N ILE A 318 -0.36 -22.46 -33.93
CA ILE A 318 -0.28 -21.28 -34.79
C ILE A 318 -0.14 -20.08 -33.87
N PHE A 319 1.05 -19.49 -33.78
CA PHE A 319 1.27 -18.35 -32.90
C PHE A 319 1.00 -17.02 -33.62
N ARG A 320 0.11 -16.20 -33.09
CA ARG A 320 -0.16 -14.88 -33.65
C ARG A 320 0.07 -13.78 -32.62
N GLY A 321 1.09 -12.98 -32.83
CA GLY A 321 1.43 -11.92 -31.90
C GLY A 321 0.52 -10.73 -32.05
N THR A 322 -0.69 -10.82 -31.53
CA THR A 322 -1.57 -9.67 -31.67
C THR A 322 -1.63 -8.84 -30.40
N GLY A 323 -1.11 -9.36 -29.30
CA GLY A 323 -1.19 -8.67 -28.05
C GLY A 323 -0.08 -7.68 -27.84
N TYR A 324 0.06 -6.72 -28.76
CA TYR A 324 1.10 -5.71 -28.63
C TYR A 324 0.51 -4.35 -28.95
N ASP A 325 0.51 -3.42 -27.98
CA ASP A 325 0.06 -2.08 -28.36
C ASP A 325 1.10 -1.45 -29.29
N GLU A 326 0.77 -0.28 -29.84
CA GLU A 326 1.62 0.24 -30.91
C GLU A 326 3.02 0.47 -30.41
N LYS A 327 3.18 1.07 -29.24
CA LYS A 327 4.51 1.33 -28.73
C LYS A 327 5.34 0.05 -28.69
N LEU A 328 4.76 -1.04 -28.22
CA LEU A 328 5.58 -2.25 -28.12
C LEU A 328 5.80 -2.85 -29.49
N VAL A 329 4.79 -2.80 -30.37
CA VAL A 329 4.97 -3.20 -31.77
C VAL A 329 6.20 -2.50 -32.35
N ARG A 330 6.21 -1.16 -32.30
CA ARG A 330 7.31 -0.40 -32.87
C ARG A 330 8.64 -0.81 -32.27
N GLU A 331 8.70 -1.00 -30.95
CA GLU A 331 9.99 -1.31 -30.36
C GLU A 331 10.52 -2.65 -30.83
N VAL A 332 9.67 -3.68 -30.83
CA VAL A 332 10.19 -5.02 -31.13
C VAL A 332 10.33 -5.30 -32.63
N GLU A 333 9.71 -4.50 -33.49
CA GLU A 333 9.78 -4.69 -34.93
C GLU A 333 10.71 -3.70 -35.61
N GLY A 334 11.56 -3.04 -34.84
CA GLY A 334 12.57 -2.14 -35.36
C GLY A 334 12.10 -0.81 -35.89
N LEU A 335 10.82 -0.46 -35.71
CA LEU A 335 10.40 0.81 -36.26
C LEU A 335 10.72 1.96 -35.32
N GLU A 336 10.59 3.18 -35.86
CA GLU A 336 10.82 4.42 -35.13
C GLU A 336 9.70 4.65 -34.13
N ALA A 337 9.94 5.60 -33.23
CA ALA A 337 8.97 6.01 -32.21
C ALA A 337 7.72 6.66 -32.84
N SER A 338 6.63 6.65 -32.05
CA SER A 338 5.32 6.99 -32.60
C SER A 338 5.25 8.40 -33.20
N GLY A 339 6.09 9.33 -32.77
CA GLY A 339 6.00 10.66 -33.38
C GLY A 339 6.52 10.73 -34.81
N SER A 340 6.95 9.61 -35.39
CA SER A 340 7.61 9.63 -36.68
C SER A 340 6.66 10.12 -37.77
N VAL A 341 7.21 10.34 -38.95
CA VAL A 341 6.39 10.59 -40.13
C VAL A 341 5.77 9.29 -40.64
N TYR A 342 6.47 8.17 -40.47
CA TYR A 342 5.99 6.84 -40.84
C TYR A 342 4.99 6.34 -39.79
N ILE A 343 3.73 6.73 -39.97
CA ILE A 343 2.73 6.53 -38.93
C ILE A 343 2.13 5.13 -38.90
N CYS A 344 2.20 4.38 -39.99
CA CYS A 344 1.56 3.07 -40.06
C CYS A 344 2.57 1.96 -39.81
N THR A 345 2.19 0.97 -39.00
CA THR A 345 2.99 -0.22 -38.78
C THR A 345 2.64 -1.34 -39.75
N LEU A 346 1.67 -1.09 -40.62
CA LEU A 346 1.26 -2.02 -41.66
C LEU A 346 1.77 -1.61 -43.04
N CYS A 347 2.04 -0.33 -43.24
CA CYS A 347 2.40 0.14 -44.55
C CYS A 347 3.46 1.23 -44.43
N ASP A 348 3.96 1.69 -45.57
CA ASP A 348 5.07 2.62 -45.56
C ASP A 348 4.63 4.06 -45.68
N THR A 349 3.36 4.34 -45.42
CA THR A 349 2.91 5.71 -45.65
C THR A 349 3.52 6.67 -44.63
N THR A 350 3.69 7.90 -45.06
CA THR A 350 4.02 9.00 -44.17
C THR A 350 2.73 9.71 -43.77
N ARG A 351 2.82 10.52 -42.72
CA ARG A 351 1.65 11.25 -42.26
C ARG A 351 1.07 12.10 -43.38
N LEU A 352 1.94 12.77 -44.15
CA LEU A 352 1.45 13.62 -45.23
C LEU A 352 0.78 12.80 -46.31
N GLU A 353 1.46 11.75 -46.78
CA GLU A 353 0.85 10.82 -47.73
C GLU A 353 -0.48 10.30 -47.20
N ALA A 354 -0.52 9.88 -45.93
CA ALA A 354 -1.76 9.32 -45.39
C ALA A 354 -2.87 10.34 -45.38
N SER A 355 -2.55 11.60 -45.13
CA SER A 355 -3.56 12.66 -45.12
C SER A 355 -4.09 12.96 -46.51
N GLN A 356 -3.19 12.94 -47.50
CA GLN A 356 -3.54 13.27 -48.88
C GLN A 356 -4.33 12.14 -49.56
N ASN A 357 -3.82 10.92 -49.44
CA ASN A 357 -4.39 9.70 -49.98
C ASN A 357 -5.05 8.95 -48.85
N LEU A 358 -6.36 9.07 -48.75
CA LEU A 358 -7.09 8.67 -47.55
C LEU A 358 -7.33 7.17 -47.42
N VAL A 359 -7.61 6.48 -48.52
CA VAL A 359 -8.17 5.14 -48.44
C VAL A 359 -7.29 4.07 -49.11
N PHE A 360 -6.50 4.44 -50.10
CA PHE A 360 -5.83 3.44 -50.93
C PHE A 360 -4.42 3.18 -50.41
N HIS A 361 -4.35 2.31 -49.41
CA HIS A 361 -3.13 1.75 -48.87
C HIS A 361 -3.37 0.27 -48.62
N SER A 362 -2.28 -0.50 -48.50
CA SER A 362 -2.34 -1.94 -48.34
C SER A 362 -1.29 -2.40 -47.34
N ILE A 363 -1.48 -3.60 -46.79
CA ILE A 363 -0.67 -4.08 -45.68
C ILE A 363 0.63 -4.64 -46.26
N THR A 364 1.69 -3.83 -46.29
CA THR A 364 2.91 -4.22 -46.97
C THR A 364 4.08 -4.55 -46.06
N ARG A 365 4.10 -4.03 -44.83
CA ARG A 365 5.20 -4.39 -43.96
C ARG A 365 5.07 -5.86 -43.53
N SER A 366 6.15 -6.37 -42.98
CA SER A 366 6.24 -7.76 -42.57
C SER A 366 7.54 -7.90 -41.82
N HIS A 367 7.61 -8.95 -40.99
CA HIS A 367 8.83 -9.14 -40.23
C HIS A 367 10.02 -9.37 -41.15
N ALA A 368 9.83 -10.07 -42.28
CA ALA A 368 10.94 -10.29 -43.20
C ALA A 368 11.37 -9.00 -43.87
N GLU A 369 10.41 -8.25 -44.44
CA GLU A 369 10.74 -6.93 -44.98
C GLU A 369 11.48 -6.11 -43.95
N ASN A 370 11.07 -6.18 -42.68
CA ASN A 370 11.68 -5.29 -41.69
C ASN A 370 13.11 -5.71 -41.38
N LEU A 371 13.33 -7.01 -41.12
CA LEU A 371 14.70 -7.52 -41.03
C LEU A 371 15.55 -7.08 -42.24
N GLN A 372 14.97 -7.14 -43.44
CA GLN A 372 15.71 -6.72 -44.64
C GLN A 372 16.08 -5.25 -44.57
N ARG A 373 15.09 -4.38 -44.33
CA ARG A 373 15.37 -2.96 -44.27
C ARG A 373 16.36 -2.64 -43.18
N TYR A 374 16.41 -3.41 -42.08
CA TYR A 374 17.47 -3.13 -41.12
C TYR A 374 18.82 -3.47 -41.72
N GLU A 375 18.91 -4.54 -42.51
CA GLU A 375 20.21 -4.82 -43.11
C GLU A 375 20.63 -3.73 -44.08
N VAL A 376 19.68 -3.27 -44.89
CA VAL A 376 19.89 -2.12 -45.79
C VAL A 376 20.36 -0.89 -45.02
N TRP A 377 19.64 -0.52 -43.96
CA TRP A 377 20.07 0.60 -43.14
C TRP A 377 21.49 0.38 -42.65
N ARG A 378 21.83 -0.85 -42.32
CA ARG A 378 23.08 -1.08 -41.63
C ARG A 378 24.24 -1.03 -42.60
N SER A 379 24.07 -1.61 -43.77
CA SER A 379 25.15 -1.77 -44.74
C SER A 379 25.24 -0.63 -45.75
N ASN A 380 24.22 0.22 -45.80
CA ASN A 380 24.07 1.37 -46.70
C ASN A 380 24.63 1.08 -48.08
N PRO A 381 23.99 0.19 -48.84
CA PRO A 381 24.66 -0.39 -50.00
C PRO A 381 24.72 0.52 -51.21
N TYR A 382 23.87 1.53 -51.31
CA TYR A 382 23.92 2.50 -52.39
C TYR A 382 24.51 3.83 -51.94
N HIS A 383 25.34 3.77 -50.90
CA HIS A 383 26.07 4.89 -50.33
C HIS A 383 25.22 6.17 -50.33
N GLU A 384 24.19 6.21 -49.48
CA GLU A 384 23.25 7.33 -49.42
C GLU A 384 23.46 8.19 -48.18
N SER A 385 22.96 9.41 -48.26
CA SER A 385 22.89 10.29 -47.08
C SER A 385 21.84 9.77 -46.10
N VAL A 386 21.92 10.25 -44.86
CA VAL A 386 21.01 9.73 -43.85
C VAL A 386 19.56 9.96 -44.26
N GLU A 387 19.22 11.12 -44.82
CA GLU A 387 17.84 11.35 -45.21
C GLU A 387 17.42 10.41 -46.34
N GLU A 388 18.30 10.20 -47.30
CA GLU A 388 17.98 9.29 -48.40
C GLU A 388 17.92 7.86 -47.90
N LEU A 389 18.85 7.46 -47.03
CA LEU A 389 18.82 6.08 -46.54
C LEU A 389 17.57 5.85 -45.72
N ARG A 390 17.23 6.78 -44.82
CA ARG A 390 15.99 6.72 -44.06
C ARG A 390 14.80 6.56 -44.97
N ASP A 391 14.69 7.42 -45.99
CA ASP A 391 13.63 7.27 -46.98
C ASP A 391 13.62 5.87 -47.61
N ARG A 392 14.79 5.33 -47.92
CA ARG A 392 14.83 4.02 -48.59
C ARG A 392 14.25 2.94 -47.70
N VAL A 393 14.64 2.92 -46.42
CA VAL A 393 14.25 1.82 -45.56
C VAL A 393 12.94 2.09 -44.83
N LYS A 394 12.28 3.22 -45.10
CA LYS A 394 10.97 3.52 -44.54
C LYS A 394 10.97 3.48 -43.01
N GLY A 395 12.04 3.95 -42.39
CA GLY A 395 11.99 4.11 -40.96
C GLY A 395 12.31 2.85 -40.17
N VAL A 396 12.70 1.77 -40.83
CA VAL A 396 13.15 0.59 -40.12
C VAL A 396 14.64 0.80 -39.88
N SER A 397 14.96 1.46 -38.77
CA SER A 397 16.35 1.83 -38.46
C SER A 397 17.00 0.94 -37.41
N ALA A 398 16.31 -0.10 -36.93
CA ALA A 398 16.82 -0.99 -35.88
C ALA A 398 16.35 -2.40 -36.16
N LYS A 399 17.12 -3.37 -35.69
CA LYS A 399 16.88 -4.74 -36.10
C LYS A 399 15.66 -5.31 -35.39
N PRO A 400 14.59 -5.67 -36.10
CA PRO A 400 13.44 -6.29 -35.42
C PRO A 400 13.88 -7.51 -34.64
N PHE A 401 13.10 -7.86 -33.60
CA PHE A 401 13.41 -9.11 -32.93
C PHE A 401 12.20 -9.91 -32.51
N ILE A 402 10.99 -9.49 -32.84
CA ILE A 402 9.80 -10.30 -32.61
C ILE A 402 8.85 -10.10 -33.78
N GLU A 403 8.38 -11.20 -34.36
CA GLU A 403 7.34 -11.12 -35.37
C GLU A 403 5.99 -10.83 -34.73
N THR A 404 5.40 -9.68 -35.05
CA THR A 404 4.09 -9.35 -34.52
C THR A 404 3.04 -9.27 -35.62
N VAL A 405 1.80 -9.05 -35.20
CA VAL A 405 0.63 -8.95 -36.10
C VAL A 405 -0.16 -7.71 -35.68
N PRO A 406 0.31 -6.50 -35.95
CA PRO A 406 -0.38 -5.33 -35.41
C PRO A 406 -1.76 -5.17 -36.02
N SER A 407 -2.68 -4.66 -35.21
CA SER A 407 -4.08 -4.62 -35.58
C SER A 407 -4.66 -3.30 -35.14
N ILE A 408 -5.97 -3.27 -34.95
CA ILE A 408 -6.62 -2.12 -34.35
C ILE A 408 -7.76 -2.66 -33.49
N ASP A 409 -8.16 -1.89 -32.49
CA ASP A 409 -9.31 -2.26 -31.67
C ASP A 409 -10.52 -1.43 -32.05
N ALA A 410 -11.72 -2.02 -31.89
CA ALA A 410 -12.95 -1.35 -32.28
C ALA A 410 -13.04 0.06 -31.70
N LEU A 411 -12.42 0.27 -30.54
CA LEU A 411 -12.49 1.54 -29.85
C LEU A 411 -11.90 2.68 -30.67
N HIS A 412 -10.68 2.50 -31.20
CA HIS A 412 -9.96 3.59 -31.86
C HIS A 412 -10.56 3.96 -33.20
N CYS A 413 -11.21 3.02 -33.88
CA CYS A 413 -11.97 3.38 -35.06
C CYS A 413 -13.00 4.45 -34.74
N ASP A 414 -13.86 4.15 -33.76
CA ASP A 414 -14.88 5.07 -33.27
C ASP A 414 -14.24 6.39 -32.82
N ILE A 415 -13.13 6.31 -32.08
CA ILE A 415 -12.52 7.50 -31.51
C ILE A 415 -12.06 8.43 -32.63
N GLY A 416 -11.34 7.88 -33.61
CA GLY A 416 -10.86 8.70 -34.72
C GLY A 416 -12.01 9.34 -35.48
N ASN A 417 -13.03 8.56 -35.79
CA ASN A 417 -14.17 9.12 -36.51
C ASN A 417 -14.82 10.25 -35.73
N ALA A 418 -15.02 10.05 -34.43
CA ALA A 418 -15.70 11.07 -33.63
C ALA A 418 -14.85 12.32 -33.48
N ALA A 419 -13.54 12.18 -33.29
CA ALA A 419 -12.70 13.37 -33.23
C ALA A 419 -12.88 14.19 -34.50
N GLU A 420 -12.90 13.51 -35.64
CA GLU A 420 -13.11 14.25 -36.88
C GLU A 420 -14.49 14.89 -36.94
N PHE A 421 -15.54 14.16 -36.57
CA PHE A 421 -16.89 14.72 -36.65
C PHE A 421 -17.09 15.90 -35.70
N TYR A 422 -16.47 15.84 -34.53
CA TYR A 422 -16.51 16.93 -33.57
C TYR A 422 -15.87 18.18 -34.15
N LYS A 423 -14.67 18.03 -34.71
CA LYS A 423 -14.05 19.19 -35.32
C LYS A 423 -14.91 19.72 -36.46
N ILE A 424 -15.51 18.82 -37.26
CA ILE A 424 -16.38 19.24 -38.36
C ILE A 424 -17.58 20.00 -37.84
N PHE A 425 -18.17 19.53 -36.75
CA PHE A 425 -19.31 20.21 -36.14
C PHE A 425 -18.93 21.64 -35.76
N GLN A 426 -17.80 21.80 -35.07
CA GLN A 426 -17.38 23.14 -34.67
C GLN A 426 -17.18 24.04 -35.88
N LEU A 427 -16.56 23.50 -36.93
CA LEU A 427 -16.28 24.35 -38.08
C LEU A 427 -17.54 24.66 -38.89
N GLU A 428 -18.49 23.73 -38.94
CA GLU A 428 -19.74 23.96 -39.65
C GLU A 428 -20.61 24.97 -38.93
N ILE A 429 -20.49 25.04 -37.60
CA ILE A 429 -21.21 26.09 -36.87
C ILE A 429 -20.62 27.46 -37.20
N GLY A 430 -19.34 27.51 -37.50
CA GLY A 430 -18.68 28.75 -37.85
C GLY A 430 -18.61 29.05 -39.33
N GLU A 431 -19.35 28.31 -40.16
CA GLU A 431 -19.43 28.56 -41.61
C GLU A 431 -18.05 28.80 -42.23
N VAL A 432 -17.07 27.95 -41.86
CA VAL A 432 -15.73 28.09 -42.42
C VAL A 432 -15.72 27.72 -43.90
N TYR A 433 -16.69 26.91 -44.36
CA TYR A 433 -16.86 26.68 -45.79
C TYR A 433 -17.08 27.99 -46.53
N LYS A 434 -17.56 29.02 -45.85
CA LYS A 434 -17.76 30.34 -46.42
C LYS A 434 -16.74 31.37 -45.94
N HIS A 435 -16.29 31.28 -44.69
CA HIS A 435 -15.30 32.22 -44.14
C HIS A 435 -14.00 31.51 -43.86
N PRO A 436 -12.93 31.81 -44.60
CA PRO A 436 -11.65 31.12 -44.34
C PRO A 436 -11.05 31.42 -42.98
N ASN A 437 -11.01 32.68 -42.57
CA ASN A 437 -10.30 33.06 -41.35
C ASN A 437 -11.27 33.15 -40.18
N ALA A 438 -10.70 32.96 -38.99
CA ALA A 438 -11.44 33.11 -37.75
C ALA A 438 -10.45 33.26 -36.62
N SER A 439 -10.72 34.19 -35.72
CA SER A 439 -9.88 34.39 -34.56
C SER A 439 -10.03 33.22 -33.59
N LYS A 440 -9.20 33.22 -32.56
CA LYS A 440 -9.37 32.24 -31.49
C LYS A 440 -10.73 32.40 -30.81
N GLU A 441 -11.17 33.65 -30.59
CA GLU A 441 -12.42 33.91 -29.88
C GLU A 441 -13.61 33.36 -30.65
N GLU A 442 -13.61 33.51 -31.97
CA GLU A 442 -14.72 33.02 -32.79
C GLU A 442 -14.83 31.50 -32.70
N ARG A 443 -13.69 30.80 -32.81
CA ARG A 443 -13.71 29.34 -32.73
C ARG A 443 -14.09 28.87 -31.34
N LYS A 444 -13.61 29.56 -30.30
CA LYS A 444 -14.00 29.23 -28.93
C LYS A 444 -15.50 29.36 -28.74
N ARG A 445 -16.08 30.43 -29.29
CA ARG A 445 -17.53 30.60 -29.19
C ARG A 445 -18.27 29.57 -30.00
N TRP A 446 -17.74 29.16 -31.15
CA TRP A 446 -18.31 28.04 -31.89
C TRP A 446 -18.37 26.79 -31.02
N GLN A 447 -17.24 26.45 -30.39
CA GLN A 447 -17.19 25.25 -29.56
C GLN A 447 -18.13 25.36 -28.37
N ALA A 448 -18.19 26.55 -27.76
CA ALA A 448 -19.13 26.74 -26.67
C ALA A 448 -20.57 26.54 -27.13
N THR A 449 -20.89 27.05 -28.31
CA THR A 449 -22.22 26.86 -28.88
C THR A 449 -22.54 25.38 -29.03
N LEU A 450 -21.61 24.64 -29.63
CA LEU A 450 -21.84 23.22 -29.86
C LEU A 450 -21.99 22.46 -28.55
N ASP A 451 -21.12 22.74 -27.58
CA ASP A 451 -21.15 22.02 -26.31
C ASP A 451 -22.45 22.31 -25.56
N LYS A 452 -22.83 23.59 -25.49
CA LYS A 452 -24.11 23.95 -24.88
C LYS A 452 -25.26 23.23 -25.58
N HIS A 453 -25.26 23.20 -26.91
CA HIS A 453 -26.39 22.65 -27.65
C HIS A 453 -26.48 21.13 -27.46
N LEU A 454 -25.33 20.46 -27.36
CA LEU A 454 -25.35 19.02 -27.08
C LEU A 454 -25.81 18.74 -25.66
N ARG A 455 -25.36 19.56 -24.70
CA ARG A 455 -25.81 19.40 -23.32
C ARG A 455 -27.31 19.60 -23.19
N LYS A 456 -27.87 20.51 -23.99
CA LYS A 456 -29.29 20.81 -23.95
C LYS A 456 -30.13 19.75 -24.65
N ARG A 457 -29.90 19.53 -25.95
CA ARG A 457 -30.79 18.64 -26.70
C ARG A 457 -30.38 17.17 -26.64
N MET A 458 -29.10 16.87 -26.45
CA MET A 458 -28.62 15.50 -26.43
C MET A 458 -28.16 15.06 -25.06
N ASN A 459 -28.18 15.93 -24.06
CA ASN A 459 -27.75 15.57 -22.72
C ASN A 459 -26.28 15.09 -22.73
N LEU A 460 -25.46 15.58 -23.68
CA LEU A 460 -24.02 15.26 -23.76
C LEU A 460 -23.22 16.21 -22.88
N LYS A 461 -22.62 15.70 -21.82
CA LYS A 461 -21.67 16.49 -21.07
C LYS A 461 -20.53 16.91 -22.00
N PRO A 462 -19.98 18.10 -21.83
CA PRO A 462 -18.75 18.44 -22.55
C PRO A 462 -17.57 17.72 -21.93
N ILE A 463 -16.54 17.51 -22.73
CA ILE A 463 -15.36 16.80 -22.28
C ILE A 463 -14.13 17.51 -22.79
N MET A 464 -13.10 17.56 -21.96
CA MET A 464 -11.87 18.28 -22.28
C MET A 464 -10.82 17.38 -22.94
N ARG A 465 -11.03 16.05 -22.92
CA ARG A 465 -10.11 15.13 -23.58
C ARG A 465 -10.91 14.02 -24.25
N MET A 466 -10.37 13.51 -25.35
CA MET A 466 -11.09 12.49 -26.11
C MET A 466 -11.25 11.22 -25.29
N ASN A 467 -12.28 10.44 -25.63
CA ASN A 467 -12.60 9.26 -24.86
C ASN A 467 -13.63 8.46 -25.64
N GLY A 468 -13.86 7.22 -25.19
CA GLY A 468 -14.63 6.29 -26.00
C GLY A 468 -16.12 6.59 -26.02
N ASN A 469 -16.75 6.71 -24.85
CA ASN A 469 -18.20 6.75 -24.86
C ASN A 469 -18.75 8.10 -25.32
N PHE A 470 -17.96 9.18 -25.18
CA PHE A 470 -18.30 10.41 -25.88
C PHE A 470 -18.45 10.13 -27.38
N ALA A 471 -17.47 9.44 -27.95
CA ALA A 471 -17.54 9.06 -29.35
C ALA A 471 -18.78 8.21 -29.62
N ARG A 472 -19.03 7.23 -28.76
CA ARG A 472 -20.17 6.34 -28.98
C ARG A 472 -21.48 7.13 -29.02
N LYS A 473 -21.66 8.03 -28.06
CA LYS A 473 -22.90 8.81 -27.94
C LYS A 473 -22.99 9.94 -28.98
N LEU A 474 -21.85 10.45 -29.45
CA LEU A 474 -21.86 11.53 -30.42
C LEU A 474 -22.10 11.02 -31.84
N MET A 475 -21.68 9.80 -32.16
CA MET A 475 -21.83 9.27 -33.51
C MET A 475 -23.22 8.65 -33.68
N THR A 476 -24.22 9.55 -33.68
CA THR A 476 -25.62 9.20 -33.94
C THR A 476 -26.22 10.23 -34.89
N GLN A 477 -27.18 9.76 -35.71
CA GLN A 477 -27.88 10.67 -36.60
C GLN A 477 -28.66 11.73 -35.83
N GLU A 478 -29.09 11.39 -34.61
CA GLU A 478 -29.76 12.36 -33.76
C GLU A 478 -28.88 13.56 -33.47
N THR A 479 -27.61 13.33 -33.14
CA THR A 479 -26.69 14.44 -32.91
C THR A 479 -26.53 15.28 -34.16
N VAL A 480 -26.67 14.68 -35.34
CA VAL A 480 -26.51 15.43 -36.57
C VAL A 480 -27.71 16.34 -36.79
N ASP A 481 -28.92 15.85 -36.51
CA ASP A 481 -30.08 16.75 -36.50
C ASP A 481 -29.88 17.90 -35.52
N ALA A 482 -29.39 17.57 -34.32
CA ALA A 482 -29.10 18.59 -33.31
C ALA A 482 -28.17 19.66 -33.84
N VAL A 483 -27.02 19.25 -34.39
CA VAL A 483 -26.05 20.22 -34.88
C VAL A 483 -26.57 20.95 -36.11
N CYS A 484 -27.42 20.27 -36.91
CA CYS A 484 -28.08 20.90 -38.06
C CYS A 484 -28.98 22.04 -37.63
N GLU A 485 -29.54 21.95 -36.43
CA GLU A 485 -30.26 23.09 -35.88
C GLU A 485 -29.37 24.31 -35.72
N LEU A 486 -28.05 24.17 -35.80
CA LEU A 486 -27.14 25.30 -35.69
C LEU A 486 -26.46 25.67 -37.01
N ILE A 487 -26.82 25.03 -38.11
CA ILE A 487 -26.24 25.32 -39.42
C ILE A 487 -27.33 25.92 -40.28
N PRO A 488 -27.10 27.05 -40.95
CA PRO A 488 -28.18 27.64 -41.76
C PRO A 488 -28.38 26.94 -43.10
N SER A 489 -27.30 26.69 -43.85
CA SER A 489 -27.44 26.14 -45.21
C SER A 489 -27.78 24.67 -45.17
N GLU A 490 -28.82 24.27 -45.91
CA GLU A 490 -29.28 22.88 -45.86
C GLU A 490 -28.54 21.96 -46.81
N GLU A 491 -27.85 22.49 -47.81
CA GLU A 491 -26.92 21.66 -48.56
C GLU A 491 -25.88 21.06 -47.63
N ARG A 492 -25.40 21.85 -46.66
CA ARG A 492 -24.49 21.33 -45.66
C ARG A 492 -25.17 20.38 -44.68
N HIS A 493 -26.48 20.56 -44.45
CA HIS A 493 -27.24 19.54 -43.73
C HIS A 493 -27.18 18.20 -44.45
N GLU A 494 -27.44 18.23 -45.77
CA GLU A 494 -27.40 17.02 -46.57
C GLU A 494 -26.02 16.38 -46.52
N ALA A 495 -24.98 17.20 -46.61
CA ALA A 495 -23.61 16.68 -46.55
C ALA A 495 -23.32 16.00 -45.23
N LEU A 496 -23.63 16.66 -44.11
CA LEU A 496 -23.38 16.05 -42.81
C LEU A 496 -24.17 14.76 -42.66
N ARG A 497 -25.44 14.76 -43.05
CA ARG A 497 -26.26 13.57 -42.89
C ARG A 497 -25.71 12.41 -43.70
N GLU A 498 -25.13 12.68 -44.88
CA GLU A 498 -24.57 11.59 -45.67
C GLU A 498 -23.23 11.12 -45.10
N LEU A 499 -22.40 12.04 -44.60
CA LEU A 499 -21.14 11.64 -43.98
C LEU A 499 -21.40 10.76 -42.77
N MET A 500 -22.39 11.12 -41.95
CA MET A 500 -22.75 10.28 -40.82
C MET A 500 -23.39 8.96 -41.29
N ASP A 501 -24.15 9.00 -42.38
CA ASP A 501 -24.72 7.77 -42.90
C ASP A 501 -23.62 6.79 -43.27
N LEU A 502 -22.58 7.29 -43.94
CA LEU A 502 -21.44 6.45 -44.30
C LEU A 502 -20.74 5.92 -43.04
N TYR A 503 -20.52 6.79 -42.05
CA TYR A 503 -20.01 6.31 -40.77
C TYR A 503 -20.83 5.13 -40.27
N LEU A 504 -22.15 5.30 -40.24
CA LEU A 504 -22.98 4.24 -39.67
C LEU A 504 -22.95 2.99 -40.56
N LYS A 505 -22.72 3.14 -41.86
CA LYS A 505 -22.61 1.97 -42.71
C LYS A 505 -21.29 1.26 -42.49
N MET A 506 -20.27 1.96 -42.01
CA MET A 506 -18.98 1.30 -41.78
C MET A 506 -18.87 0.70 -40.38
N LYS A 507 -19.42 1.37 -39.37
CA LYS A 507 -19.22 0.95 -37.98
C LYS A 507 -19.42 -0.54 -37.71
N PRO A 508 -20.51 -1.20 -38.19
CA PRO A 508 -20.72 -2.60 -37.82
C PRO A 508 -19.53 -3.48 -38.04
N VAL A 509 -18.84 -3.25 -39.17
CA VAL A 509 -17.72 -4.09 -39.56
C VAL A 509 -16.66 -4.11 -38.47
N TRP A 510 -16.33 -2.95 -37.92
CA TRP A 510 -15.27 -2.96 -36.94
C TRP A 510 -15.77 -3.21 -35.52
N ARG A 511 -17.07 -3.09 -35.28
CA ARG A 511 -17.59 -3.36 -33.94
C ARG A 511 -17.90 -4.83 -33.70
N SER A 512 -18.46 -5.51 -34.72
CA SER A 512 -18.99 -6.85 -34.55
C SER A 512 -17.90 -7.86 -34.18
N SER A 513 -18.34 -9.01 -33.65
CA SER A 513 -17.46 -10.08 -33.22
C SER A 513 -17.07 -11.01 -34.35
N CYS A 514 -17.98 -11.28 -35.28
CA CYS A 514 -17.66 -12.03 -36.49
C CYS A 514 -18.40 -11.36 -37.64
N PRO A 515 -17.76 -10.39 -38.30
CA PRO A 515 -18.49 -9.60 -39.31
C PRO A 515 -18.84 -10.41 -40.54
N ALA A 516 -18.09 -11.47 -40.81
CA ALA A 516 -18.40 -12.32 -41.96
C ALA A 516 -19.78 -12.93 -41.83
N LYS A 517 -20.21 -13.21 -40.60
CA LYS A 517 -21.50 -13.82 -40.32
C LYS A 517 -22.58 -12.82 -39.94
N GLU A 518 -22.26 -11.83 -39.10
CA GLU A 518 -23.29 -10.96 -38.54
C GLU A 518 -23.74 -9.88 -39.52
N CYS A 519 -22.83 -9.31 -40.30
CA CYS A 519 -23.14 -8.19 -41.20
C CYS A 519 -22.40 -8.37 -42.52
N PRO A 520 -22.71 -9.43 -43.27
CA PRO A 520 -21.95 -9.70 -44.50
C PRO A 520 -22.03 -8.57 -45.53
N GLU A 521 -23.17 -7.87 -45.61
CA GLU A 521 -23.26 -6.77 -46.56
C GLU A 521 -22.41 -5.60 -46.13
N SER A 522 -22.40 -5.29 -44.83
CA SER A 522 -21.54 -4.23 -44.31
C SER A 522 -20.08 -4.50 -44.68
N LEU A 523 -19.61 -5.70 -44.38
CA LEU A 523 -18.23 -6.06 -44.71
C LEU A 523 -18.00 -5.99 -46.21
N CYS A 524 -18.98 -6.40 -47.01
CA CYS A 524 -18.76 -6.41 -48.46
C CYS A 524 -18.70 -5.00 -49.03
N GLN A 525 -19.42 -4.06 -48.44
CA GLN A 525 -19.46 -2.69 -48.95
C GLN A 525 -18.56 -1.75 -48.19
N TYR A 526 -17.82 -2.23 -47.19
CA TYR A 526 -16.97 -1.35 -46.39
C TYR A 526 -16.05 -0.52 -47.26
N SER A 527 -15.40 -1.17 -48.24
CA SER A 527 -14.37 -0.49 -49.02
C SER A 527 -14.97 0.59 -49.92
N PHE A 528 -16.01 0.23 -50.67
CA PHE A 528 -16.80 1.21 -51.40
C PHE A 528 -17.23 2.36 -50.49
N ASN A 529 -17.75 2.05 -49.30
CA ASN A 529 -18.27 3.09 -48.42
C ASN A 529 -17.17 4.00 -47.93
N SER A 530 -15.99 3.44 -47.66
CA SER A 530 -14.90 4.27 -47.19
C SER A 530 -14.33 5.12 -48.31
N GLN A 531 -14.40 4.63 -49.55
CA GLN A 531 -14.03 5.46 -50.68
C GLN A 531 -14.99 6.64 -50.82
N ARG A 532 -16.30 6.38 -50.72
CA ARG A 532 -17.26 7.47 -50.84
C ARG A 532 -17.14 8.44 -49.65
N PHE A 533 -16.85 7.91 -48.47
CA PHE A 533 -16.55 8.74 -47.30
C PHE A 533 -15.39 9.69 -47.59
N ALA A 534 -14.27 9.15 -48.07
CA ALA A 534 -13.15 10.03 -48.32
C ALA A 534 -13.44 11.00 -49.46
N GLU A 535 -14.23 10.58 -50.46
CA GLU A 535 -14.54 11.48 -51.56
C GLU A 535 -15.43 12.63 -51.10
N LEU A 536 -16.41 12.33 -50.25
CA LEU A 536 -17.22 13.37 -49.66
C LEU A 536 -16.37 14.34 -48.88
N LEU A 537 -15.42 13.84 -48.09
CA LEU A 537 -14.53 14.73 -47.34
C LEU A 537 -13.68 15.59 -48.27
N SER A 538 -13.30 15.05 -49.42
CA SER A 538 -12.40 15.76 -50.32
C SER A 538 -13.15 16.79 -51.16
N THR A 539 -14.44 16.57 -51.42
CA THR A 539 -15.19 17.49 -52.26
C THR A 539 -15.90 18.57 -51.43
N LYS A 540 -16.81 18.16 -50.55
CA LYS A 540 -17.64 19.09 -49.80
C LYS A 540 -17.12 19.36 -48.39
N PHE A 541 -15.86 19.03 -48.09
CA PHE A 541 -15.29 19.35 -46.79
C PHE A 541 -13.82 19.68 -46.93
N LYS A 542 -13.48 20.40 -48.01
CA LYS A 542 -12.08 20.66 -48.32
C LYS A 542 -11.34 21.30 -47.16
N TYR A 543 -12.03 22.14 -46.38
CA TYR A 543 -11.35 22.93 -45.37
C TYR A 543 -10.62 22.06 -44.35
N ARG A 544 -11.15 20.89 -44.01
CA ARG A 544 -10.54 20.08 -42.96
C ARG A 544 -9.40 19.20 -43.50
N TYR A 545 -8.47 19.84 -44.22
CA TYR A 545 -7.25 19.19 -44.68
C TYR A 545 -6.07 20.01 -44.20
N GLU A 546 -5.23 19.42 -43.37
CA GLU A 546 -4.06 20.12 -42.87
C GLU A 546 -2.78 19.33 -43.07
N GLY A 547 -2.83 18.22 -43.80
CA GLY A 547 -1.70 17.33 -43.90
C GLY A 547 -1.43 16.54 -42.64
N LYS A 548 -2.39 16.49 -41.74
CA LYS A 548 -2.26 15.73 -40.51
C LYS A 548 -3.36 14.68 -40.46
N ILE A 549 -3.07 13.57 -39.79
CA ILE A 549 -4.04 12.49 -39.58
C ILE A 549 -3.44 11.53 -38.57
N THR A 550 -4.29 10.82 -37.86
CA THR A 550 -3.87 9.90 -36.82
C THR A 550 -3.76 8.48 -37.35
N ASN A 551 -2.93 7.67 -36.70
CA ASN A 551 -2.87 6.25 -37.07
C ASN A 551 -4.25 5.62 -36.96
N TYR A 552 -5.03 5.99 -35.96
CA TYR A 552 -6.34 5.36 -35.83
C TYR A 552 -7.19 5.66 -37.06
N PHE A 553 -7.20 6.91 -37.52
CA PHE A 553 -8.02 7.25 -38.67
C PHE A 553 -7.49 6.61 -39.95
N HIS A 554 -6.17 6.63 -40.12
CA HIS A 554 -5.56 6.00 -41.28
C HIS A 554 -5.91 4.51 -41.34
N LYS A 555 -5.75 3.78 -40.23
CA LYS A 555 -6.02 2.35 -40.25
C LYS A 555 -7.51 2.08 -40.46
N THR A 556 -8.36 2.91 -39.89
CA THR A 556 -9.80 2.71 -40.07
C THR A 556 -10.21 2.87 -41.53
N LEU A 557 -9.66 3.89 -42.20
CA LEU A 557 -10.07 4.13 -43.58
C LEU A 557 -9.29 3.28 -44.60
N ALA A 558 -8.10 2.79 -44.25
CA ALA A 558 -7.22 2.10 -45.18
C ALA A 558 -7.11 0.61 -44.96
N HIS A 559 -7.15 0.13 -43.72
CA HIS A 559 -6.75 -1.24 -43.47
C HIS A 559 -7.81 -2.13 -42.88
N VAL A 560 -9.04 -1.64 -42.67
CA VAL A 560 -10.02 -2.48 -41.97
C VAL A 560 -10.37 -3.73 -42.75
N PRO A 561 -10.76 -3.67 -44.03
CA PRO A 561 -11.03 -4.92 -44.73
C PRO A 561 -9.83 -5.85 -44.76
N GLU A 562 -8.63 -5.32 -44.94
CA GLU A 562 -7.45 -6.19 -44.95
C GLU A 562 -7.25 -6.85 -43.60
N ILE A 563 -7.49 -6.14 -42.50
CA ILE A 563 -7.29 -6.77 -41.20
C ILE A 563 -8.36 -7.79 -40.96
N ILE A 564 -9.57 -7.53 -41.40
CA ILE A 564 -10.61 -8.51 -41.20
C ILE A 564 -10.30 -9.76 -42.00
N GLU A 565 -9.86 -9.62 -43.24
CA GLU A 565 -9.50 -10.79 -44.04
C GLU A 565 -8.39 -11.57 -43.36
N ARG A 566 -7.44 -10.85 -42.75
CA ARG A 566 -6.34 -11.50 -42.07
C ARG A 566 -6.81 -12.21 -40.79
N ASP A 567 -7.68 -11.57 -40.01
CA ASP A 567 -8.04 -12.06 -38.68
C ASP A 567 -9.48 -12.53 -38.49
N GLY A 568 -10.38 -12.27 -39.42
CA GLY A 568 -11.78 -12.52 -39.20
C GLY A 568 -12.53 -11.45 -38.45
N SER A 569 -11.88 -10.69 -37.56
CA SER A 569 -12.64 -9.77 -36.73
C SER A 569 -11.73 -8.67 -36.20
N ILE A 570 -12.35 -7.70 -35.55
CA ILE A 570 -11.58 -6.61 -34.98
C ILE A 570 -11.74 -6.56 -33.49
N GLY A 571 -12.98 -6.37 -33.06
CA GLY A 571 -13.25 -6.06 -31.67
C GLY A 571 -12.67 -7.06 -30.69
N ALA A 572 -12.30 -8.26 -31.16
CA ALA A 572 -11.82 -9.30 -30.25
C ALA A 572 -10.31 -9.29 -30.04
N TRP A 573 -9.56 -8.59 -30.89
CA TRP A 573 -8.12 -8.38 -30.72
C TRP A 573 -7.84 -6.98 -30.17
N ALA A 574 -8.69 -6.52 -29.24
CA ALA A 574 -8.65 -5.18 -28.67
C ALA A 574 -7.54 -5.06 -27.62
N SER A 575 -7.19 -3.82 -27.30
CA SER A 575 -6.17 -3.54 -26.30
C SER A 575 -6.74 -3.31 -24.91
N GLU A 576 -7.98 -3.76 -24.67
CA GLU A 576 -8.78 -3.16 -23.62
C GLU A 576 -8.52 -3.81 -22.26
N GLY A 577 -8.20 -5.10 -22.24
CA GLY A 577 -8.32 -5.88 -21.03
C GLY A 577 -7.18 -5.77 -20.03
N ASN A 578 -5.94 -5.56 -20.48
CA ASN A 578 -4.83 -5.79 -19.53
C ASN A 578 -4.62 -4.67 -18.53
N GLN A 579 -5.48 -3.64 -18.51
CA GLN A 579 -5.35 -2.57 -17.52
C GLN A 579 -5.62 -3.10 -16.13
N SER A 580 -6.32 -4.23 -16.02
CA SER A 580 -6.49 -4.87 -14.73
C SER A 580 -5.20 -5.54 -14.28
N GLY A 581 -4.42 -6.03 -15.24
CA GLY A 581 -3.22 -6.79 -14.96
C GLY A 581 -2.35 -6.25 -13.85
N ASN A 582 -2.00 -4.96 -13.92
CA ASN A 582 -1.20 -4.31 -12.88
C ASN A 582 -1.80 -4.52 -11.49
N LYS A 583 -3.08 -4.18 -11.35
CA LYS A 583 -3.80 -4.46 -10.10
C LYS A 583 -3.60 -5.91 -9.66
N LEU A 584 -3.95 -6.85 -10.55
CA LEU A 584 -3.74 -8.27 -10.27
C LEU A 584 -2.34 -8.51 -9.73
N PHE A 585 -1.36 -7.95 -10.43
CA PHE A 585 0.02 -8.23 -10.08
C PHE A 585 0.28 -7.76 -8.66
N ARG A 586 -0.06 -6.50 -8.37
CA ARG A 586 0.27 -5.97 -7.06
C ARG A 586 -0.44 -6.76 -5.97
N ARG A 587 -1.66 -7.22 -6.26
CA ARG A 587 -2.36 -7.97 -5.22
C ARG A 587 -1.55 -9.19 -4.85
N PHE A 588 -1.18 -9.99 -5.86
CA PHE A 588 -0.40 -11.18 -5.61
C PHE A 588 0.91 -10.84 -4.92
N ARG A 589 1.49 -9.69 -5.22
CA ARG A 589 2.76 -9.38 -4.60
C ARG A 589 2.59 -9.08 -3.11
N LYS A 590 1.47 -8.45 -2.74
CA LYS A 590 1.29 -8.10 -1.34
C LYS A 590 0.87 -9.30 -0.51
N MET A 591 -0.17 -10.03 -0.95
CA MET A 591 -0.86 -10.96 -0.08
C MET A 591 -0.51 -12.44 -0.29
N ASN A 592 0.18 -12.80 -1.35
CA ASN A 592 0.40 -14.21 -1.60
C ASN A 592 1.84 -14.53 -1.95
N ALA A 593 2.78 -13.71 -1.51
CA ALA A 593 4.14 -13.77 -2.02
C ALA A 593 5.13 -13.69 -0.87
N ARG A 594 6.18 -14.50 -0.96
CA ARG A 594 7.26 -14.41 0.02
C ARG A 594 7.95 -13.06 -0.14
N GLN A 595 8.42 -12.47 0.95
CA GLN A 595 8.96 -11.11 0.83
C GLN A 595 10.47 -11.19 0.59
N SER A 596 10.83 -11.83 -0.52
CA SER A 596 12.22 -11.94 -0.94
C SER A 596 12.29 -11.92 -2.46
N LYS A 597 13.21 -11.10 -3.01
CA LYS A 597 13.07 -10.66 -4.40
C LYS A 597 13.07 -11.84 -5.37
N CYS A 598 13.93 -12.84 -5.12
CA CYS A 598 13.91 -14.03 -5.97
C CYS A 598 12.61 -14.81 -5.83
N TYR A 599 12.06 -14.93 -4.61
CA TYR A 599 10.88 -15.76 -4.40
C TYR A 599 9.57 -15.08 -4.67
N GLU A 600 9.44 -13.80 -4.30
CA GLU A 600 8.17 -13.13 -4.54
C GLU A 600 7.75 -13.28 -6.00
N MET A 601 8.73 -13.23 -6.91
CA MET A 601 8.42 -13.24 -8.34
C MET A 601 7.84 -14.56 -8.77
N GLU A 602 8.47 -15.67 -8.38
CA GLU A 602 7.89 -16.94 -8.76
C GLU A 602 6.60 -17.22 -7.99
N ASP A 603 6.41 -16.62 -6.82
CA ASP A 603 5.14 -16.80 -6.14
C ASP A 603 4.03 -16.06 -6.87
N VAL A 604 4.28 -14.83 -7.33
CA VAL A 604 3.31 -14.14 -8.18
C VAL A 604 3.06 -14.91 -9.47
N LEU A 605 4.12 -15.47 -10.06
CA LEU A 605 3.95 -16.25 -11.29
C LEU A 605 3.02 -17.44 -11.07
N LYS A 606 3.32 -18.24 -10.05
CA LYS A 606 2.51 -19.41 -9.75
C LYS A 606 1.07 -19.00 -9.44
N HIS A 607 0.88 -17.95 -8.63
CA HIS A 607 -0.48 -17.51 -8.33
C HIS A 607 -1.19 -17.02 -9.57
N HIS A 608 -0.45 -16.48 -10.53
CA HIS A 608 -1.11 -15.95 -11.71
C HIS A 608 -1.52 -17.08 -12.63
N TRP A 609 -0.64 -18.07 -12.78
CA TRP A 609 -1.03 -19.29 -13.45
C TRP A 609 -2.31 -19.81 -12.86
N LEU A 610 -2.30 -20.09 -11.57
CA LEU A 610 -3.45 -20.76 -10.97
C LEU A 610 -4.69 -19.93 -11.17
N TYR A 611 -4.57 -18.62 -11.07
CA TYR A 611 -5.72 -17.74 -11.26
C TYR A 611 -6.30 -17.89 -12.65
N THR A 612 -5.48 -18.22 -13.62
CA THR A 612 -6.08 -18.40 -14.94
C THR A 612 -6.63 -19.80 -15.21
N SER A 613 -6.47 -20.77 -14.35
CA SER A 613 -6.81 -22.12 -14.80
C SER A 613 -8.30 -22.31 -14.97
N LYS A 614 -8.68 -22.94 -16.07
CA LYS A 614 -10.09 -23.06 -16.36
C LYS A 614 -10.76 -24.08 -15.46
N TYR A 615 -9.99 -25.05 -14.96
CA TYR A 615 -10.48 -26.07 -14.07
C TYR A 615 -11.10 -25.46 -12.84
N LEU A 616 -10.30 -24.62 -12.20
CA LEU A 616 -10.67 -23.92 -10.99
C LEU A 616 -11.80 -22.92 -11.22
N GLN A 617 -11.76 -22.20 -12.33
CA GLN A 617 -12.85 -21.28 -12.62
C GLN A 617 -14.16 -22.00 -12.74
N LYS A 618 -14.14 -23.24 -13.22
CA LYS A 618 -15.37 -24.02 -13.28
C LYS A 618 -15.93 -24.25 -11.89
N PHE A 619 -15.08 -24.52 -10.89
CA PHE A 619 -15.59 -24.63 -9.53
C PHE A 619 -16.15 -23.30 -9.05
N MET A 620 -15.53 -22.21 -9.45
CA MET A 620 -16.04 -20.95 -8.95
C MET A 620 -17.28 -20.47 -9.68
N ASN A 621 -17.72 -21.18 -10.71
CA ASN A 621 -18.99 -20.90 -11.37
C ASN A 621 -19.97 -22.05 -11.23
N ALA A 622 -19.81 -22.82 -10.16
CA ALA A 622 -20.56 -24.04 -10.02
C ALA A 622 -22.07 -23.81 -9.96
N HIS A 623 -22.52 -22.70 -9.37
CA HIS A 623 -23.96 -22.50 -9.22
C HIS A 623 -24.68 -22.51 -10.57
N ASN A 624 -23.99 -22.07 -11.62
CA ASN A 624 -24.58 -22.09 -12.96
C ASN A 624 -24.13 -23.29 -13.79
N MET B 1 47.51 12.80 -9.88
CA MET B 1 46.22 12.34 -10.37
C MET B 1 45.10 13.02 -9.62
N SER B 2 44.42 13.97 -10.30
CA SER B 2 43.36 14.77 -9.68
C SER B 2 41.98 14.32 -10.15
N LEU B 3 41.11 14.01 -9.19
CA LEU B 3 39.77 13.53 -9.47
C LEU B 3 38.82 14.72 -9.55
N GLN B 4 37.89 14.67 -10.50
CA GLN B 4 36.98 15.80 -10.66
C GLN B 4 35.58 15.31 -11.06
N MET B 5 34.56 15.79 -10.37
CA MET B 5 33.18 15.42 -10.73
C MET B 5 32.78 16.09 -12.05
N VAL B 6 31.87 15.43 -12.79
CA VAL B 6 31.42 15.92 -14.09
C VAL B 6 29.90 15.93 -14.09
N THR B 7 29.33 17.01 -14.59
CA THR B 7 27.89 17.11 -14.83
C THR B 7 27.59 16.77 -16.28
N VAL B 8 26.37 16.30 -16.52
CA VAL B 8 26.00 15.80 -17.84
C VAL B 8 24.72 16.48 -18.30
N GLY B 9 24.60 16.64 -19.62
CA GLY B 9 23.47 17.31 -20.24
C GLY B 9 22.23 16.45 -20.31
N HIS B 10 21.33 16.82 -21.22
CA HIS B 10 20.02 16.18 -21.26
C HIS B 10 20.11 14.70 -21.62
N ASN B 11 21.05 14.33 -22.49
CA ASN B 11 21.14 12.94 -22.97
C ASN B 11 22.13 12.10 -22.17
N ILE B 12 22.09 12.21 -20.84
CA ILE B 12 22.98 11.40 -20.02
C ILE B 12 22.62 9.93 -20.11
N ALA B 13 21.36 9.63 -20.40
CA ALA B 13 20.91 8.24 -20.43
C ALA B 13 21.71 7.42 -21.43
N LEU B 14 22.28 8.06 -22.45
CA LEU B 14 23.03 7.34 -23.46
C LEU B 14 24.20 6.56 -22.88
N ILE B 15 24.87 7.12 -21.87
CA ILE B 15 26.09 6.49 -21.37
C ILE B 15 25.73 5.24 -20.59
N GLN B 16 26.39 4.12 -20.91
CA GLN B 16 26.11 2.87 -20.23
C GLN B 16 27.42 2.12 -20.04
N PRO B 17 27.45 1.15 -19.15
CA PRO B 17 28.62 0.26 -19.08
C PRO B 17 28.80 -0.41 -20.43
N GLY B 18 30.07 -0.59 -20.82
CA GLY B 18 30.45 -1.13 -22.11
C GLY B 18 30.72 -0.12 -23.20
N PHE B 19 30.51 1.18 -22.96
CA PHE B 19 30.72 2.19 -24.00
C PHE B 19 32.21 2.35 -24.31
N SER B 20 32.52 3.04 -25.39
CA SER B 20 33.91 3.29 -25.78
C SER B 20 34.07 4.76 -26.15
N LEU B 21 35.29 5.24 -25.98
CA LEU B 21 35.69 6.57 -26.39
C LEU B 21 36.86 6.46 -27.37
N MET B 22 36.80 7.24 -28.44
CA MET B 22 37.86 7.26 -29.43
C MET B 22 38.33 8.69 -29.60
N ASN B 23 39.64 8.87 -29.74
CA ASN B 23 40.24 10.20 -29.77
C ASN B 23 40.88 10.45 -31.14
N PHE B 24 40.41 11.50 -31.82
CA PHE B 24 40.93 11.92 -33.12
C PHE B 24 41.43 13.35 -32.99
N ASP B 25 42.75 13.52 -33.00
CA ASP B 25 43.38 14.82 -33.05
C ASP B 25 42.92 15.65 -31.86
N GLY B 26 42.97 15.03 -30.69
CA GLY B 26 42.59 15.67 -29.45
C GLY B 26 41.11 15.66 -29.16
N GLN B 27 40.26 15.57 -30.18
CA GLN B 27 38.82 15.53 -29.98
C GLN B 27 38.34 14.14 -29.58
N VAL B 28 37.53 14.07 -28.52
CA VAL B 28 37.02 12.80 -28.00
C VAL B 28 35.61 12.53 -28.51
N PHE B 29 35.34 11.28 -28.80
CA PHE B 29 34.06 10.86 -29.28
C PHE B 29 33.59 9.63 -28.50
N PHE B 30 32.26 9.48 -28.47
CA PHE B 30 31.58 8.48 -27.66
C PHE B 30 30.79 7.55 -28.58
N PHE B 31 30.90 6.25 -28.34
CA PHE B 31 30.25 5.24 -29.17
C PHE B 31 29.77 4.10 -28.29
N GLY B 32 28.64 3.52 -28.68
CA GLY B 32 28.03 2.42 -27.96
C GLY B 32 26.93 2.90 -27.04
N GLN B 33 26.07 3.78 -27.54
CA GLN B 33 24.98 4.31 -26.73
C GLN B 33 24.02 3.20 -26.34
N LYS B 34 23.36 3.40 -25.21
CA LYS B 34 22.29 2.49 -24.82
C LYS B 34 21.10 2.69 -25.74
N GLY B 35 20.45 1.59 -26.08
CA GLY B 35 19.35 1.61 -27.01
C GLY B 35 19.80 1.82 -28.44
N TRP B 36 18.88 1.57 -29.38
CA TRP B 36 19.17 1.82 -30.76
C TRP B 36 19.15 3.33 -31.03
N PRO B 37 19.95 3.79 -31.97
CA PRO B 37 20.03 5.23 -32.25
C PRO B 37 18.68 5.81 -32.60
N LYS B 38 18.40 7.03 -32.13
CA LYS B 38 17.14 7.72 -32.37
C LYS B 38 17.29 8.81 -33.41
N ARG B 39 16.17 9.44 -33.78
CA ARG B 39 16.21 10.49 -34.79
C ARG B 39 17.16 11.63 -34.40
N SER B 40 17.30 11.90 -33.10
CA SER B 40 18.19 12.97 -32.64
C SER B 40 19.63 12.73 -33.05
N CYS B 41 20.05 11.46 -33.12
CA CYS B 41 21.39 11.13 -33.58
C CYS B 41 21.37 9.74 -34.21
N PRO B 42 21.14 9.65 -35.52
CA PRO B 42 21.03 8.34 -36.16
C PRO B 42 22.31 7.52 -36.17
N THR B 43 23.48 8.10 -36.00
CA THR B 43 24.65 7.25 -36.06
C THR B 43 24.89 6.46 -34.77
N GLY B 44 24.55 7.03 -33.63
CA GLY B 44 25.04 6.46 -32.38
C GLY B 44 26.46 6.89 -32.03
N VAL B 45 26.98 7.91 -32.70
CA VAL B 45 28.32 8.45 -32.48
C VAL B 45 28.18 9.91 -32.06
N PHE B 46 28.90 10.31 -31.01
CA PHE B 46 28.73 11.63 -30.43
C PHE B 46 30.06 12.33 -30.14
N HIS B 47 30.16 13.59 -30.52
CA HIS B 47 31.17 14.46 -29.94
CA HIS B 47 31.15 14.48 -29.93
C HIS B 47 30.99 14.45 -28.42
N PHE B 48 32.07 14.13 -27.71
CA PHE B 48 32.08 13.97 -26.26
C PHE B 48 32.99 15.05 -25.69
N ASP B 49 32.44 16.22 -25.35
CA ASP B 49 33.28 17.36 -24.97
C ASP B 49 32.99 17.80 -23.53
N ILE B 50 34.02 17.85 -22.70
CA ILE B 50 33.91 18.29 -21.31
C ILE B 50 34.49 19.69 -21.17
N LYS B 51 33.63 20.69 -20.98
CA LYS B 51 34.04 22.08 -20.73
C LYS B 51 33.68 22.45 -19.31
N GLN B 52 34.68 22.84 -18.52
CA GLN B 52 34.48 23.31 -17.15
C GLN B 52 33.65 22.29 -16.36
N ASN B 53 34.12 21.05 -16.40
CA ASN B 53 33.53 19.90 -15.73
C ASN B 53 32.11 19.57 -16.18
N HIS B 54 31.65 20.10 -17.31
CA HIS B 54 30.33 19.77 -17.84
C HIS B 54 30.48 19.05 -19.16
N LEU B 55 29.84 17.88 -19.26
CA LEU B 55 29.94 16.99 -20.41
C LEU B 55 28.74 17.15 -21.33
N LYS B 56 28.99 17.52 -22.58
CA LYS B 56 27.95 17.57 -23.59
C LYS B 56 28.22 16.53 -24.66
N LEU B 57 27.17 15.80 -25.02
CA LEU B 57 27.21 14.80 -26.08
C LEU B 57 26.47 15.38 -27.28
N LYS B 58 27.20 15.66 -28.35
CA LYS B 58 26.60 16.29 -29.50
C LYS B 58 26.67 15.36 -30.71
N PRO B 59 25.56 15.16 -31.40
CA PRO B 59 25.54 14.14 -32.46
C PRO B 59 26.55 14.42 -33.57
N ALA B 60 27.20 13.37 -34.03
CA ALA B 60 28.14 13.38 -35.14
C ALA B 60 27.54 12.65 -36.34
N ILE B 61 27.93 13.06 -37.55
CA ILE B 61 27.32 12.54 -38.76
C ILE B 61 28.30 11.63 -39.50
N PHE B 62 27.74 10.76 -40.36
CA PHE B 62 28.53 9.84 -41.16
C PHE B 62 28.57 10.28 -42.62
N SER B 63 29.62 9.86 -43.31
CA SER B 63 29.76 10.18 -44.72
C SER B 63 28.76 9.39 -45.54
N LYS B 64 28.64 9.74 -46.82
CA LYS B 64 27.66 9.05 -47.66
C LYS B 64 28.05 7.62 -47.91
N ASP B 65 29.32 7.29 -47.83
CA ASP B 65 29.79 5.92 -48.07
C ASP B 65 30.00 5.14 -46.79
N SER B 66 29.32 5.48 -45.70
CA SER B 66 29.55 4.83 -44.41
C SER B 66 28.57 3.68 -44.18
N CYS B 67 29.01 2.73 -43.36
CA CYS B 67 28.11 1.84 -42.64
C CYS B 67 27.47 2.62 -41.50
N TYR B 68 26.30 2.14 -41.07
CA TYR B 68 25.68 2.60 -39.84
C TYR B 68 25.78 1.42 -38.87
N LEU B 69 26.91 1.32 -38.18
CA LEU B 69 27.12 0.17 -37.31
C LEU B 69 26.18 0.24 -36.11
N PRO B 70 25.73 -0.91 -35.60
CA PRO B 70 24.85 -0.90 -34.44
C PRO B 70 25.65 -0.55 -33.19
N PRO B 71 25.00 0.00 -32.17
CA PRO B 71 25.73 0.28 -30.93
C PRO B 71 26.28 -1.00 -30.36
N LEU B 72 27.50 -0.94 -29.85
CA LEU B 72 28.17 -2.14 -29.39
C LEU B 72 28.71 -1.94 -27.99
N ARG B 73 28.43 -2.91 -27.13
CA ARG B 73 28.89 -2.93 -25.76
C ARG B 73 30.04 -3.91 -25.63
N TYR B 74 31.10 -3.51 -24.94
CA TYR B 74 32.28 -4.33 -24.75
C TYR B 74 32.88 -4.85 -26.05
N PRO B 75 32.97 -4.04 -27.10
CA PRO B 75 33.67 -4.48 -28.29
C PRO B 75 35.14 -4.35 -28.04
N ALA B 76 35.93 -5.04 -28.87
CA ALA B 76 37.37 -4.88 -28.89
C ALA B 76 37.71 -3.67 -29.76
N THR B 77 38.53 -2.77 -29.24
CA THR B 77 38.91 -1.59 -30.01
C THR B 77 40.42 -1.40 -29.98
N CYS B 78 40.95 -0.85 -31.09
CA CYS B 78 42.30 -0.32 -31.08
C CYS B 78 42.42 0.83 -32.07
N SER B 79 43.59 1.46 -32.01
CA SER B 79 43.92 2.63 -32.80
C SER B 79 44.97 2.25 -33.85
N TYR B 80 44.79 2.69 -35.10
CA TYR B 80 45.60 2.30 -36.24
C TYR B 80 46.23 3.50 -36.94
N LYS B 81 47.53 3.43 -37.18
CA LYS B 81 48.29 4.45 -37.93
C LYS B 81 48.51 4.00 -39.37
N LYS B 88 45.62 9.86 -41.67
CA LYS B 88 45.57 8.42 -41.89
C LYS B 88 45.46 7.61 -40.56
N HIS B 89 44.91 8.24 -39.51
CA HIS B 89 44.64 7.62 -38.21
C HIS B 89 43.17 7.14 -38.13
N GLN B 90 42.97 5.88 -37.75
CA GLN B 90 41.64 5.27 -37.75
C GLN B 90 41.46 4.36 -36.53
N TYR B 91 40.22 3.90 -36.31
CA TYR B 91 39.87 3.10 -35.16
C TYR B 91 39.27 1.77 -35.60
N ILE B 92 39.71 0.71 -34.94
CA ILE B 92 39.25 -0.63 -35.23
C ILE B 92 38.31 -1.05 -34.10
N ILE B 93 37.11 -1.46 -34.48
CA ILE B 93 36.09 -1.97 -33.58
C ILE B 93 35.76 -3.36 -34.05
N HIS B 94 35.93 -4.34 -33.19
CA HIS B 94 35.53 -5.71 -33.53
C HIS B 94 34.73 -6.34 -32.42
N GLY B 95 33.61 -6.96 -32.80
CA GLY B 95 32.80 -7.70 -31.85
C GLY B 95 31.85 -6.82 -31.07
N GLY B 96 31.49 -7.32 -29.89
CA GLY B 96 30.60 -6.64 -28.97
C GLY B 96 29.17 -7.16 -29.03
N LYS B 97 28.38 -6.72 -28.05
CA LYS B 97 26.96 -7.03 -27.98
C LYS B 97 26.18 -5.86 -28.59
N THR B 98 25.12 -6.20 -29.36
CA THR B 98 24.20 -5.24 -29.94
C THR B 98 23.01 -5.01 -29.03
N PRO B 99 22.25 -3.95 -29.26
CA PRO B 99 21.07 -3.73 -28.41
C PRO B 99 20.11 -4.92 -28.37
N ASN B 100 20.15 -5.84 -29.33
CA ASN B 100 19.29 -7.02 -29.26
C ASN B 100 19.98 -8.19 -28.60
N ASN B 101 21.14 -7.98 -28.00
CA ASN B 101 21.91 -8.99 -27.30
C ASN B 101 22.57 -10.01 -28.21
N GLU B 102 22.56 -9.80 -29.52
CA GLU B 102 23.36 -10.61 -30.42
C GLU B 102 24.81 -10.15 -30.39
N LEU B 103 25.72 -11.09 -30.61
CA LEU B 103 27.15 -10.81 -30.73
C LEU B 103 27.55 -10.67 -32.20
N SER B 104 28.32 -9.63 -32.54
CA SER B 104 28.71 -9.43 -33.94
C SER B 104 30.09 -10.03 -34.23
N ASP B 105 30.22 -10.65 -35.39
CA ASP B 105 31.51 -11.09 -35.86
C ASP B 105 32.17 -10.05 -36.77
N LYS B 106 31.46 -8.95 -37.05
CA LYS B 106 31.91 -7.93 -37.97
C LYS B 106 33.03 -7.10 -37.35
N ILE B 107 33.72 -6.37 -38.21
CA ILE B 107 34.78 -5.45 -37.80
C ILE B 107 34.55 -4.15 -38.55
N TYR B 108 34.50 -3.05 -37.81
CA TYR B 108 34.25 -1.74 -38.35
C TYR B 108 35.48 -0.88 -38.20
N ILE B 109 35.62 0.06 -39.11
CA ILE B 109 36.74 0.99 -39.13
C ILE B 109 36.18 2.40 -39.16
N MET B 110 36.60 3.20 -38.20
CA MET B 110 36.15 4.57 -38.05
C MET B 110 37.32 5.46 -38.43
N SER B 111 37.05 6.45 -39.28
CA SER B 111 38.07 7.41 -39.68
C SER B 111 37.39 8.74 -39.90
N VAL B 112 38.18 9.82 -39.88
CA VAL B 112 37.62 11.15 -40.14
C VAL B 112 37.55 11.38 -41.64
N ALA B 113 36.34 11.56 -42.15
CA ALA B 113 36.12 11.77 -43.58
C ALA B 113 36.27 13.24 -43.97
N CYS B 114 35.76 14.13 -43.11
CA CYS B 114 35.78 15.57 -43.38
C CYS B 114 35.67 16.31 -42.06
N LYS B 115 36.55 17.29 -41.86
CA LYS B 115 36.53 18.16 -40.69
C LYS B 115 36.45 19.57 -41.27
N ASN B 116 35.22 20.06 -41.37
CA ASN B 116 34.94 21.36 -41.95
C ASN B 116 34.46 22.27 -40.84
N ASN B 117 35.22 23.34 -40.58
CA ASN B 117 34.87 24.32 -39.56
C ASN B 117 34.65 23.63 -38.20
N LYS B 118 35.58 22.73 -37.86
CA LYS B 118 35.60 22.02 -36.58
C LYS B 118 34.38 21.12 -36.36
N LYS B 119 33.77 20.63 -37.43
CA LYS B 119 32.59 19.77 -37.35
C LYS B 119 32.96 18.50 -38.11
N VAL B 120 33.11 17.37 -37.39
CA VAL B 120 33.68 16.20 -38.02
C VAL B 120 32.58 15.32 -38.63
N THR B 121 32.84 14.87 -39.85
CA THR B 121 32.10 13.81 -40.49
C THR B 121 32.93 12.54 -40.45
N PHE B 122 32.29 11.42 -40.09
CA PHE B 122 33.00 10.18 -39.95
C PHE B 122 32.75 9.26 -41.13
N ARG B 123 33.73 8.40 -41.40
CA ARG B 123 33.57 7.25 -42.27
C ARG B 123 33.62 6.00 -41.39
N CYS B 124 32.56 5.20 -41.47
CA CYS B 124 32.48 3.91 -40.82
C CYS B 124 32.41 2.89 -41.94
N THR B 125 33.46 2.09 -42.10
CA THR B 125 33.50 1.07 -43.15
C THR B 125 33.57 -0.31 -42.52
N GLU B 126 32.79 -1.24 -43.06
CA GLU B 126 32.81 -2.61 -42.58
C GLU B 126 33.84 -3.40 -43.36
N LYS B 127 34.67 -4.15 -42.65
CA LYS B 127 35.71 -4.96 -43.29
C LYS B 127 35.27 -6.40 -43.25
N ASP B 128 35.17 -7.03 -44.41
CA ASP B 128 34.87 -8.45 -44.45
C ASP B 128 36.11 -9.22 -44.04
N LEU B 129 35.89 -10.37 -43.42
CA LEU B 129 36.98 -11.14 -42.84
C LEU B 129 36.84 -12.57 -43.32
N VAL B 130 37.91 -13.15 -43.85
CA VAL B 130 37.88 -14.51 -44.35
C VAL B 130 39.11 -15.26 -43.82
N GLY B 131 39.04 -16.58 -43.88
CA GLY B 131 40.11 -17.38 -43.32
C GLY B 131 39.69 -18.03 -42.03
N ASP B 132 40.43 -17.76 -40.96
CA ASP B 132 40.07 -18.22 -39.62
C ASP B 132 39.35 -17.10 -38.87
N VAL B 133 38.10 -16.80 -39.28
CA VAL B 133 37.41 -15.68 -38.62
C VAL B 133 37.15 -16.05 -37.15
N PRO B 134 37.37 -15.13 -36.21
CA PRO B 134 37.06 -15.44 -34.81
C PRO B 134 35.55 -15.38 -34.56
N GLU B 135 35.02 -16.37 -33.81
CA GLU B 135 33.59 -16.42 -33.51
C GLU B 135 33.17 -15.11 -32.83
N PRO B 136 31.90 -14.71 -32.95
CA PRO B 136 31.46 -13.47 -32.29
C PRO B 136 31.83 -13.48 -30.81
N ARG B 137 32.22 -12.32 -30.30
CA ARG B 137 32.81 -12.21 -28.98
C ARG B 137 32.45 -10.88 -28.35
N TYR B 138 32.58 -10.82 -27.05
CA TYR B 138 32.72 -9.52 -26.42
C TYR B 138 33.80 -9.67 -25.36
N GLY B 139 34.29 -8.53 -24.89
CA GLY B 139 35.25 -8.50 -23.80
C GLY B 139 36.58 -9.09 -24.14
N HIS B 140 37.05 -8.87 -25.36
CA HIS B 140 38.27 -9.42 -25.92
C HIS B 140 39.13 -8.26 -26.37
N SER B 141 40.39 -8.53 -26.67
CA SER B 141 41.34 -7.48 -27.04
C SER B 141 41.74 -7.58 -28.51
N ILE B 142 42.04 -6.43 -29.09
CA ILE B 142 42.65 -6.34 -30.40
C ILE B 142 43.61 -5.16 -30.38
N ASP B 143 44.82 -5.36 -30.91
CA ASP B 143 45.83 -4.33 -30.98
C ASP B 143 46.56 -4.48 -32.31
N VAL B 144 47.38 -3.49 -32.66
CA VAL B 144 48.17 -3.52 -33.90
C VAL B 144 49.64 -3.66 -33.55
N VAL B 145 50.31 -4.61 -34.20
CA VAL B 145 51.76 -4.77 -34.05
C VAL B 145 52.44 -4.41 -35.35
N TYR B 146 53.68 -3.97 -35.23
CA TYR B 146 54.50 -3.61 -36.37
C TYR B 146 55.76 -4.45 -36.33
N SER B 147 55.98 -5.24 -37.37
CA SER B 147 57.13 -6.12 -37.45
C SER B 147 57.63 -6.09 -38.88
N ARG B 148 58.93 -5.84 -39.04
CA ARG B 148 59.59 -5.87 -40.35
C ARG B 148 58.85 -4.99 -41.36
N GLY B 149 58.54 -3.77 -40.94
CA GLY B 149 57.89 -2.80 -41.79
C GLY B 149 56.49 -3.17 -42.23
N LYS B 150 55.88 -4.17 -41.59
CA LYS B 150 54.55 -4.64 -41.91
C LYS B 150 53.70 -4.51 -40.66
N SER B 151 52.40 -4.30 -40.87
CA SER B 151 51.45 -4.12 -39.77
C SER B 151 50.47 -5.29 -39.72
N MET B 152 50.14 -5.74 -38.52
CA MET B 152 49.24 -6.87 -38.36
C MET B 152 48.37 -6.65 -37.11
N GLY B 153 47.15 -7.17 -37.14
CA GLY B 153 46.27 -7.09 -35.99
C GLY B 153 46.37 -8.35 -35.14
N VAL B 154 46.38 -8.17 -33.82
CA VAL B 154 46.40 -9.28 -32.87
C VAL B 154 45.12 -9.23 -32.05
N LEU B 155 44.36 -10.32 -32.06
CA LEU B 155 43.08 -10.41 -31.35
C LEU B 155 43.06 -11.62 -30.42
N PHE B 156 42.67 -11.41 -29.18
CA PHE B 156 42.72 -12.50 -28.22
C PHE B 156 41.61 -12.37 -27.18
N GLY B 157 41.02 -13.51 -26.83
CA GLY B 157 40.19 -13.59 -25.65
C GLY B 157 38.71 -13.33 -25.84
N GLY B 158 38.02 -13.18 -24.70
CA GLY B 158 36.63 -12.77 -24.69
C GLY B 158 35.68 -13.90 -24.25
N ARG B 159 34.39 -13.67 -24.53
CA ARG B 159 33.34 -14.64 -24.24
C ARG B 159 32.35 -14.68 -25.37
N SER B 160 31.56 -15.75 -25.40
CA SER B 160 30.53 -15.89 -26.42
C SER B 160 29.47 -16.87 -25.93
N TYR B 161 28.37 -16.95 -26.69
CA TYR B 161 27.33 -17.89 -26.30
C TYR B 161 27.79 -19.31 -26.61
N MET B 162 27.00 -20.28 -26.16
CA MET B 162 27.31 -21.66 -26.48
C MET B 162 27.18 -21.87 -27.99
N PRO B 163 27.90 -22.85 -28.53
CA PRO B 163 27.76 -23.16 -29.95
C PRO B 163 26.36 -23.66 -30.26
N SER B 164 25.92 -23.44 -31.51
CA SER B 164 24.54 -23.73 -31.90
C SER B 164 24.12 -25.16 -31.60
N THR B 165 25.07 -26.07 -31.42
CA THR B 165 24.73 -27.45 -31.13
C THR B 165 24.32 -27.64 -29.68
N GLN B 166 25.05 -27.03 -28.75
CA GLN B 166 24.84 -27.24 -27.32
C GLN B 166 23.95 -26.19 -26.66
N ARG B 167 23.70 -25.08 -27.34
CA ARG B 167 22.91 -24.01 -26.76
C ARG B 167 21.47 -24.45 -26.63
N THR B 168 20.88 -24.23 -25.43
CA THR B 168 19.50 -24.56 -25.11
C THR B 168 18.81 -23.36 -24.42
N THR B 169 17.49 -23.21 -24.68
CA THR B 169 16.74 -22.00 -24.32
C THR B 169 16.71 -21.74 -22.80
N GLU B 170 16.77 -22.78 -21.98
CA GLU B 170 16.84 -22.56 -20.54
C GLU B 170 18.14 -21.86 -20.14
N LYS B 171 19.22 -22.08 -20.88
CA LYS B 171 20.47 -21.36 -20.60
C LYS B 171 20.93 -20.52 -21.78
N TRP B 172 19.97 -19.98 -22.53
CA TRP B 172 20.19 -19.27 -23.79
C TRP B 172 21.19 -18.12 -23.70
N ASN B 173 21.33 -17.52 -22.53
CA ASN B 173 22.23 -16.40 -22.38
C ASN B 173 23.53 -16.80 -21.71
N SER B 174 23.70 -18.07 -21.37
CA SER B 174 24.97 -18.50 -20.81
C SER B 174 26.12 -18.25 -21.78
N VAL B 175 27.27 -17.86 -21.20
CA VAL B 175 28.46 -17.53 -21.97
C VAL B 175 29.62 -18.36 -21.48
N ALA B 176 30.59 -18.53 -22.36
CA ALA B 176 31.83 -19.22 -22.04
C ALA B 176 32.97 -18.42 -22.61
N ASP B 177 34.14 -18.58 -22.00
CA ASP B 177 35.35 -17.98 -22.54
C ASP B 177 35.65 -18.61 -23.89
N CYS B 178 36.13 -17.79 -24.82
CA CYS B 178 36.61 -18.35 -26.08
C CYS B 178 37.92 -19.11 -25.88
N LEU B 179 38.17 -20.09 -26.76
CA LEU B 179 39.45 -20.76 -26.77
C LEU B 179 40.58 -19.74 -26.96
N PRO B 180 41.67 -19.86 -26.20
CA PRO B 180 42.75 -18.85 -26.21
C PRO B 180 43.68 -19.01 -27.41
N HIS B 181 43.13 -18.71 -28.58
CA HIS B 181 43.89 -18.70 -29.82
C HIS B 181 44.16 -17.26 -30.18
N VAL B 182 45.39 -16.97 -30.55
CA VAL B 182 45.68 -15.62 -30.97
C VAL B 182 45.30 -15.52 -32.44
N PHE B 183 44.68 -14.43 -32.82
CA PHE B 183 44.29 -14.24 -34.21
C PHE B 183 45.12 -13.12 -34.81
N LEU B 184 45.89 -13.46 -35.85
CA LEU B 184 46.51 -12.45 -36.68
C LEU B 184 45.53 -12.07 -37.78
N ILE B 185 45.36 -10.77 -37.97
CA ILE B 185 44.32 -10.20 -38.83
C ILE B 185 44.97 -9.18 -39.75
N ASP B 186 44.97 -9.46 -41.05
CA ASP B 186 45.46 -8.53 -42.05
C ASP B 186 44.28 -7.74 -42.57
N PHE B 187 44.25 -6.45 -42.23
CA PHE B 187 43.20 -5.53 -42.65
C PHE B 187 43.35 -5.20 -44.12
N GLU B 188 44.58 -5.29 -44.63
CA GLU B 188 44.85 -4.98 -46.04
C GLU B 188 44.15 -5.99 -46.94
N PHE B 189 44.19 -7.27 -46.56
CA PHE B 189 43.61 -8.32 -47.37
C PHE B 189 42.28 -8.81 -46.83
N GLY B 190 41.96 -8.51 -45.58
CA GLY B 190 40.72 -8.95 -45.00
C GLY B 190 40.81 -10.40 -44.60
N CYS B 191 41.94 -10.84 -44.08
CA CYS B 191 42.07 -12.25 -43.75
C CYS B 191 42.49 -12.46 -42.30
N ALA B 192 42.19 -13.64 -41.79
CA ALA B 192 42.47 -13.96 -40.39
C ALA B 192 43.04 -15.36 -40.26
N THR B 193 44.07 -15.49 -39.43
CA THR B 193 44.75 -16.76 -39.16
C THR B 193 44.84 -17.00 -37.66
N SER B 194 44.53 -18.22 -37.26
CA SER B 194 44.48 -18.60 -35.85
C SER B 194 45.73 -19.37 -35.46
N TYR B 195 46.27 -19.04 -34.30
CA TYR B 195 47.48 -19.66 -33.78
C TYR B 195 47.21 -20.18 -32.37
N ILE B 196 47.35 -21.48 -32.20
CA ILE B 196 47.29 -22.09 -30.88
C ILE B 196 48.69 -22.02 -30.26
N LEU B 197 48.77 -21.52 -29.04
CA LEU B 197 50.03 -21.43 -28.31
C LEU B 197 49.95 -22.28 -27.06
N PRO B 198 51.00 -23.03 -26.72
CA PRO B 198 50.93 -23.86 -25.50
C PRO B 198 50.88 -23.03 -24.22
N GLU B 199 51.43 -21.81 -24.23
CA GLU B 199 51.48 -21.01 -23.01
C GLU B 199 50.11 -20.44 -22.63
N LEU B 200 49.18 -20.36 -23.57
CA LEU B 200 47.84 -19.86 -23.30
C LEU B 200 46.94 -21.08 -23.27
N GLN B 201 46.76 -21.62 -22.07
CA GLN B 201 45.98 -22.83 -21.85
C GLN B 201 44.52 -22.52 -21.52
N ASP B 202 44.27 -21.44 -20.79
CA ASP B 202 42.94 -21.10 -20.32
C ASP B 202 42.38 -19.91 -21.10
N GLY B 203 41.04 -19.78 -21.07
CA GLY B 203 40.39 -18.65 -21.66
C GLY B 203 40.46 -17.40 -20.79
N LEU B 204 40.33 -16.24 -21.42
CA LEU B 204 40.53 -15.02 -20.66
C LEU B 204 39.69 -13.91 -21.28
N SER B 205 39.05 -13.10 -20.44
CA SER B 205 38.28 -11.99 -20.94
C SER B 205 38.37 -10.81 -19.98
N PHE B 206 38.02 -9.64 -20.49
CA PHE B 206 38.06 -8.38 -19.75
C PHE B 206 39.46 -8.06 -19.23
N HIS B 207 40.49 -8.52 -19.94
CA HIS B 207 41.89 -8.26 -19.65
C HIS B 207 42.35 -6.96 -20.31
N VAL B 208 43.56 -6.53 -19.97
CA VAL B 208 44.18 -5.33 -20.54
C VAL B 208 45.26 -5.73 -21.53
N SER B 209 45.40 -4.99 -22.63
CA SER B 209 46.39 -5.30 -23.66
C SER B 209 47.20 -4.06 -24.00
N ILE B 210 48.54 -4.19 -23.97
CA ILE B 210 49.43 -3.08 -24.28
C ILE B 210 50.30 -3.48 -25.46
N ALA B 211 50.30 -2.65 -26.51
CA ALA B 211 50.94 -2.97 -27.78
C ALA B 211 52.13 -2.05 -28.00
N ARG B 212 53.31 -2.64 -28.16
CA ARG B 212 54.51 -1.88 -28.47
C ARG B 212 55.28 -2.59 -29.57
N ASN B 213 55.50 -1.88 -30.68
CA ASN B 213 56.28 -2.47 -31.76
C ASN B 213 55.69 -3.80 -32.16
N ASP B 214 56.46 -4.87 -32.01
CA ASP B 214 56.08 -6.20 -32.43
C ASP B 214 55.50 -7.06 -31.33
N THR B 215 55.14 -6.48 -30.19
CA THR B 215 54.69 -7.26 -29.05
C THR B 215 53.38 -6.72 -28.51
N VAL B 216 52.59 -7.62 -27.94
CA VAL B 216 51.40 -7.26 -27.16
C VAL B 216 51.52 -7.98 -25.83
N TYR B 217 51.41 -7.22 -24.75
CA TYR B 217 51.35 -7.78 -23.42
C TYR B 217 49.89 -7.91 -22.99
N ILE B 218 49.58 -9.03 -22.33
CA ILE B 218 48.27 -9.36 -21.81
C ILE B 218 48.32 -9.36 -20.29
N LEU B 219 47.43 -8.59 -19.68
CA LEU B 219 47.40 -8.35 -18.24
C LEU B 219 46.05 -8.69 -17.63
N GLY B 220 46.09 -9.35 -16.49
CA GLY B 220 44.90 -9.58 -15.69
C GLY B 220 43.84 -10.32 -16.46
N GLY B 221 42.61 -9.84 -16.33
CA GLY B 221 41.49 -10.51 -16.95
C GLY B 221 40.87 -11.51 -16.03
N HIS B 222 39.80 -12.13 -16.51
CA HIS B 222 39.00 -13.05 -15.71
C HIS B 222 38.74 -14.29 -16.53
N SER B 223 38.91 -15.45 -15.91
CA SER B 223 38.66 -16.73 -16.56
C SER B 223 37.41 -17.35 -15.95
N LEU B 224 36.39 -17.59 -16.79
CA LEU B 224 35.09 -18.05 -16.29
C LEU B 224 35.18 -19.44 -15.70
N ALA B 225 35.82 -20.38 -16.41
CA ALA B 225 35.78 -21.77 -15.99
C ALA B 225 36.34 -21.94 -14.59
N SER B 226 37.51 -21.36 -14.35
CA SER B 226 38.08 -21.36 -13.02
C SER B 226 37.44 -20.33 -12.11
N ASN B 227 36.79 -19.31 -12.68
CA ASN B 227 36.31 -18.17 -11.92
C ASN B 227 37.45 -17.53 -11.12
N ILE B 228 38.58 -17.35 -11.79
CA ILE B 228 39.77 -16.72 -11.22
C ILE B 228 40.15 -15.51 -12.06
N ARG B 229 40.68 -14.48 -11.40
CA ARG B 229 41.32 -13.34 -12.03
C ARG B 229 42.83 -13.48 -11.87
N PRO B 230 43.49 -14.17 -12.80
CA PRO B 230 44.87 -14.61 -12.54
C PRO B 230 45.83 -13.46 -12.57
N ALA B 231 46.88 -13.58 -11.75
CA ALA B 231 47.96 -12.60 -11.63
C ALA B 231 49.13 -12.95 -12.56
N ASN B 232 48.80 -13.21 -13.82
CA ASN B 232 49.78 -13.53 -14.84
C ASN B 232 49.95 -12.38 -15.82
N LEU B 233 51.15 -12.29 -16.37
CA LEU B 233 51.46 -11.35 -17.43
C LEU B 233 52.02 -12.17 -18.58
N TYR B 234 51.49 -11.97 -19.77
CA TYR B 234 51.90 -12.73 -20.94
C TYR B 234 52.45 -11.75 -21.98
N ARG B 235 53.62 -12.06 -22.52
CA ARG B 235 54.12 -11.32 -23.68
C ARG B 235 53.94 -12.17 -24.93
N ILE B 236 53.36 -11.57 -25.97
CA ILE B 236 53.10 -12.24 -27.23
C ILE B 236 53.86 -11.44 -28.26
N ARG B 237 54.88 -12.04 -28.85
CA ARG B 237 55.70 -11.42 -29.86
C ARG B 237 55.34 -12.00 -31.23
N VAL B 238 55.34 -11.13 -32.23
CA VAL B 238 54.99 -11.48 -33.60
C VAL B 238 56.07 -10.98 -34.54
N ASP B 239 56.67 -11.88 -35.31
CA ASP B 239 57.58 -11.52 -36.36
C ASP B 239 56.90 -11.80 -37.68
N LEU B 240 57.05 -10.89 -38.64
CA LEU B 240 56.42 -11.02 -39.96
C LEU B 240 57.47 -11.06 -41.07
N PRO B 241 58.21 -12.17 -41.20
CA PRO B 241 59.15 -12.32 -42.30
C PRO B 241 58.41 -12.65 -43.59
N LEU B 242 58.33 -11.67 -44.49
CA LEU B 242 57.61 -11.84 -45.74
C LEU B 242 56.20 -12.37 -45.47
N GLY B 243 55.79 -13.35 -46.26
CA GLY B 243 54.46 -13.91 -46.12
C GLY B 243 54.29 -15.03 -45.11
N THR B 244 55.25 -15.29 -44.22
CA THR B 244 55.11 -16.38 -43.25
C THR B 244 55.20 -15.81 -41.84
N PRO B 245 54.07 -15.44 -41.23
CA PRO B 245 54.10 -14.90 -39.86
C PRO B 245 54.49 -15.93 -38.81
N ALA B 246 55.03 -15.44 -37.70
CA ALA B 246 55.36 -16.31 -36.56
C ALA B 246 55.02 -15.64 -35.24
N VAL B 247 54.40 -16.41 -34.33
CA VAL B 247 53.94 -15.92 -33.03
C VAL B 247 54.55 -16.75 -31.92
N ASN B 248 55.08 -16.08 -30.90
CA ASN B 248 55.66 -16.74 -29.74
C ASN B 248 55.21 -16.07 -28.46
N CYS B 249 54.87 -16.86 -27.45
CA CYS B 249 54.40 -16.33 -26.18
C CYS B 249 55.39 -16.69 -25.07
N THR B 250 55.50 -15.79 -24.08
CA THR B 250 56.36 -15.98 -22.91
C THR B 250 55.61 -15.54 -21.66
N VAL B 251 55.63 -16.37 -20.62
CA VAL B 251 55.08 -15.95 -19.33
C VAL B 251 56.12 -15.13 -18.58
N LEU B 252 55.71 -14.01 -17.99
CA LEU B 252 56.64 -13.16 -17.25
C LEU B 252 56.04 -13.00 -15.87
N PRO B 253 56.76 -13.35 -14.81
CA PRO B 253 56.21 -13.15 -13.47
C PRO B 253 56.03 -11.66 -13.18
N GLY B 254 55.27 -11.40 -12.11
CA GLY B 254 54.95 -10.04 -11.71
C GLY B 254 53.71 -9.45 -12.33
N GLY B 255 52.74 -10.29 -12.70
CA GLY B 255 51.54 -9.82 -13.35
C GLY B 255 50.51 -9.39 -12.32
N ILE B 256 49.82 -8.30 -12.62
CA ILE B 256 48.72 -7.86 -11.77
C ILE B 256 47.54 -8.79 -11.97
N SER B 257 46.68 -8.87 -10.95
CA SER B 257 45.44 -9.64 -11.00
C SER B 257 44.31 -8.62 -11.02
N VAL B 258 43.74 -8.39 -12.20
CA VAL B 258 42.67 -7.41 -12.33
C VAL B 258 41.87 -7.71 -13.59
N SER B 259 40.55 -7.64 -13.46
CA SER B 259 39.64 -7.68 -14.60
C SER B 259 39.00 -6.31 -14.77
N SER B 260 38.65 -5.99 -16.00
CA SER B 260 37.90 -4.78 -16.33
C SER B 260 38.64 -3.50 -15.95
N ALA B 261 39.97 -3.54 -15.83
CA ALA B 261 40.75 -2.34 -15.57
C ALA B 261 40.73 -1.41 -16.78
N ILE B 262 41.07 -0.16 -16.56
CA ILE B 262 41.17 0.83 -17.64
C ILE B 262 42.64 1.24 -17.81
N LEU B 263 43.02 1.50 -19.05
CA LEU B 263 44.40 1.79 -19.41
C LEU B 263 44.51 3.12 -20.14
N THR B 264 45.48 3.93 -19.74
CA THR B 264 45.69 5.21 -20.41
C THR B 264 47.19 5.41 -20.61
N GLN B 265 47.53 6.19 -21.61
CA GLN B 265 48.92 6.44 -21.92
C GLN B 265 49.25 7.84 -21.41
N THR B 266 50.21 7.90 -20.49
CA THR B 266 50.66 9.17 -19.93
C THR B 266 51.87 9.70 -20.68
N ASN B 267 52.77 8.81 -21.08
CA ASN B 267 53.84 9.24 -21.97
C ASN B 267 54.22 8.04 -22.80
N ASN B 268 55.00 8.29 -23.84
CA ASN B 268 55.50 7.19 -24.64
C ASN B 268 56.26 6.23 -23.72
N ASP B 269 56.00 4.95 -23.88
CA ASP B 269 56.58 3.87 -23.11
C ASP B 269 56.21 3.92 -21.63
N GLU B 270 55.24 4.75 -21.22
CA GLU B 270 54.67 4.65 -19.87
C GLU B 270 53.15 4.84 -19.89
N PHE B 271 52.48 3.87 -19.26
CA PHE B 271 51.03 3.74 -19.19
C PHE B 271 50.61 3.63 -17.74
N VAL B 272 49.37 4.03 -17.45
CA VAL B 272 48.80 3.91 -16.12
C VAL B 272 47.60 2.97 -16.21
N ILE B 273 47.51 2.07 -15.24
CA ILE B 273 46.40 1.14 -15.11
C ILE B 273 45.63 1.54 -13.86
N VAL B 274 44.38 1.94 -14.02
CA VAL B 274 43.54 2.32 -12.90
C VAL B 274 42.24 1.54 -12.92
N GLY B 275 41.63 1.38 -11.75
CA GLY B 275 40.33 0.74 -11.69
C GLY B 275 40.34 -0.76 -11.87
N GLY B 276 39.12 -1.31 -11.86
CA GLY B 276 38.86 -2.72 -12.08
C GLY B 276 38.49 -3.43 -10.80
N TYR B 277 38.44 -4.76 -10.90
CA TYR B 277 38.04 -5.64 -9.81
C TYR B 277 39.13 -6.65 -9.48
N GLN B 278 39.46 -6.79 -8.19
CA GLN B 278 40.38 -7.84 -7.73
C GLN B 278 39.64 -9.11 -7.32
N LEU B 279 38.43 -8.97 -6.78
CA LEU B 279 37.53 -10.08 -6.48
C LEU B 279 36.12 -9.66 -6.86
N GLU B 280 35.21 -10.62 -6.87
CA GLU B 280 33.83 -10.32 -7.29
C GLU B 280 33.22 -9.21 -6.42
N ASN B 281 33.46 -9.23 -5.12
CA ASN B 281 32.96 -8.21 -4.22
C ASN B 281 33.96 -7.10 -3.92
N GLN B 282 35.21 -7.22 -4.36
CA GLN B 282 36.21 -6.23 -4.03
C GLN B 282 36.64 -5.50 -5.30
N LYS B 283 37.02 -4.24 -5.12
CA LYS B 283 37.45 -3.40 -6.23
C LYS B 283 38.93 -3.10 -6.07
N ARG B 284 39.61 -2.96 -7.20
CA ARG B 284 41.03 -2.64 -7.17
C ARG B 284 41.15 -1.14 -7.00
N MET B 285 41.38 -0.71 -5.76
CA MET B 285 41.47 0.73 -5.48
C MET B 285 42.85 1.28 -5.79
N VAL B 286 43.86 0.42 -5.86
CA VAL B 286 45.24 0.80 -6.15
C VAL B 286 45.39 1.10 -7.63
N CYS B 287 46.50 1.72 -7.99
CA CYS B 287 46.82 2.03 -9.37
C CYS B 287 48.23 1.56 -9.69
N SER B 288 48.45 1.22 -10.95
CA SER B 288 49.74 0.72 -11.41
C SER B 288 50.28 1.62 -12.51
N LEU B 289 51.60 1.68 -12.58
CA LEU B 289 52.36 2.36 -13.62
C LEU B 289 53.17 1.30 -14.34
N VAL B 290 53.04 1.25 -15.66
CA VAL B 290 53.77 0.32 -16.49
C VAL B 290 54.72 1.14 -17.34
N SER B 291 56.01 0.83 -17.25
CA SER B 291 57.04 1.46 -18.05
C SER B 291 57.62 0.42 -19.00
N LEU B 292 57.71 0.77 -20.28
CA LEU B 292 58.07 -0.18 -21.32
C LEU B 292 59.52 -0.03 -21.75
N GLY B 293 60.21 -1.16 -21.91
CA GLY B 293 61.50 -1.22 -22.57
C GLY B 293 61.42 -2.04 -23.84
N ASP B 294 62.43 -1.94 -24.73
CA ASP B 294 62.33 -2.63 -26.01
C ASP B 294 62.19 -4.14 -25.83
N ASN B 295 62.67 -4.68 -24.71
CA ASN B 295 62.48 -6.09 -24.37
C ASN B 295 62.09 -6.29 -22.93
N THR B 296 61.80 -5.23 -22.20
CA THR B 296 61.44 -5.34 -20.80
C THR B 296 60.19 -4.52 -20.53
N ILE B 297 59.45 -4.96 -19.52
CA ILE B 297 58.22 -4.32 -19.08
C ILE B 297 58.27 -4.25 -17.57
N GLU B 298 57.94 -3.10 -17.01
CA GLU B 298 58.05 -2.89 -15.57
C GLU B 298 56.71 -2.43 -14.99
N ILE B 299 56.24 -3.13 -13.97
CA ILE B 299 54.98 -2.82 -13.30
C ILE B 299 55.29 -2.38 -11.87
N SER B 300 54.92 -1.13 -11.56
CA SER B 300 55.21 -0.51 -10.28
C SER B 300 53.90 0.01 -9.67
N GLU B 301 53.74 -0.22 -8.37
CA GLU B 301 52.62 0.41 -7.69
C GLU B 301 52.79 1.93 -7.71
N MET B 302 51.68 2.66 -7.82
CA MET B 302 51.77 4.10 -7.70
C MET B 302 50.81 4.57 -6.60
N GLU B 303 50.90 5.86 -6.29
CA GLU B 303 50.07 6.44 -5.23
C GLU B 303 48.59 6.37 -5.58
N THR B 304 47.80 5.79 -4.67
CA THR B 304 46.36 5.66 -4.93
C THR B 304 45.71 7.04 -4.89
N PRO B 305 44.76 7.32 -5.79
CA PRO B 305 44.16 8.64 -5.82
C PRO B 305 43.27 8.88 -4.63
N ASP B 306 42.82 10.12 -4.49
CA ASP B 306 41.98 10.52 -3.36
C ASP B 306 40.53 10.21 -3.72
N TRP B 307 40.19 8.93 -3.64
CA TRP B 307 38.83 8.49 -3.93
C TRP B 307 37.84 9.12 -2.94
N THR B 308 36.66 9.47 -3.43
CA THR B 308 35.60 9.91 -2.55
C THR B 308 34.92 8.69 -1.93
N SER B 309 34.08 8.95 -0.94
CA SER B 309 33.43 7.84 -0.24
C SER B 309 32.47 7.10 -1.16
N ASP B 310 31.83 7.84 -2.07
CA ASP B 310 30.92 7.23 -3.03
C ASP B 310 31.65 6.17 -3.86
N ILE B 311 32.83 6.53 -4.36
CA ILE B 311 33.63 5.59 -5.13
C ILE B 311 34.08 4.42 -4.25
N LYS B 312 34.51 4.71 -3.02
CA LYS B 312 35.05 3.66 -2.17
C LYS B 312 34.00 2.62 -1.87
N HIS B 313 32.75 3.05 -1.72
CA HIS B 313 31.68 2.16 -1.32
C HIS B 313 30.84 1.65 -2.48
N SER B 314 31.15 2.06 -3.71
CA SER B 314 30.38 1.57 -4.85
C SER B 314 30.73 0.11 -5.14
N LYS B 315 29.74 -0.69 -5.52
CA LYS B 315 30.14 -2.06 -5.82
C LYS B 315 30.73 -2.19 -7.23
N ILE B 316 30.19 -1.42 -8.18
CA ILE B 316 30.64 -1.46 -9.57
C ILE B 316 31.09 -0.06 -9.96
N TRP B 317 32.07 0.00 -10.84
CA TRP B 317 32.44 1.21 -11.56
C TRP B 317 32.84 0.84 -12.97
N PHE B 318 32.67 1.78 -13.89
CA PHE B 318 32.96 1.51 -15.28
C PHE B 318 33.54 2.76 -15.93
N GLY B 319 34.34 2.59 -16.97
CA GLY B 319 34.92 3.77 -17.56
C GLY B 319 35.67 3.46 -18.83
N SER B 320 36.23 4.54 -19.40
CA SER B 320 37.00 4.49 -20.63
C SER B 320 38.16 5.47 -20.57
N ASN B 321 39.13 5.26 -21.45
CA ASN B 321 40.26 6.18 -21.59
C ASN B 321 39.89 7.30 -22.54
N MET B 322 40.09 8.54 -22.11
CA MET B 322 39.81 9.67 -22.98
C MET B 322 40.94 9.94 -23.95
N GLY B 323 42.16 9.48 -23.63
CA GLY B 323 43.28 9.61 -24.55
C GLY B 323 44.40 10.47 -24.03
N ASN B 324 44.06 11.64 -23.48
CA ASN B 324 45.02 12.62 -23.01
C ASN B 324 45.44 12.34 -21.56
N GLY B 325 45.80 11.09 -21.30
CA GLY B 325 46.10 10.63 -19.96
C GLY B 325 44.98 10.83 -18.96
N THR B 326 43.73 10.96 -19.41
CA THR B 326 42.61 11.22 -18.52
C THR B 326 41.53 10.16 -18.75
N ILE B 327 41.01 9.62 -17.68
CA ILE B 327 39.99 8.58 -17.74
C ILE B 327 38.65 9.16 -17.34
N PHE B 328 37.59 8.65 -17.97
CA PHE B 328 36.21 9.00 -17.66
C PHE B 328 35.59 7.81 -16.94
N LEU B 329 35.20 8.03 -15.67
CA LEU B 329 34.73 7.01 -14.74
C LEU B 329 33.27 7.24 -14.35
N GLY B 330 32.63 6.15 -13.92
CA GLY B 330 31.24 6.19 -13.52
C GLY B 330 30.84 5.16 -12.48
N ILE B 331 29.93 5.57 -11.59
CA ILE B 331 29.34 4.67 -10.59
C ILE B 331 27.86 4.95 -10.49
N PRO B 332 27.08 3.93 -10.16
CA PRO B 332 25.64 4.13 -9.93
C PRO B 332 25.31 4.63 -8.53
N GLY B 333 24.22 5.41 -8.43
CA GLY B 333 23.71 5.84 -7.14
C GLY B 333 22.20 5.72 -7.06
N ASP B 334 21.71 5.41 -5.84
CA ASP B 334 20.27 5.24 -5.58
C ASP B 334 19.57 6.46 -4.99
N ASN B 335 19.01 6.29 -3.77
CA ASN B 335 18.22 7.25 -2.99
C ASN B 335 17.13 7.96 -3.79
N LYS B 336 17.21 9.28 -3.91
CA LYS B 336 16.11 10.09 -4.46
C LYS B 336 15.78 9.74 -5.91
N SER B 340 20.23 9.78 -6.38
CA SER B 340 19.10 10.23 -7.17
C SER B 340 19.34 9.91 -8.64
N GLU B 341 20.45 10.42 -9.18
CA GLU B 341 20.78 10.17 -10.57
C GLU B 341 21.12 8.70 -10.80
N ALA B 342 20.89 8.24 -12.02
CA ALA B 342 21.19 6.86 -12.38
C ALA B 342 22.68 6.58 -12.33
N PHE B 343 23.51 7.53 -12.80
CA PHE B 343 24.95 7.41 -12.79
C PHE B 343 25.60 8.75 -12.40
N TYR B 344 26.76 8.66 -11.76
CA TYR B 344 27.60 9.79 -11.36
C TYR B 344 28.99 9.59 -11.96
N PHE B 345 29.50 10.62 -12.64
CA PHE B 345 30.72 10.50 -13.46
C PHE B 345 31.84 11.43 -12.99
N TYR B 346 33.07 10.92 -13.10
CA TYR B 346 34.28 11.65 -12.70
C TYR B 346 35.33 11.58 -13.83
N THR B 347 36.30 12.49 -13.78
CA THR B 347 37.44 12.48 -14.68
C THR B 347 38.70 12.46 -13.84
N LEU B 348 39.51 11.44 -14.05
CA LEU B 348 40.76 11.26 -13.32
C LEU B 348 41.92 11.57 -14.25
N ARG B 349 42.69 12.61 -13.91
CA ARG B 349 43.78 13.09 -14.77
C ARG B 349 45.11 12.58 -14.26
N CYS B 350 46.08 12.51 -15.17
CA CYS B 350 47.43 12.03 -14.86
C CYS B 350 48.54 12.88 -15.52
N LEU C 13 -42.64 -44.98 0.72
CA LEU C 13 -43.05 -43.58 0.87
C LEU C 13 -41.91 -42.61 0.59
N LEU C 14 -40.68 -43.01 0.92
CA LEU C 14 -39.54 -42.12 0.74
C LEU C 14 -39.00 -42.14 -0.70
N SER C 15 -39.13 -43.27 -1.42
CA SER C 15 -38.79 -43.29 -2.85
C SER C 15 -39.70 -42.41 -3.68
N LEU C 16 -40.81 -41.94 -3.09
CA LEU C 16 -41.79 -41.03 -3.69
C LEU C 16 -41.28 -39.59 -3.68
N THR C 17 -41.82 -38.80 -4.60
CA THR C 17 -41.50 -37.39 -4.71
C THR C 17 -42.45 -36.57 -3.84
N ARG C 18 -42.37 -35.24 -3.98
CA ARG C 18 -42.98 -34.34 -3.01
C ARG C 18 -44.50 -34.35 -3.10
N ARG C 19 -45.04 -34.17 -4.32
CA ARG C 19 -46.50 -34.18 -4.47
C ARG C 19 -47.08 -35.50 -4.00
N ALA C 20 -46.37 -36.61 -4.27
CA ALA C 20 -46.79 -37.95 -3.86
C ALA C 20 -46.91 -38.06 -2.35
N GLN C 21 -45.84 -37.69 -1.64
CA GLN C 21 -45.84 -37.78 -0.19
C GLN C 21 -46.90 -36.86 0.43
N LYS C 22 -47.04 -35.66 -0.12
CA LYS C 22 -48.12 -34.77 0.32
C LYS C 22 -49.49 -35.43 0.19
N HIS C 23 -49.76 -36.05 -0.97
CA HIS C 23 -51.04 -36.73 -1.15
C HIS C 23 -51.23 -37.90 -0.20
N ARG C 24 -50.33 -38.90 -0.27
CA ARG C 24 -50.45 -40.14 0.51
C ARG C 24 -50.38 -39.90 2.01
N LEU C 25 -49.98 -38.71 2.45
CA LEU C 25 -50.02 -38.40 3.86
C LEU C 25 -51.04 -37.32 4.19
N ARG C 26 -51.79 -36.80 3.20
CA ARG C 26 -52.75 -35.74 3.44
C ARG C 26 -53.68 -36.02 4.60
N GLU C 27 -54.14 -37.28 4.75
CA GLU C 27 -55.09 -37.60 5.81
C GLU C 27 -54.46 -37.40 7.18
N LEU C 28 -53.28 -38.01 7.40
CA LEU C 28 -52.57 -37.83 8.66
C LEU C 28 -52.16 -36.38 8.85
N LYS C 29 -51.93 -35.66 7.75
CA LYS C 29 -51.62 -34.25 7.87
C LYS C 29 -52.79 -33.49 8.44
N ILE C 30 -54.00 -33.79 7.95
CA ILE C 30 -55.19 -33.12 8.46
C ILE C 30 -55.41 -33.47 9.93
N GLN C 31 -55.24 -34.76 10.27
CA GLN C 31 -55.43 -35.17 11.66
C GLN C 31 -54.38 -34.51 12.56
N VAL C 32 -53.14 -34.44 12.10
CA VAL C 32 -52.07 -33.87 12.90
C VAL C 32 -52.24 -32.36 13.05
N LYS C 33 -52.63 -31.67 11.98
CA LYS C 33 -52.90 -30.24 12.06
C LYS C 33 -54.07 -29.94 12.99
N GLU C 34 -55.10 -30.78 12.93
CA GLU C 34 -56.22 -30.64 13.86
C GLU C 34 -55.77 -30.79 15.30
N PHE C 35 -55.04 -31.88 15.59
CA PHE C 35 -54.55 -32.10 16.95
C PHE C 35 -53.65 -30.96 17.40
N ALA C 36 -52.79 -30.46 16.52
CA ALA C 36 -51.83 -29.43 16.87
C ALA C 36 -52.52 -28.11 17.15
N ASP C 37 -53.42 -27.70 16.25
CA ASP C 37 -54.15 -26.47 16.48
C ASP C 37 -55.03 -26.57 17.72
N LYS C 38 -55.56 -27.76 18.00
CA LYS C 38 -56.48 -27.94 19.13
C LYS C 38 -55.77 -28.10 20.47
N GLU C 39 -54.48 -28.46 20.49
CA GLU C 39 -53.78 -28.72 21.75
C GLU C 39 -52.61 -27.78 22.03
N GLU C 40 -51.96 -27.25 21.00
CA GLU C 40 -50.77 -26.40 21.19
C GLU C 40 -50.93 -25.03 20.53
N GLY C 41 -52.15 -24.64 20.17
CA GLY C 41 -52.39 -23.34 19.59
C GLY C 41 -51.90 -23.17 18.17
N GLY C 42 -51.78 -24.26 17.43
CA GLY C 42 -51.35 -24.21 16.04
C GLY C 42 -49.85 -24.31 15.83
N ASP C 43 -49.08 -24.69 16.85
CA ASP C 43 -47.63 -24.78 16.76
C ASP C 43 -47.28 -26.16 16.19
N VAL C 44 -47.51 -26.31 14.89
CA VAL C 44 -47.24 -27.58 14.22
C VAL C 44 -45.75 -27.91 14.28
N LYS C 45 -44.91 -26.89 14.10
CA LYS C 45 -43.46 -27.09 14.08
C LYS C 45 -42.97 -27.79 15.35
N ALA C 46 -43.34 -27.28 16.52
CA ALA C 46 -42.88 -27.87 17.77
C ALA C 46 -43.39 -29.30 17.91
N VAL C 47 -44.62 -29.55 17.46
CA VAL C 47 -45.19 -30.89 17.59
C VAL C 47 -44.44 -31.88 16.70
N CYS C 48 -44.16 -31.52 15.45
CA CYS C 48 -43.45 -32.45 14.58
C CYS C 48 -42.01 -32.65 15.02
N LEU C 49 -41.35 -31.58 15.46
CA LEU C 49 -39.98 -31.70 15.97
C LEU C 49 -39.91 -32.66 17.14
N THR C 50 -40.80 -32.48 18.13
CA THR C 50 -40.76 -33.35 19.30
C THR C 50 -41.18 -34.78 18.93
N LEU C 51 -42.16 -34.93 18.05
CA LEU C 51 -42.57 -36.27 17.62
C LEU C 51 -41.40 -37.02 17.02
N PHE C 52 -40.69 -36.38 16.08
CA PHE C 52 -39.61 -37.07 15.39
C PHE C 52 -38.42 -37.31 16.31
N LEU C 53 -38.06 -36.34 17.16
CA LEU C 53 -36.99 -36.57 18.12
C LEU C 53 -37.34 -37.72 19.06
N LEU C 54 -38.59 -37.76 19.54
CA LEU C 54 -38.97 -38.82 20.46
C LEU C 54 -38.99 -40.17 19.77
N ALA C 55 -39.43 -40.22 18.51
CA ALA C 55 -39.39 -41.47 17.76
C ALA C 55 -37.96 -41.94 17.58
N LEU C 56 -37.06 -41.03 17.18
CA LEU C 56 -35.66 -41.38 17.04
C LEU C 56 -35.11 -41.94 18.34
N ARG C 57 -35.38 -41.26 19.47
CA ARG C 57 -34.91 -41.77 20.75
C ARG C 57 -35.54 -43.11 21.09
N ALA C 58 -36.78 -43.32 20.65
CA ALA C 58 -37.45 -44.58 20.94
C ALA C 58 -36.77 -45.74 20.22
N ARG C 59 -36.25 -45.52 19.02
CA ARG C 59 -35.58 -46.54 18.23
C ARG C 59 -34.10 -46.74 18.59
N ASN C 60 -33.65 -46.21 19.73
CA ASN C 60 -32.26 -46.25 20.18
C ASN C 60 -31.30 -45.54 19.22
N GLU C 61 -31.83 -44.67 18.38
CA GLU C 61 -31.02 -43.95 17.40
C GLU C 61 -30.63 -42.59 17.98
N HIS C 62 -29.89 -42.67 19.09
CA HIS C 62 -29.46 -41.48 19.83
C HIS C 62 -28.53 -40.61 18.98
N ARG C 63 -27.72 -41.22 18.11
CA ARG C 63 -26.78 -40.44 17.31
C ARG C 63 -27.54 -39.45 16.41
N GLN C 64 -28.47 -39.95 15.61
CA GLN C 64 -29.22 -39.06 14.71
C GLN C 64 -30.11 -38.11 15.48
N ALA C 65 -30.66 -38.54 16.62
CA ALA C 65 -31.47 -37.63 17.43
C ALA C 65 -30.65 -36.48 17.97
N ASP C 66 -29.44 -36.79 18.48
CA ASP C 66 -28.54 -35.75 18.98
C ASP C 66 -28.09 -34.82 17.85
N GLU C 67 -27.80 -35.37 16.67
CA GLU C 67 -27.40 -34.51 15.57
C GLU C 67 -28.56 -33.62 15.12
N LEU C 68 -29.79 -34.12 15.15
CA LEU C 68 -30.96 -33.27 14.87
C LEU C 68 -31.12 -32.17 15.90
N GLU C 69 -30.96 -32.52 17.19
CA GLU C 69 -31.00 -31.50 18.23
C GLU C 69 -29.93 -30.45 18.00
N ALA C 70 -28.74 -30.88 17.57
CA ALA C 70 -27.64 -29.96 17.28
C ALA C 70 -27.90 -29.09 16.05
N ILE C 71 -28.59 -29.63 15.05
CA ILE C 71 -28.97 -28.84 13.87
C ILE C 71 -30.03 -27.82 14.25
N MET C 72 -30.87 -28.15 15.24
CA MET C 72 -31.80 -27.16 15.74
C MET C 72 -31.12 -26.17 16.70
N GLN C 73 -30.01 -26.57 17.33
CA GLN C 73 -29.20 -25.63 18.09
C GLN C 73 -28.10 -25.01 17.24
N GLY C 74 -27.92 -25.52 16.01
CA GLY C 74 -27.01 -24.93 15.06
C GLY C 74 -25.55 -25.25 15.29
N ARG C 75 -25.23 -26.45 15.79
CA ARG C 75 -23.86 -26.79 16.16
C ARG C 75 -23.17 -27.77 15.22
N GLY C 76 -23.91 -28.47 14.36
CA GLY C 76 -23.26 -29.46 13.50
C GLY C 76 -23.64 -29.33 12.04
N SER C 77 -22.63 -29.34 11.14
CA SER C 77 -22.71 -29.27 9.67
C SER C 77 -23.38 -28.01 9.13
N GLY C 78 -23.70 -27.04 9.98
CA GLY C 78 -24.18 -25.75 9.57
C GLY C 78 -23.50 -24.80 10.54
N LEU C 79 -22.74 -23.83 10.07
CA LEU C 79 -22.06 -22.90 10.94
C LEU C 79 -23.05 -21.82 11.38
N GLN C 80 -23.03 -21.51 12.68
CA GLN C 80 -23.84 -20.40 13.18
C GLN C 80 -23.37 -19.11 12.50
N PRO C 81 -24.28 -18.25 12.06
CA PRO C 81 -23.85 -16.99 11.42
C PRO C 81 -22.78 -16.26 12.23
N ALA C 82 -22.80 -16.40 13.57
CA ALA C 82 -21.75 -15.77 14.38
C ALA C 82 -20.40 -16.36 14.08
N VAL C 83 -20.35 -17.67 13.85
CA VAL C 83 -19.08 -18.30 13.49
C VAL C 83 -18.66 -17.89 12.08
N CYS C 84 -19.61 -17.79 11.15
CA CYS C 84 -19.26 -17.21 9.86
C CYS C 84 -18.67 -15.83 10.04
N LEU C 85 -19.29 -15.01 10.88
CA LEU C 85 -18.78 -13.66 11.11
C LEU C 85 -17.39 -13.72 11.71
N ALA C 86 -17.14 -14.64 12.63
CA ALA C 86 -15.82 -14.70 13.24
C ALA C 86 -14.80 -15.04 12.20
N ILE C 87 -15.13 -16.00 11.35
CA ILE C 87 -14.21 -16.37 10.28
C ILE C 87 -13.98 -15.18 9.34
N ARG C 88 -15.05 -14.67 8.73
CA ARG C 88 -14.92 -13.58 7.77
C ARG C 88 -14.12 -12.44 8.36
N VAL C 89 -14.62 -11.85 9.43
CA VAL C 89 -13.82 -10.79 10.05
C VAL C 89 -12.42 -11.27 10.27
N ASN C 90 -12.28 -12.39 10.99
CA ASN C 90 -10.91 -12.73 11.38
C ASN C 90 -9.96 -13.14 10.24
N THR C 91 -10.47 -13.32 9.04
CA THR C 91 -9.64 -13.58 7.87
C THR C 91 -9.61 -12.42 6.85
N PHE C 92 -10.26 -11.31 7.14
CA PHE C 92 -10.21 -10.10 6.36
C PHE C 92 -10.86 -10.27 5.00
N LEU C 93 -11.77 -11.22 4.85
CA LEU C 93 -12.49 -11.36 3.60
C LEU C 93 -13.46 -10.20 3.38
N SER C 94 -13.49 -9.66 2.16
CA SER C 94 -14.52 -8.68 1.81
C SER C 94 -15.86 -9.39 1.70
N CYS C 95 -16.93 -8.60 1.55
CA CYS C 95 -18.23 -9.22 1.39
C CYS C 95 -18.33 -9.95 0.07
N SER C 96 -17.75 -9.37 -0.99
CA SER C 96 -17.72 -10.03 -2.30
C SER C 96 -16.98 -11.35 -2.22
N GLN C 97 -15.79 -11.35 -1.63
CA GLN C 97 -15.04 -12.58 -1.45
C GLN C 97 -15.83 -13.57 -0.62
N TYR C 98 -16.31 -13.15 0.55
CA TYR C 98 -17.06 -14.05 1.41
C TYR C 98 -18.23 -14.66 0.65
N HIS C 99 -18.98 -13.83 -0.09
CA HIS C 99 -20.14 -14.36 -0.81
C HIS C 99 -19.71 -15.36 -1.87
N LYS C 100 -18.61 -15.09 -2.57
CA LYS C 100 -18.10 -16.07 -3.54
C LYS C 100 -17.81 -17.40 -2.87
N MET C 101 -17.13 -17.39 -1.73
CA MET C 101 -16.85 -18.66 -1.06
C MET C 101 -18.13 -19.34 -0.60
N TYR C 102 -19.07 -18.55 -0.08
CA TYR C 102 -20.33 -19.10 0.39
C TYR C 102 -21.10 -19.77 -0.74
N ARG C 103 -21.27 -19.05 -1.85
CA ARG C 103 -22.06 -19.58 -2.94
C ARG C 103 -21.39 -20.78 -3.54
N THR C 104 -20.06 -20.76 -3.59
CA THR C 104 -19.36 -21.88 -4.21
C THR C 104 -19.45 -23.12 -3.34
N VAL C 105 -19.16 -23.00 -2.04
CA VAL C 105 -19.21 -24.20 -1.21
C VAL C 105 -20.62 -24.77 -1.21
N LYS C 106 -21.63 -23.89 -1.19
CA LYS C 106 -23.01 -24.37 -1.18
C LYS C 106 -23.32 -25.09 -2.48
N ALA C 107 -22.87 -24.55 -3.62
CA ALA C 107 -23.18 -25.18 -4.89
C ALA C 107 -22.48 -26.52 -5.01
N ILE C 108 -21.28 -26.66 -4.49
CA ILE C 108 -20.54 -27.90 -4.72
C ILE C 108 -20.89 -29.00 -3.71
N THR C 109 -21.21 -28.64 -2.46
CA THR C 109 -21.65 -29.60 -1.45
C THR C 109 -23.16 -29.69 -1.29
N GLY C 110 -23.93 -28.82 -1.96
CA GLY C 110 -25.38 -28.81 -1.82
C GLY C 110 -25.89 -28.30 -0.50
N ARG C 111 -25.06 -28.36 0.53
CA ARG C 111 -25.39 -27.90 1.87
C ARG C 111 -24.90 -26.48 2.08
N GLN C 112 -25.61 -25.73 2.93
CA GLN C 112 -25.32 -24.32 3.18
C GLN C 112 -24.44 -24.22 4.42
N ILE C 113 -23.16 -24.58 4.24
CA ILE C 113 -22.24 -24.63 5.38
C ILE C 113 -21.99 -23.26 5.96
N PHE C 114 -21.69 -22.29 5.12
CA PHE C 114 -21.58 -20.91 5.55
C PHE C 114 -22.94 -20.23 5.39
N GLN C 115 -23.20 -19.24 6.21
CA GLN C 115 -24.46 -18.54 6.15
C GLN C 115 -24.36 -17.34 5.21
N PRO C 116 -25.49 -16.86 4.72
CA PRO C 116 -25.47 -15.74 3.77
C PRO C 116 -25.10 -14.43 4.43
N LEU C 117 -24.94 -13.42 3.57
CA LEU C 117 -24.44 -12.14 4.02
C LEU C 117 -25.41 -11.42 4.94
N HIS C 118 -26.72 -11.56 4.68
CA HIS C 118 -27.68 -10.90 5.55
C HIS C 118 -27.65 -11.50 6.96
N ALA C 119 -27.41 -12.80 7.05
CA ALA C 119 -27.28 -13.40 8.37
C ALA C 119 -26.06 -12.86 9.11
N LEU C 120 -24.96 -12.62 8.41
CA LEU C 120 -23.81 -12.08 9.10
C LEU C 120 -24.07 -10.66 9.58
N ARG C 121 -24.78 -9.84 8.78
CA ARG C 121 -25.08 -8.48 9.27
C ARG C 121 -25.93 -8.54 10.54
N ASN C 122 -26.95 -9.39 10.52
CA ASN C 122 -27.81 -9.50 11.68
C ASN C 122 -27.01 -9.97 12.90
N ALA C 123 -26.06 -10.89 12.72
CA ALA C 123 -25.19 -11.31 13.83
C ALA C 123 -24.24 -10.20 14.24
N GLU C 124 -23.88 -9.31 13.31
CA GLU C 124 -23.07 -8.16 13.69
C GLU C 124 -23.78 -7.25 14.67
N LYS C 125 -25.09 -7.00 14.44
CA LYS C 125 -25.80 -6.02 15.26
C LYS C 125 -25.67 -6.35 16.75
N VAL C 126 -25.75 -7.64 17.09
CA VAL C 126 -25.66 -8.07 18.48
C VAL C 126 -24.31 -7.74 19.09
N LEU C 127 -23.25 -7.84 18.28
CA LEU C 127 -21.92 -7.70 18.82
C LEU C 127 -21.43 -6.27 18.81
N LEU C 128 -22.17 -5.38 18.19
CA LEU C 128 -21.84 -3.94 18.11
C LEU C 128 -22.50 -3.17 19.24
N PRO C 129 -21.88 -2.10 19.69
CA PRO C 129 -22.50 -1.24 20.69
C PRO C 129 -23.88 -0.74 20.24
N GLY C 130 -24.76 -0.52 21.22
CA GLY C 130 -26.09 0.02 20.95
C GLY C 130 -27.21 -0.98 20.84
N TYR C 131 -27.00 -2.23 21.26
CA TYR C 131 -28.00 -3.27 21.05
C TYR C 131 -28.73 -3.61 22.34
N HIS C 132 -27.99 -3.88 23.41
CA HIS C 132 -28.66 -4.21 24.65
C HIS C 132 -29.11 -2.97 25.41
N PRO C 133 -30.19 -3.08 26.19
CA PRO C 133 -30.63 -1.97 27.03
C PRO C 133 -29.94 -2.01 28.38
N PHE C 134 -29.83 -0.83 28.98
CA PHE C 134 -29.11 -0.68 30.24
C PHE C 134 -29.62 0.58 30.95
N GLU C 135 -29.18 0.77 32.18
CA GLU C 135 -29.51 1.98 32.93
C GLU C 135 -28.32 2.47 33.74
N TRP C 136 -28.25 3.78 33.94
CA TRP C 136 -27.28 4.37 34.85
C TRP C 136 -28.03 5.03 36.00
N GLN C 137 -27.65 4.69 37.22
CA GLN C 137 -28.30 5.29 38.38
C GLN C 137 -27.24 5.90 39.29
N PRO C 138 -27.21 7.22 39.41
CA PRO C 138 -28.17 8.10 38.74
C PRO C 138 -27.83 8.38 37.27
N PRO C 139 -28.81 8.79 36.46
CA PRO C 139 -28.53 9.05 35.04
C PRO C 139 -27.30 9.91 34.84
N LEU C 140 -26.55 9.57 33.80
CA LEU C 140 -25.25 10.18 33.59
C LEU C 140 -25.41 11.64 33.21
N LYS C 141 -24.52 12.47 33.73
CA LYS C 141 -24.60 13.92 33.54
C LYS C 141 -24.24 14.30 32.11
N ASN C 142 -25.18 14.92 31.39
CA ASN C 142 -24.95 15.42 30.03
C ASN C 142 -24.77 14.32 29.00
N VAL C 143 -25.15 13.08 29.34
CA VAL C 143 -25.11 11.97 28.40
C VAL C 143 -26.54 11.56 28.11
N SER C 144 -26.82 11.29 26.84
CA SER C 144 -28.15 10.83 26.50
C SER C 144 -28.41 9.50 27.20
N SER C 145 -29.67 9.27 27.52
CA SER C 145 -30.04 7.97 28.06
C SER C 145 -30.40 6.98 26.97
N ARG C 146 -30.44 7.39 25.70
CA ARG C 146 -30.80 6.46 24.63
C ARG C 146 -29.79 5.33 24.59
N THR C 147 -30.27 4.10 24.53
CA THR C 147 -29.38 2.97 24.55
C THR C 147 -29.19 2.33 23.18
N ASP C 148 -29.95 2.77 22.17
CA ASP C 148 -29.83 2.23 20.82
C ASP C 148 -28.84 3.01 19.98
N VAL C 149 -27.84 3.63 20.60
CA VAL C 149 -26.87 4.43 19.87
C VAL C 149 -25.65 3.58 19.63
N GLY C 150 -25.15 3.59 18.39
CA GLY C 150 -23.95 2.87 18.03
C GLY C 150 -22.78 3.74 17.62
N ILE C 151 -22.38 3.63 16.34
CA ILE C 151 -21.37 4.51 15.77
C ILE C 151 -21.97 5.89 15.57
N ILE C 152 -21.27 6.90 16.10
CA ILE C 152 -21.68 8.30 16.04
C ILE C 152 -20.50 9.12 15.58
N ASP C 153 -20.80 10.29 15.02
CA ASP C 153 -19.75 11.12 14.45
C ASP C 153 -18.74 11.59 15.49
N GLY C 154 -17.46 11.31 15.21
CA GLY C 154 -16.40 11.61 16.15
C GLY C 154 -16.19 13.08 16.40
N LEU C 155 -16.68 13.92 15.50
CA LEU C 155 -16.61 15.36 15.66
C LEU C 155 -17.59 15.87 16.71
N SER C 156 -18.58 15.08 17.08
CA SER C 156 -19.52 15.44 18.15
C SER C 156 -20.13 16.81 17.89
N GLY C 157 -20.63 17.02 16.66
CA GLY C 157 -21.30 18.27 16.34
C GLY C 157 -20.42 19.49 16.16
N LEU C 158 -19.11 19.32 15.99
CA LEU C 158 -18.20 20.43 15.72
C LEU C 158 -18.66 21.22 14.50
N ALA C 159 -18.69 22.54 14.62
CA ALA C 159 -19.14 23.37 13.50
C ALA C 159 -18.17 23.24 12.32
N SER C 160 -18.74 23.20 11.11
CA SER C 160 -17.97 22.97 9.89
C SER C 160 -18.15 24.07 8.84
N SER C 161 -18.86 25.15 9.16
CA SER C 161 -19.07 26.23 8.20
C SER C 161 -17.73 26.87 7.81
N VAL C 162 -17.74 27.53 6.65
CA VAL C 162 -16.51 28.15 6.16
C VAL C 162 -16.01 29.24 7.09
N ASP C 163 -16.89 29.83 7.89
CA ASP C 163 -16.47 30.88 8.83
C ASP C 163 -15.68 30.30 9.98
N GLU C 164 -16.09 29.12 10.46
CA GLU C 164 -15.50 28.53 11.64
C GLU C 164 -14.08 28.05 11.37
N TYR C 165 -13.44 27.54 12.40
CA TYR C 165 -12.11 26.99 12.24
C TYR C 165 -12.16 25.86 11.23
N PRO C 166 -11.12 25.71 10.40
CA PRO C 166 -11.17 24.67 9.36
C PRO C 166 -10.99 23.29 9.96
N VAL C 167 -11.92 22.39 9.62
CA VAL C 167 -11.89 21.01 10.10
C VAL C 167 -11.29 20.13 9.01
N ASP C 168 -10.09 19.59 9.26
CA ASP C 168 -9.35 18.80 8.30
C ASP C 168 -9.42 17.30 8.60
N THR C 169 -10.35 16.88 9.46
CA THR C 169 -10.32 15.53 10.01
C THR C 169 -11.67 14.82 9.96
N ILE C 170 -11.62 13.51 9.75
CA ILE C 170 -12.78 12.64 9.82
C ILE C 170 -12.49 11.61 10.91
N ALA C 171 -13.49 11.37 11.76
CA ALA C 171 -13.36 10.46 12.89
C ALA C 171 -14.71 9.85 13.18
N LYS C 172 -14.69 8.65 13.74
CA LYS C 172 -15.93 8.01 14.16
C LYS C 172 -15.71 7.36 15.51
N ARG C 173 -16.77 7.31 16.32
CA ARG C 173 -16.59 6.81 17.68
C ARG C 173 -17.84 6.10 18.14
N PHE C 174 -17.69 5.47 19.30
CA PHE C 174 -18.79 4.97 20.12
C PHE C 174 -19.03 5.91 21.31
N ARG C 175 -20.25 5.89 21.82
CA ARG C 175 -20.47 6.52 23.11
C ARG C 175 -19.90 5.60 24.17
N TYR C 176 -19.07 6.16 25.05
CA TYR C 176 -18.18 5.35 25.89
C TYR C 176 -18.96 4.37 26.75
N ASP C 177 -20.10 4.80 27.29
CA ASP C 177 -20.93 3.88 28.06
C ASP C 177 -21.46 2.73 27.21
N SER C 178 -22.03 3.02 26.03
CA SER C 178 -22.59 1.94 25.20
C SER C 178 -21.53 0.90 24.90
N ALA C 179 -20.31 1.36 24.63
CA ALA C 179 -19.21 0.45 24.36
C ALA C 179 -18.89 -0.40 25.59
N LEU C 180 -18.89 0.22 26.78
CA LEU C 180 -18.70 -0.61 27.97
C LEU C 180 -19.77 -1.68 28.05
N VAL C 181 -21.01 -1.33 27.75
CA VAL C 181 -22.11 -2.28 27.76
C VAL C 181 -21.85 -3.45 26.81
N SER C 182 -21.43 -3.13 25.58
CA SER C 182 -21.19 -4.19 24.59
C SER C 182 -20.02 -5.05 24.99
N ALA C 183 -18.98 -4.46 25.56
CA ALA C 183 -17.83 -5.25 25.94
C ALA C 183 -18.19 -6.21 27.08
N LEU C 184 -18.98 -5.74 28.06
CA LEU C 184 -19.42 -6.64 29.13
C LEU C 184 -20.30 -7.75 28.57
N MET C 185 -21.27 -7.40 27.73
CA MET C 185 -22.12 -8.45 27.19
C MET C 185 -21.30 -9.46 26.39
N ASP C 186 -20.30 -8.98 25.66
CA ASP C 186 -19.35 -9.85 24.97
C ASP C 186 -18.70 -10.84 25.94
N MET C 187 -18.26 -10.37 27.11
CA MET C 187 -17.59 -11.29 28.02
C MET C 187 -18.52 -11.99 29.02
N GLU C 188 -19.84 -11.85 28.88
CA GLU C 188 -20.79 -12.49 29.79
C GLU C 188 -20.42 -13.93 30.14
N GLU C 189 -20.08 -14.72 29.12
CA GLU C 189 -19.78 -16.13 29.32
C GLU C 189 -18.59 -16.31 30.26
N ASP C 190 -17.57 -15.49 30.09
CA ASP C 190 -16.42 -15.59 30.98
C ASP C 190 -16.80 -15.15 32.38
N ILE C 191 -17.69 -14.16 32.50
CA ILE C 191 -18.05 -13.68 33.84
C ILE C 191 -18.83 -14.74 34.60
N LEU C 192 -19.84 -15.32 33.96
CA LEU C 192 -20.57 -16.38 34.63
C LEU C 192 -19.64 -17.53 34.99
N GLU C 193 -18.84 -18.00 34.03
CA GLU C 193 -18.00 -19.14 34.35
C GLU C 193 -16.97 -18.84 35.43
N GLY C 194 -16.51 -17.60 35.51
CA GLY C 194 -15.57 -17.25 36.57
C GLY C 194 -16.25 -17.23 37.92
N MET C 195 -17.50 -16.75 37.95
CA MET C 195 -18.30 -16.86 39.16
C MET C 195 -18.43 -18.31 39.61
N ARG C 196 -18.71 -19.21 38.67
CA ARG C 196 -18.74 -20.63 39.01
C ARG C 196 -17.38 -21.06 39.56
N SER C 197 -16.30 -20.69 38.88
CA SER C 197 -14.97 -21.16 39.25
C SER C 197 -14.53 -20.68 40.63
N GLN C 198 -15.12 -19.60 41.14
CA GLN C 198 -14.82 -19.17 42.49
C GLN C 198 -15.79 -19.75 43.51
N ASP C 199 -16.54 -20.79 43.14
CA ASP C 199 -17.52 -21.43 44.02
C ASP C 199 -18.63 -20.47 44.38
N LEU C 200 -19.02 -19.59 43.46
CA LEU C 200 -20.13 -18.69 43.71
C LEU C 200 -21.31 -19.04 42.81
N ASP C 201 -22.45 -18.43 43.10
CA ASP C 201 -23.69 -18.75 42.42
C ASP C 201 -23.83 -17.91 41.16
N ASP C 202 -24.34 -18.56 40.10
CA ASP C 202 -24.57 -17.89 38.83
C ASP C 202 -25.45 -16.66 38.96
N TYR C 203 -26.48 -16.73 39.81
CA TYR C 203 -27.49 -15.68 39.82
C TYR C 203 -27.12 -14.47 40.66
N LEU C 204 -26.02 -14.52 41.43
CA LEU C 204 -25.65 -13.36 42.23
C LEU C 204 -25.57 -12.13 41.35
N ASN C 205 -25.97 -10.98 41.90
CA ASN C 205 -25.93 -9.74 41.15
C ASN C 205 -25.26 -8.60 41.88
N GLY C 206 -24.78 -8.84 43.12
CA GLY C 206 -24.20 -7.82 43.96
C GLY C 206 -23.14 -7.07 43.19
N PRO C 207 -22.83 -5.84 43.63
CA PRO C 207 -22.05 -4.93 42.78
C PRO C 207 -20.73 -5.50 42.28
N PHE C 208 -20.71 -5.76 40.97
CA PHE C 208 -19.45 -6.04 40.30
C PHE C 208 -18.68 -4.75 40.05
N THR C 209 -17.38 -4.79 40.32
CA THR C 209 -16.46 -3.70 40.01
C THR C 209 -15.56 -4.09 38.84
N VAL C 210 -15.61 -3.28 37.77
CA VAL C 210 -14.85 -3.45 36.53
C VAL C 210 -13.70 -2.44 36.52
N VAL C 211 -12.48 -2.93 36.44
CA VAL C 211 -11.32 -2.08 36.24
C VAL C 211 -11.04 -2.00 34.74
N VAL C 212 -10.72 -0.81 34.24
CA VAL C 212 -10.67 -0.54 32.81
C VAL C 212 -9.39 0.22 32.51
N LYS C 213 -8.46 -0.41 31.79
CA LYS C 213 -7.28 0.31 31.34
C LYS C 213 -7.68 1.17 30.16
N GLU C 214 -7.42 2.46 30.27
CA GLU C 214 -7.74 3.42 29.23
C GLU C 214 -6.44 3.78 28.52
N SER C 215 -6.51 3.95 27.19
CA SER C 215 -5.33 3.89 26.34
C SER C 215 -5.46 4.88 25.16
N CYS C 216 -4.31 5.38 24.70
CA CYS C 216 -4.33 6.37 23.62
C CYS C 216 -2.96 6.44 22.96
N ASP C 217 -2.95 6.36 21.62
CA ASP C 217 -1.71 6.46 20.85
C ASP C 217 -2.04 6.99 19.47
N GLY C 218 -1.06 7.68 18.89
CA GLY C 218 -1.11 7.99 17.47
C GLY C 218 -0.54 6.85 16.67
N MET C 219 -1.07 6.64 15.47
CA MET C 219 -0.70 5.46 14.71
C MET C 219 0.23 5.74 13.53
N GLY C 220 0.96 6.85 13.55
CA GLY C 220 1.88 7.15 12.46
C GLY C 220 1.17 7.45 11.15
N ASP C 221 1.87 7.16 10.04
CA ASP C 221 1.30 7.28 8.69
C ASP C 221 0.34 6.12 8.44
N VAL C 222 -0.91 6.45 8.14
CA VAL C 222 -1.87 5.43 7.72
C VAL C 222 -2.03 5.39 6.19
N SER C 223 -1.51 6.39 5.47
CA SER C 223 -1.83 6.60 4.05
C SER C 223 -1.71 5.35 3.19
N GLU C 224 -2.60 5.25 2.20
CA GLU C 224 -2.46 4.35 1.05
C GLU C 224 -2.03 5.15 -0.18
N LYS C 225 -0.96 4.71 -0.85
CA LYS C 225 -0.41 5.49 -1.96
C LYS C 225 0.02 4.66 -3.16
N VAL C 232 1.93 12.16 0.58
CA VAL C 232 1.39 12.92 1.71
C VAL C 232 1.09 11.98 2.86
N PRO C 233 1.42 12.40 4.08
CA PRO C 233 1.18 11.56 5.25
C PRO C 233 -0.20 11.78 5.81
N GLU C 234 -0.84 10.68 6.19
CA GLU C 234 -2.17 10.70 6.79
C GLU C 234 -2.05 10.02 8.14
N LYS C 235 -2.14 10.79 9.22
CA LYS C 235 -1.93 10.28 10.56
C LYS C 235 -3.25 9.95 11.25
N ALA C 236 -3.21 8.98 12.16
CA ALA C 236 -4.42 8.57 12.86
C ALA C 236 -4.19 8.40 14.36
N VAL C 237 -5.19 8.78 15.14
CA VAL C 237 -5.23 8.57 16.59
C VAL C 237 -6.29 7.54 16.91
N ARG C 238 -5.92 6.63 17.80
CA ARG C 238 -6.81 5.59 18.27
C ARG C 238 -6.96 5.71 19.77
N PHE C 239 -8.20 5.94 20.23
CA PHE C 239 -8.52 5.98 21.65
C PHE C 239 -9.28 4.70 21.96
N SER C 240 -8.79 3.92 22.92
CA SER C 240 -9.25 2.55 23.09
C SER C 240 -9.27 2.18 24.58
N PHE C 241 -9.93 1.07 24.91
CA PHE C 241 -9.96 0.59 26.30
C PHE C 241 -9.87 -0.92 26.37
N THR C 242 -9.50 -1.38 27.56
CA THR C 242 -9.28 -2.77 27.90
C THR C 242 -9.89 -3.06 29.26
N VAL C 243 -10.82 -4.00 29.32
CA VAL C 243 -11.36 -4.52 30.58
C VAL C 243 -10.27 -5.33 31.26
N MET C 244 -9.81 -4.89 32.41
CA MET C 244 -8.62 -5.50 32.98
C MET C 244 -8.92 -6.56 34.02
N ARG C 245 -10.08 -6.46 34.67
CA ARG C 245 -10.41 -7.22 35.87
C ARG C 245 -11.84 -6.93 36.25
N ILE C 246 -12.57 -7.97 36.64
CA ILE C 246 -13.93 -7.82 37.15
C ILE C 246 -14.04 -8.63 38.43
N THR C 247 -14.27 -7.93 39.55
CA THR C 247 -14.46 -8.54 40.87
C THR C 247 -15.91 -8.44 41.33
N ILE C 248 -16.33 -9.42 42.12
CA ILE C 248 -17.66 -9.40 42.72
C ILE C 248 -17.49 -9.40 44.23
N GLU C 249 -18.44 -8.78 44.90
CA GLU C 249 -18.41 -8.61 46.35
C GLU C 249 -19.29 -9.66 47.01
N HIS C 250 -18.67 -10.53 47.79
CA HIS C 250 -19.38 -11.59 48.49
C HIS C 250 -19.11 -11.38 49.97
N GLY C 251 -20.12 -10.95 50.70
CA GLY C 251 -19.92 -10.61 52.08
C GLY C 251 -19.07 -9.36 52.11
N SER C 252 -17.86 -9.49 52.63
CA SER C 252 -16.89 -8.42 52.61
C SER C 252 -15.57 -8.94 52.13
N GLN C 253 -15.59 -9.84 51.16
CA GLN C 253 -14.40 -10.20 50.41
C GLN C 253 -14.67 -9.84 48.96
N ASN C 254 -13.70 -9.22 48.30
CA ASN C 254 -13.80 -8.93 46.88
C ASN C 254 -13.13 -10.04 46.12
N VAL C 255 -13.92 -10.92 45.53
CA VAL C 255 -13.39 -12.08 44.84
C VAL C 255 -13.37 -11.78 43.35
N LYS C 256 -12.24 -12.04 42.69
CA LYS C 256 -12.16 -11.74 41.27
C LYS C 256 -12.84 -12.83 40.46
N VAL C 257 -13.65 -12.41 39.51
CA VAL C 257 -14.43 -13.28 38.66
C VAL C 257 -13.76 -13.38 37.30
N PHE C 258 -13.00 -12.35 36.92
CA PHE C 258 -12.34 -12.35 35.62
C PHE C 258 -11.11 -11.47 35.62
N GLU C 259 -10.03 -11.94 35.00
CA GLU C 259 -9.02 -10.95 34.64
C GLU C 259 -8.39 -11.35 33.33
N GLU C 260 -8.10 -10.35 32.51
CA GLU C 260 -7.56 -10.58 31.18
C GLU C 260 -6.21 -11.26 31.26
N PRO C 261 -5.97 -12.31 30.49
CA PRO C 261 -4.64 -12.93 30.54
C PRO C 261 -3.60 -12.12 29.80
N LYS C 262 -3.95 -11.58 28.63
CA LYS C 262 -3.03 -10.76 27.84
C LYS C 262 -3.56 -9.33 27.78
N PRO C 263 -3.26 -8.54 28.83
CA PRO C 263 -3.65 -7.11 28.86
C PRO C 263 -3.15 -6.30 27.69
N ASN C 264 -1.95 -6.58 27.20
CA ASN C 264 -1.36 -5.73 26.19
C ASN C 264 -1.66 -6.21 24.78
N SER C 265 -2.44 -7.25 24.62
CA SER C 265 -2.69 -7.79 23.29
C SER C 265 -3.53 -6.83 22.46
N GLU C 266 -3.33 -6.87 21.14
CA GLU C 266 -4.17 -6.10 20.23
C GLU C 266 -5.62 -6.59 20.29
N LEU C 267 -5.80 -7.78 20.84
CA LEU C 267 -7.02 -8.55 20.68
C LEU C 267 -8.11 -8.10 21.62
N CYS C 268 -7.72 -7.65 22.82
CA CYS C 268 -8.65 -7.21 23.86
C CYS C 268 -8.64 -5.69 24.04
N CYS C 269 -8.02 -4.97 23.12
CA CYS C 269 -7.93 -3.52 23.16
C CYS C 269 -9.15 -2.94 22.43
N LYS C 270 -10.22 -2.72 23.16
CA LYS C 270 -11.48 -2.39 22.51
C LYS C 270 -11.47 -0.97 21.98
N PRO C 271 -11.63 -0.76 20.68
CA PRO C 271 -11.57 0.60 20.10
C PRO C 271 -12.76 1.46 20.49
N LEU C 272 -12.48 2.69 20.87
CA LEU C 272 -13.50 3.65 21.28
C LEU C 272 -13.72 4.78 20.28
N CYS C 273 -12.65 5.37 19.78
CA CYS C 273 -12.74 6.34 18.69
C CYS C 273 -11.54 6.16 17.77
N LEU C 274 -11.75 6.22 16.45
CA LEU C 274 -10.65 6.33 15.50
C LEU C 274 -10.76 7.63 14.71
N MET C 275 -9.64 8.35 14.62
CA MET C 275 -9.64 9.62 13.93
C MET C 275 -8.43 9.74 13.02
N LEU C 276 -8.60 10.55 11.97
CA LEU C 276 -7.55 10.84 11.00
C LEU C 276 -6.92 12.21 11.31
N ALA C 277 -6.05 12.21 12.32
CA ALA C 277 -5.47 13.45 12.82
C ALA C 277 -4.11 13.17 13.48
N ASP C 278 -3.35 14.25 13.68
CA ASP C 278 -2.02 14.20 14.28
C ASP C 278 -2.15 14.27 15.80
N GLU C 279 -1.48 13.36 16.51
CA GLU C 279 -1.55 13.40 17.96
C GLU C 279 -1.00 14.72 18.53
N SER C 280 -0.22 15.46 17.75
CA SER C 280 0.30 16.74 18.17
C SER C 280 -0.55 17.89 17.69
N ASP C 281 -1.67 17.61 17.04
CA ASP C 281 -2.59 18.66 16.60
C ASP C 281 -3.53 18.98 17.75
N HIS C 282 -3.02 19.74 18.73
CA HIS C 282 -3.72 19.85 20.00
C HIS C 282 -5.17 20.28 19.83
N GLU C 283 -5.44 21.31 19.02
CA GLU C 283 -6.80 21.84 18.91
C GLU C 283 -7.79 20.76 18.50
N THR C 284 -7.45 19.99 17.47
CA THR C 284 -8.32 18.95 16.98
C THR C 284 -8.48 17.85 18.02
N LEU C 285 -7.37 17.46 18.64
CA LEU C 285 -7.40 16.37 19.60
C LEU C 285 -8.36 16.67 20.74
N THR C 286 -8.16 17.80 21.40
CA THR C 286 -9.10 18.16 22.45
C THR C 286 -10.52 18.23 21.91
N ALA C 287 -10.72 18.80 20.72
CA ALA C 287 -12.08 18.90 20.20
C ALA C 287 -12.75 17.54 20.07
N ILE C 288 -11.99 16.51 19.67
CA ILE C 288 -12.60 15.21 19.38
C ILE C 288 -12.69 14.34 20.62
N LEU C 289 -11.67 14.39 21.48
CA LEU C 289 -11.62 13.54 22.65
C LEU C 289 -12.42 14.11 23.82
N SER C 290 -12.62 15.41 23.88
CA SER C 290 -13.26 15.96 25.06
C SER C 290 -14.65 15.37 25.32
N PRO C 291 -15.51 15.16 24.34
CA PRO C 291 -16.78 14.47 24.67
C PRO C 291 -16.59 13.11 25.30
N LEU C 292 -15.61 12.34 24.84
CA LEU C 292 -15.37 11.03 25.44
C LEU C 292 -15.01 11.16 26.89
N ILE C 293 -14.09 12.07 27.19
CA ILE C 293 -13.71 12.28 28.58
C ILE C 293 -14.92 12.73 29.39
N ALA C 294 -15.74 13.62 28.85
CA ALA C 294 -16.96 14.03 29.54
C ALA C 294 -17.80 12.82 29.94
N GLU C 295 -18.01 11.90 28.99
CA GLU C 295 -18.73 10.66 29.27
C GLU C 295 -18.05 9.83 30.35
N ARG C 296 -16.73 9.72 30.31
CA ARG C 296 -16.08 8.88 31.31
C ARG C 296 -16.18 9.51 32.70
N GLU C 297 -15.96 10.82 32.78
CA GLU C 297 -16.23 11.54 34.01
C GLU C 297 -17.61 11.20 34.53
N ALA C 298 -18.61 11.29 33.66
CA ALA C 298 -19.98 10.95 34.05
C ALA C 298 -20.03 9.57 34.68
N MET C 299 -19.37 8.59 34.05
CA MET C 299 -19.48 7.26 34.60
C MET C 299 -18.74 7.10 35.92
N LYS C 300 -17.84 8.01 36.29
CA LYS C 300 -17.10 7.82 37.53
C LYS C 300 -17.97 7.85 38.79
N SER C 301 -19.24 8.25 38.69
CA SER C 301 -20.11 8.41 39.85
C SER C 301 -21.53 7.96 39.51
N SER C 302 -21.67 6.68 39.17
CA SER C 302 -22.97 6.14 38.76
C SER C 302 -22.83 4.62 38.70
N GLU C 303 -23.95 3.92 38.83
CA GLU C 303 -23.96 2.47 38.71
C GLU C 303 -24.65 2.06 37.42
N LEU C 304 -24.14 0.98 36.82
CA LEU C 304 -24.66 0.48 35.56
C LEU C 304 -25.50 -0.75 35.83
N THR C 305 -26.73 -0.74 35.40
CA THR C 305 -27.62 -1.88 35.53
C THR C 305 -27.79 -2.48 34.14
N LEU C 306 -27.53 -3.79 34.05
CA LEU C 306 -27.37 -4.50 32.79
C LEU C 306 -27.80 -5.94 32.99
N GLU C 307 -28.58 -6.49 32.08
CA GLU C 307 -29.14 -7.82 32.27
C GLU C 307 -28.19 -8.88 31.73
N MET C 308 -27.68 -9.76 32.60
CA MET C 308 -26.92 -10.92 32.16
C MET C 308 -27.64 -12.19 32.57
N GLY C 309 -27.87 -13.08 31.60
CA GLY C 309 -28.44 -14.38 31.89
C GLY C 309 -29.80 -14.32 32.53
N GLY C 310 -30.63 -13.36 32.11
CA GLY C 310 -31.94 -13.16 32.69
C GLY C 310 -31.95 -12.34 33.95
N ILE C 311 -30.88 -12.38 34.73
CA ILE C 311 -30.82 -11.63 35.98
C ILE C 311 -30.22 -10.25 35.75
N PRO C 312 -30.84 -9.18 36.26
CA PRO C 312 -30.19 -7.88 36.26
C PRO C 312 -28.96 -7.86 37.17
N ARG C 313 -27.82 -7.44 36.61
CA ARG C 313 -26.55 -7.29 37.31
C ARG C 313 -26.16 -5.82 37.35
N THR C 314 -25.35 -5.48 38.35
CA THR C 314 -24.98 -4.10 38.60
C THR C 314 -23.47 -3.99 38.60
N PHE C 315 -22.96 -3.02 37.84
CA PHE C 315 -21.54 -2.80 37.65
C PHE C 315 -21.17 -1.39 38.07
N LYS C 316 -19.94 -1.24 38.55
CA LYS C 316 -19.38 0.08 38.79
C LYS C 316 -17.91 0.05 38.40
N PHE C 317 -17.43 1.16 37.82
CA PHE C 317 -16.18 1.19 37.09
C PHE C 317 -15.10 2.04 37.71
N ILE C 318 -13.90 1.64 37.41
CA ILE C 318 -12.66 2.29 37.85
C ILE C 318 -11.86 2.43 36.57
N PHE C 319 -11.56 3.67 36.18
CA PHE C 319 -10.92 3.91 34.90
C PHE C 319 -9.48 4.29 35.15
N ARG C 320 -8.56 3.65 34.47
CA ARG C 320 -7.16 3.94 34.77
C ARG C 320 -6.42 4.17 33.47
N GLY C 321 -6.23 5.43 33.14
CA GLY C 321 -5.47 5.74 31.96
C GLY C 321 -3.98 5.45 32.11
N THR C 322 -3.61 4.18 32.01
CA THR C 322 -2.22 3.78 32.06
C THR C 322 -1.59 3.61 30.69
N GLY C 323 -2.40 3.40 29.68
CA GLY C 323 -1.93 3.33 28.31
C GLY C 323 -1.75 4.67 27.62
N TYR C 324 -0.69 5.40 28.00
CA TYR C 324 -0.29 6.63 27.32
C TYR C 324 1.22 6.73 27.36
N ASP C 325 1.88 6.75 26.18
CA ASP C 325 3.33 6.91 26.20
C ASP C 325 3.68 8.34 26.64
N GLU C 326 4.97 8.56 26.93
CA GLU C 326 5.29 9.80 27.64
C GLU C 326 4.81 11.02 26.86
N LYS C 327 5.04 11.04 25.55
CA LYS C 327 4.68 12.23 24.77
C LYS C 327 3.19 12.58 24.92
N LEU C 328 2.32 11.57 24.91
CA LEU C 328 0.89 11.85 24.98
C LEU C 328 0.46 12.22 26.38
N VAL C 329 1.05 11.59 27.40
CA VAL C 329 0.88 12.01 28.80
C VAL C 329 1.17 13.51 28.93
N ARG C 330 2.39 13.91 28.53
CA ARG C 330 2.76 15.31 28.66
C ARG C 330 1.77 16.18 27.91
N GLU C 331 1.32 15.73 26.75
CA GLU C 331 0.43 16.59 26.00
C GLU C 331 -0.94 16.75 26.68
N VAL C 332 -1.52 15.65 27.20
CA VAL C 332 -2.86 15.74 27.77
C VAL C 332 -2.91 16.24 29.21
N GLU C 333 -1.77 16.26 29.92
CA GLU C 333 -1.74 16.72 31.30
C GLU C 333 -1.15 18.13 31.46
N GLY C 334 -1.03 18.91 30.38
CA GLY C 334 -0.56 20.28 30.41
C GLY C 334 0.93 20.51 30.60
N LEU C 335 1.74 19.45 30.57
CA LEU C 335 3.18 19.54 30.82
C LEU C 335 3.95 19.92 29.56
N GLU C 336 5.22 20.28 29.77
CA GLU C 336 6.14 20.66 28.69
C GLU C 336 6.62 19.44 27.91
N ALA C 337 7.20 19.74 26.74
CA ALA C 337 7.76 18.75 25.84
C ALA C 337 8.97 18.03 26.44
N SER C 338 9.30 16.88 25.85
CA SER C 338 10.17 15.91 26.52
C SER C 338 11.55 16.45 26.85
N GLY C 339 12.03 17.42 26.10
CA GLY C 339 13.33 17.97 26.43
C GLY C 339 13.37 18.83 27.68
N SER C 340 12.24 18.95 28.39
CA SER C 340 12.18 19.91 29.47
C SER C 340 13.18 19.53 30.57
N VAL C 341 13.40 20.49 31.47
CA VAL C 341 14.18 20.21 32.68
C VAL C 341 13.37 19.40 33.66
N TYR C 342 12.06 19.61 33.71
CA TYR C 342 11.17 18.81 34.54
C TYR C 342 10.98 17.46 33.87
N ILE C 343 11.89 16.53 34.15
CA ILE C 343 11.96 15.31 33.35
C ILE C 343 10.88 14.27 33.68
N CYS C 344 10.27 14.32 34.87
CA CYS C 344 9.36 13.29 35.34
C CYS C 344 7.90 13.74 35.30
N THR C 345 7.01 12.86 34.85
CA THR C 345 5.58 13.11 34.93
C THR C 345 4.96 12.57 36.22
N LEU C 346 5.76 11.96 37.09
CA LEU C 346 5.30 11.53 38.40
C LEU C 346 5.74 12.48 39.51
N CYS C 347 6.78 13.27 39.28
CA CYS C 347 7.29 14.11 40.34
C CYS C 347 7.70 15.46 39.76
N ASP C 348 8.22 16.34 40.62
CA ASP C 348 8.62 17.68 40.25
C ASP C 348 10.14 17.78 40.06
N THR C 349 10.85 16.67 39.94
CA THR C 349 12.30 16.78 39.84
C THR C 349 12.73 17.47 38.56
N THR C 350 13.87 18.11 38.66
CA THR C 350 14.57 18.54 37.47
C THR C 350 15.62 17.50 37.10
N ARG C 351 16.09 17.58 35.85
CA ARG C 351 17.11 16.67 35.37
C ARG C 351 18.34 16.72 36.26
N LEU C 352 18.70 17.93 36.72
CA LEU C 352 19.86 18.06 37.59
C LEU C 352 19.56 17.44 38.97
N GLU C 353 18.41 17.79 39.56
CA GLU C 353 18.01 17.18 40.83
C GLU C 353 17.99 15.66 40.74
N ALA C 354 17.34 15.12 39.73
CA ALA C 354 17.22 13.68 39.63
C ALA C 354 18.58 13.00 39.44
N SER C 355 19.48 13.65 38.72
CA SER C 355 20.81 13.08 38.56
C SER C 355 21.60 13.11 39.87
N GLN C 356 21.57 14.23 40.59
CA GLN C 356 22.34 14.30 41.84
C GLN C 356 21.65 13.46 42.92
N ASN C 357 20.33 13.60 43.03
CA ASN C 357 19.56 12.87 44.02
C ASN C 357 19.08 11.62 43.33
N LEU C 358 19.72 10.55 43.70
CA LEU C 358 19.67 9.33 42.94
C LEU C 358 18.30 8.64 43.06
N VAL C 359 17.82 8.42 44.28
CA VAL C 359 16.72 7.50 44.53
C VAL C 359 15.54 8.03 45.34
N PHE C 360 15.79 8.94 46.27
CA PHE C 360 14.73 9.38 47.16
C PHE C 360 13.84 10.38 46.41
N HIS C 361 12.88 9.82 45.68
CA HIS C 361 11.85 10.60 45.02
C HIS C 361 10.53 9.86 45.16
N SER C 362 9.42 10.62 45.16
CA SER C 362 8.11 10.03 45.44
C SER C 362 7.08 10.56 44.45
N ILE C 363 6.01 9.80 44.27
CA ILE C 363 5.03 10.27 43.29
C ILE C 363 4.23 11.40 43.90
N THR C 364 4.23 12.54 43.23
CA THR C 364 3.68 13.79 43.69
C THR C 364 2.54 14.28 42.85
N ARG C 365 2.65 14.15 41.54
CA ARG C 365 1.78 14.88 40.66
C ARG C 365 0.41 14.24 40.60
N SER C 366 -0.58 15.05 40.34
CA SER C 366 -1.89 14.52 40.07
C SER C 366 -2.56 15.44 39.08
N HIS C 367 -3.64 14.94 38.50
CA HIS C 367 -4.39 15.76 37.57
C HIS C 367 -4.82 17.07 38.23
N ALA C 368 -5.44 17.01 39.42
CA ALA C 368 -5.89 18.26 40.04
C ALA C 368 -4.72 19.21 40.29
N GLU C 369 -3.61 18.69 40.85
CA GLU C 369 -2.44 19.53 41.04
C GLU C 369 -2.03 20.18 39.73
N ASN C 370 -2.22 19.48 38.60
CA ASN C 370 -1.79 20.08 37.35
C ASN C 370 -2.79 21.14 36.89
N LEU C 371 -4.09 20.91 37.08
CA LEU C 371 -5.05 21.95 36.75
C LEU C 371 -4.83 23.20 37.59
N GLN C 372 -4.44 23.04 38.86
CA GLN C 372 -4.17 24.23 39.64
C GLN C 372 -2.84 24.87 39.26
N ARG C 373 -1.83 24.08 38.93
CA ARG C 373 -0.59 24.70 38.50
C ARG C 373 -0.79 25.43 37.20
N TYR C 374 -1.65 24.93 36.32
CA TYR C 374 -1.98 25.73 35.14
C TYR C 374 -2.62 27.03 35.56
N GLU C 375 -3.65 26.98 36.42
CA GLU C 375 -4.26 28.24 36.78
C GLU C 375 -3.27 29.22 37.39
N VAL C 376 -2.26 28.71 38.08
CA VAL C 376 -1.25 29.59 38.67
C VAL C 376 -0.41 30.22 37.58
N TRP C 377 0.09 29.41 36.64
CA TRP C 377 0.76 29.97 35.47
C TRP C 377 -0.09 31.07 34.86
N ARG C 378 -1.36 30.78 34.67
CA ARG C 378 -2.27 31.67 33.96
C ARG C 378 -2.50 32.96 34.72
N SER C 379 -2.59 32.89 36.04
CA SER C 379 -2.99 34.05 36.82
C SER C 379 -1.82 34.83 37.40
N ASN C 380 -0.62 34.26 37.36
CA ASN C 380 0.59 34.81 37.96
C ASN C 380 0.29 35.55 39.26
N PRO C 381 -0.17 34.86 40.30
CA PRO C 381 -0.73 35.58 41.45
C PRO C 381 0.29 36.35 42.24
N TYR C 382 1.53 35.89 42.25
CA TYR C 382 2.60 36.56 42.98
C TYR C 382 3.49 37.36 42.05
N HIS C 383 2.97 37.69 40.87
CA HIS C 383 3.57 38.69 39.99
C HIS C 383 5.04 38.38 39.69
N GLU C 384 5.34 37.11 39.42
CA GLU C 384 6.73 36.71 39.24
C GLU C 384 7.15 36.75 37.78
N SER C 385 8.46 36.66 37.57
CA SER C 385 9.01 36.64 36.23
C SER C 385 8.77 35.27 35.60
N VAL C 386 9.02 35.17 34.29
CA VAL C 386 8.68 33.93 33.62
C VAL C 386 9.53 32.78 34.15
N GLU C 387 10.76 33.03 34.56
CA GLU C 387 11.56 31.92 35.07
C GLU C 387 11.10 31.53 36.46
N GLU C 388 10.76 32.52 37.28
CA GLU C 388 10.23 32.24 38.61
C GLU C 388 8.88 31.54 38.54
N LEU C 389 8.01 31.99 37.62
CA LEU C 389 6.73 31.33 37.44
C LEU C 389 6.91 29.90 36.95
N ARG C 390 7.82 29.70 36.00
CA ARG C 390 8.06 28.35 35.50
C ARG C 390 8.55 27.41 36.59
N ASP C 391 9.43 27.92 37.48
CA ASP C 391 9.85 27.10 38.63
C ASP C 391 8.69 26.89 39.61
N ARG C 392 7.78 27.86 39.72
CA ARG C 392 6.64 27.69 40.62
C ARG C 392 5.74 26.56 40.15
N VAL C 393 5.43 26.50 38.86
CA VAL C 393 4.48 25.50 38.38
C VAL C 393 5.18 24.25 37.88
N LYS C 394 6.51 24.16 38.01
CA LYS C 394 7.28 22.94 37.73
C LYS C 394 6.92 22.31 36.38
N GLY C 395 6.70 23.15 35.36
CA GLY C 395 6.52 22.68 34.00
C GLY C 395 5.11 22.80 33.47
N VAL C 396 4.08 22.98 34.30
CA VAL C 396 2.71 22.96 33.83
C VAL C 396 2.42 24.35 33.25
N SER C 397 2.59 24.49 31.94
CA SER C 397 2.29 25.74 31.27
C SER C 397 1.02 25.71 30.44
N ALA C 398 0.44 24.53 30.19
CA ALA C 398 -0.80 24.41 29.46
C ALA C 398 -1.85 23.75 30.35
N LYS C 399 -3.11 23.95 30.01
CA LYS C 399 -4.18 23.42 30.84
C LYS C 399 -4.39 21.95 30.53
N PRO C 400 -4.29 21.06 31.53
CA PRO C 400 -4.58 19.64 31.30
C PRO C 400 -6.02 19.41 30.91
N PHE C 401 -6.24 18.29 30.25
CA PHE C 401 -7.61 17.91 29.95
C PHE C 401 -7.85 16.41 29.98
N ILE C 402 -6.88 15.59 30.37
CA ILE C 402 -7.10 14.16 30.63
C ILE C 402 -6.35 13.75 31.88
N GLU C 403 -7.01 13.00 32.76
CA GLU C 403 -6.33 12.38 33.90
C GLU C 403 -5.67 11.07 33.44
N THR C 404 -4.34 11.00 33.55
CA THR C 404 -3.56 9.82 33.19
C THR C 404 -3.00 9.13 34.43
N VAL C 405 -2.59 7.89 34.26
CA VAL C 405 -1.83 7.19 35.30
C VAL C 405 -0.45 6.85 34.74
N PRO C 406 0.45 7.82 34.61
CA PRO C 406 1.71 7.57 33.89
C PRO C 406 2.55 6.50 34.58
N SER C 407 2.91 5.45 33.83
CA SER C 407 3.68 4.32 34.33
C SER C 407 5.03 4.19 33.62
N ILE C 408 5.65 3.02 33.72
CA ILE C 408 6.89 2.72 33.01
C ILE C 408 6.72 1.38 32.28
N ASP C 409 7.42 1.23 31.17
CA ASP C 409 7.47 -0.05 30.45
C ASP C 409 8.72 -0.82 30.89
N ALA C 410 8.55 -2.11 31.21
CA ALA C 410 9.69 -2.94 31.64
C ALA C 410 10.85 -2.86 30.66
N LEU C 411 10.50 -2.69 29.39
CA LEU C 411 11.52 -2.53 28.37
C LEU C 411 12.41 -1.35 28.71
N HIS C 412 11.81 -0.21 29.07
CA HIS C 412 12.58 1.00 29.29
C HIS C 412 13.43 0.91 30.55
N CYS C 413 13.00 0.15 31.56
CA CYS C 413 13.88 -0.14 32.69
C CYS C 413 15.15 -0.85 32.25
N ASP C 414 14.98 -1.97 31.53
CA ASP C 414 16.15 -2.68 31.01
C ASP C 414 17.03 -1.78 30.16
N ILE C 415 16.41 -0.99 29.25
CA ILE C 415 17.17 -0.15 28.31
C ILE C 415 17.95 0.93 29.05
N GLY C 416 17.31 1.64 29.98
CA GLY C 416 18.01 2.67 30.74
C GLY C 416 19.19 2.11 31.52
N ASN C 417 18.97 0.98 32.20
CA ASN C 417 20.07 0.34 32.93
C ASN C 417 21.21 -0.07 32.01
N ALA C 418 20.87 -0.70 30.88
CA ALA C 418 21.91 -1.19 29.99
C ALA C 418 22.70 -0.04 29.40
N ALA C 419 22.04 1.05 29.05
CA ALA C 419 22.76 2.21 28.56
C ALA C 419 23.78 2.70 29.58
N GLU C 420 23.37 2.77 30.85
CA GLU C 420 24.32 3.19 31.87
C GLU C 420 25.49 2.22 32.00
N PHE C 421 25.20 0.91 32.00
CA PHE C 421 26.27 -0.08 32.12
C PHE C 421 27.22 -0.05 30.92
N TYR C 422 26.69 0.20 29.72
CA TYR C 422 27.55 0.31 28.53
C TYR C 422 28.52 1.46 28.69
N LYS C 423 28.01 2.62 29.10
CA LYS C 423 28.91 3.76 29.32
C LYS C 423 29.94 3.46 30.40
N ILE C 424 29.53 2.80 31.49
CA ILE C 424 30.48 2.45 32.56
C ILE C 424 31.56 1.52 32.03
N PHE C 425 31.17 0.53 31.23
CA PHE C 425 32.16 -0.39 30.68
C PHE C 425 33.21 0.33 29.86
N GLN C 426 32.78 1.13 28.88
CA GLN C 426 33.75 1.82 28.02
C GLN C 426 34.61 2.79 28.83
N LEU C 427 34.03 3.45 29.83
CA LEU C 427 34.82 4.38 30.64
C LEU C 427 35.80 3.65 31.56
N GLU C 428 35.46 2.43 32.02
CA GLU C 428 36.39 1.64 32.83
C GLU C 428 37.54 1.08 31.98
N ILE C 429 37.27 0.82 30.70
CA ILE C 429 38.34 0.42 29.79
C ILE C 429 39.28 1.58 29.53
N GLY C 430 38.73 2.76 29.22
CA GLY C 430 39.57 3.94 29.05
C GLY C 430 40.16 4.49 30.34
N GLU C 431 39.67 4.05 31.50
CA GLU C 431 40.06 4.56 32.82
C GLU C 431 39.96 6.10 32.86
N VAL C 432 38.71 6.56 32.84
CA VAL C 432 38.45 7.99 32.63
C VAL C 432 38.79 8.82 33.86
N TYR C 433 38.83 8.22 35.05
CA TYR C 433 39.20 8.97 36.24
C TYR C 433 40.62 9.51 36.14
N LYS C 434 41.52 8.73 35.52
CA LYS C 434 42.89 9.17 35.33
C LYS C 434 43.06 10.18 34.19
N HIS C 435 42.06 10.34 33.32
CA HIS C 435 42.16 11.21 32.14
C HIS C 435 40.97 12.15 32.11
N PRO C 436 40.94 13.16 32.99
CA PRO C 436 39.79 14.07 33.01
C PRO C 436 39.64 14.90 31.73
N ASN C 437 40.73 15.29 31.08
CA ASN C 437 40.67 16.05 29.84
C ASN C 437 40.82 15.17 28.61
N ALA C 438 40.32 13.94 28.65
CA ALA C 438 40.39 13.07 27.49
C ALA C 438 39.57 13.62 26.34
N SER C 439 40.10 13.50 25.13
CA SER C 439 39.49 14.06 23.94
C SER C 439 38.43 13.12 23.38
N LYS C 440 37.71 13.62 22.36
CA LYS C 440 36.63 12.85 21.75
C LYS C 440 37.14 11.55 21.14
N GLU C 441 38.30 11.61 20.48
CA GLU C 441 38.79 10.45 19.75
C GLU C 441 39.32 9.38 20.70
N GLU C 442 39.87 9.77 21.85
CA GLU C 442 40.32 8.76 22.81
C GLU C 442 39.15 7.97 23.38
N ARG C 443 38.07 8.66 23.76
CA ARG C 443 36.89 7.94 24.20
C ARG C 443 36.30 7.09 23.09
N LYS C 444 36.35 7.59 21.85
CA LYS C 444 35.86 6.80 20.72
C LYS C 444 36.63 5.50 20.59
N ARG C 445 37.97 5.55 20.74
CA ARG C 445 38.76 4.33 20.70
C ARG C 445 38.47 3.43 21.90
N TRP C 446 38.17 4.01 23.06
CA TRP C 446 37.71 3.20 24.20
C TRP C 446 36.46 2.42 23.81
N GLN C 447 35.49 3.11 23.20
CA GLN C 447 34.26 2.47 22.76
C GLN C 447 34.55 1.38 21.74
N ALA C 448 35.47 1.66 20.81
CA ALA C 448 35.84 0.66 19.80
C ALA C 448 36.47 -0.57 20.45
N THR C 449 37.35 -0.36 21.43
CA THR C 449 37.95 -1.47 22.15
C THR C 449 36.88 -2.35 22.77
N LEU C 450 35.94 -1.74 23.49
CA LEU C 450 34.89 -2.52 24.12
C LEU C 450 34.04 -3.26 23.08
N ASP C 451 33.67 -2.57 22.00
CA ASP C 451 32.89 -3.22 20.94
C ASP C 451 33.60 -4.45 20.43
N LYS C 452 34.88 -4.29 20.04
CA LYS C 452 35.66 -5.40 19.50
C LYS C 452 35.72 -6.56 20.49
N HIS C 453 36.01 -6.27 21.76
CA HIS C 453 36.15 -7.37 22.70
C HIS C 453 34.82 -8.04 23.00
N LEU C 454 33.72 -7.27 22.99
CA LEU C 454 32.42 -7.89 23.21
C LEU C 454 32.01 -8.74 22.02
N ARG C 455 32.45 -8.36 20.81
CA ARG C 455 32.19 -9.20 19.64
C ARG C 455 32.98 -10.51 19.70
N LYS C 456 34.24 -10.43 20.14
CA LYS C 456 35.08 -11.64 20.21
C LYS C 456 34.63 -12.58 21.32
N ARG C 457 34.25 -12.05 22.48
CA ARG C 457 33.97 -12.91 23.63
C ARG C 457 32.49 -13.28 23.74
N MET C 458 31.59 -12.32 23.55
CA MET C 458 30.16 -12.52 23.72
C MET C 458 29.40 -12.56 22.41
N ASN C 459 30.08 -12.35 21.28
CA ASN C 459 29.45 -12.33 19.95
C ASN C 459 28.34 -11.27 19.90
N LEU C 460 28.69 -10.04 20.25
CA LEU C 460 27.74 -8.93 20.29
C LEU C 460 28.12 -7.93 19.20
N LYS C 461 27.32 -7.87 18.14
CA LYS C 461 27.52 -6.92 17.06
C LYS C 461 27.28 -5.51 17.58
N PRO C 462 28.30 -4.65 17.65
CA PRO C 462 28.07 -3.30 18.16
C PRO C 462 27.02 -2.59 17.34
N ILE C 463 26.03 -2.01 18.03
CA ILE C 463 25.00 -1.22 17.38
C ILE C 463 25.08 0.19 17.94
N MET C 464 24.39 1.10 17.25
CA MET C 464 24.42 2.51 17.59
C MET C 464 23.07 3.01 18.05
N ARG C 465 22.09 2.12 18.19
CA ARG C 465 20.78 2.45 18.72
CA ARG C 465 20.78 2.45 18.72
C ARG C 465 20.39 1.37 19.72
N MET C 466 20.21 1.77 20.98
CA MET C 466 19.97 0.83 22.08
C MET C 466 18.60 0.17 21.98
N ASN C 467 18.55 -1.14 22.19
CA ASN C 467 17.33 -1.92 22.01
C ASN C 467 17.24 -3.03 23.05
N GLY C 468 16.10 -3.71 23.08
CA GLY C 468 15.84 -4.67 24.14
C GLY C 468 16.75 -5.89 24.11
N ASN C 469 17.06 -6.38 22.91
CA ASN C 469 17.85 -7.60 22.79
C ASN C 469 19.31 -7.37 23.18
N PHE C 470 19.88 -6.24 22.74
CA PHE C 470 21.22 -5.88 23.18
C PHE C 470 21.29 -5.77 24.69
N ALA C 471 20.28 -5.11 25.28
CA ALA C 471 20.25 -4.96 26.73
C ALA C 471 20.17 -6.32 27.41
N ARG C 472 19.38 -7.22 26.83
CA ARG C 472 19.15 -8.53 27.44
C ARG C 472 20.43 -9.36 27.42
N LYS C 473 21.21 -9.24 26.36
CA LYS C 473 22.43 -10.03 26.27
C LYS C 473 23.60 -9.40 27.03
N LEU C 474 23.59 -8.07 27.16
CA LEU C 474 24.70 -7.36 27.83
C LEU C 474 24.60 -7.38 29.35
N MET C 475 23.39 -7.39 29.91
CA MET C 475 23.22 -7.34 31.36
C MET C 475 23.33 -8.74 31.97
N THR C 476 24.50 -9.35 31.76
CA THR C 476 24.79 -10.65 32.35
C THR C 476 26.06 -10.55 33.17
N GLN C 477 26.18 -11.45 34.15
CA GLN C 477 27.39 -11.50 34.96
C GLN C 477 28.59 -11.94 34.11
N GLU C 478 28.37 -12.87 33.18
CA GLU C 478 29.45 -13.32 32.32
C GLU C 478 29.96 -12.19 31.44
N THR C 479 29.06 -11.30 30.99
CA THR C 479 29.50 -10.14 30.23
C THR C 479 30.42 -9.26 31.07
N VAL C 480 30.12 -9.18 32.36
CA VAL C 480 30.97 -8.39 33.25
C VAL C 480 32.35 -9.04 33.39
N ASP C 481 32.39 -10.37 33.49
CA ASP C 481 33.68 -11.06 33.50
C ASP C 481 34.44 -10.77 32.21
N ALA C 482 33.74 -10.82 31.07
CA ALA C 482 34.36 -10.51 29.78
C ALA C 482 34.94 -9.11 29.75
N VAL C 483 34.21 -8.13 30.30
CA VAL C 483 34.71 -6.76 30.25
C VAL C 483 35.83 -6.56 31.28
N CYS C 484 35.80 -7.31 32.38
CA CYS C 484 36.88 -7.26 33.36
C CYS C 484 38.19 -7.77 32.77
N GLU C 485 38.11 -8.77 31.89
CA GLU C 485 39.29 -9.18 31.14
C GLU C 485 39.99 -8.03 30.43
N LEU C 486 39.39 -6.85 30.33
CA LEU C 486 40.07 -5.69 29.76
C LEU C 486 40.34 -4.59 30.78
N ILE C 487 40.03 -4.82 32.05
CA ILE C 487 40.22 -3.81 33.09
C ILE C 487 41.43 -4.22 33.93
N PRO C 488 42.44 -3.34 34.08
CA PRO C 488 43.65 -3.69 34.84
C PRO C 488 43.39 -3.94 36.32
N SER C 489 42.86 -2.93 37.00
CA SER C 489 42.59 -3.03 38.43
C SER C 489 41.48 -4.04 38.70
N GLU C 490 41.76 -5.02 39.55
CA GLU C 490 40.75 -5.98 40.00
C GLU C 490 39.87 -5.42 41.11
N GLU C 491 40.37 -4.43 41.85
CA GLU C 491 39.52 -3.71 42.79
C GLU C 491 38.28 -3.17 42.09
N ARG C 492 38.44 -2.71 40.85
CA ARG C 492 37.27 -2.26 40.10
C ARG C 492 36.47 -3.42 39.51
N HIS C 493 37.08 -4.59 39.31
CA HIS C 493 36.29 -5.79 39.02
C HIS C 493 35.29 -6.06 40.13
N GLU C 494 35.73 -5.94 41.39
CA GLU C 494 34.80 -6.06 42.51
C GLU C 494 33.58 -5.16 42.31
N ALA C 495 33.82 -3.87 42.05
CA ALA C 495 32.74 -2.90 42.00
C ALA C 495 31.79 -3.18 40.82
N LEU C 496 32.34 -3.40 39.63
CA LEU C 496 31.50 -3.68 38.46
C LEU C 496 30.65 -4.93 38.67
N ARG C 497 31.23 -5.97 39.26
CA ARG C 497 30.49 -7.21 39.47
C ARG C 497 29.38 -7.01 40.50
N GLU C 498 29.65 -6.27 41.57
CA GLU C 498 28.59 -6.00 42.55
C GLU C 498 27.47 -5.17 41.93
N LEU C 499 27.85 -4.16 41.13
CA LEU C 499 26.84 -3.35 40.44
C LEU C 499 25.93 -4.22 39.59
N MET C 500 26.52 -5.10 38.78
CA MET C 500 25.71 -5.98 37.93
C MET C 500 24.86 -6.94 38.76
N ASP C 501 25.39 -7.42 39.89
CA ASP C 501 24.59 -8.25 40.79
C ASP C 501 23.36 -7.50 41.31
N LEU C 502 23.55 -6.25 41.71
CA LEU C 502 22.40 -5.46 42.17
C LEU C 502 21.38 -5.28 41.05
N TYR C 503 21.86 -5.00 39.84
CA TYR C 503 20.95 -4.88 38.71
C TYR C 503 20.16 -6.17 38.51
N LEU C 504 20.83 -7.31 38.60
CA LEU C 504 20.12 -8.58 38.43
C LEU C 504 19.15 -8.86 39.56
N LYS C 505 19.36 -8.27 40.73
CA LYS C 505 18.39 -8.43 41.81
C LYS C 505 17.17 -7.55 41.59
N MET C 506 17.37 -6.35 41.06
CA MET C 506 16.25 -5.44 40.86
C MET C 506 15.42 -5.80 39.63
N LYS C 507 16.03 -6.42 38.62
CA LYS C 507 15.34 -6.66 37.35
C LYS C 507 14.04 -7.47 37.46
N PRO C 508 13.93 -8.52 38.28
CA PRO C 508 12.68 -9.31 38.28
C PRO C 508 11.47 -8.50 38.67
N VAL C 509 11.63 -7.65 39.69
CA VAL C 509 10.55 -6.82 40.20
C VAL C 509 9.82 -6.12 39.07
N TRP C 510 10.56 -5.49 38.16
CA TRP C 510 9.93 -4.71 37.11
C TRP C 510 9.66 -5.53 35.87
N ARG C 511 10.26 -6.72 35.76
CA ARG C 511 10.04 -7.58 34.60
C ARG C 511 8.88 -8.55 34.79
N SER C 512 8.54 -8.91 36.02
CA SER C 512 7.43 -9.82 36.20
C SER C 512 6.10 -9.13 35.87
N SER C 513 5.04 -9.94 35.85
CA SER C 513 3.66 -9.52 35.67
C SER C 513 2.89 -9.54 36.97
N CYS C 514 3.47 -10.07 38.03
CA CYS C 514 2.88 -10.01 39.36
C CYS C 514 3.95 -10.31 40.39
N PRO C 515 4.77 -9.33 40.77
CA PRO C 515 5.97 -9.65 41.57
C PRO C 515 5.65 -10.05 42.98
N ALA C 516 4.45 -9.74 43.48
CA ALA C 516 4.10 -10.12 44.84
C ALA C 516 3.87 -11.61 45.01
N LYS C 517 3.95 -12.37 43.94
CA LYS C 517 3.99 -13.82 44.00
C LYS C 517 5.22 -14.42 43.32
N GLU C 518 5.63 -13.86 42.20
CA GLU C 518 6.71 -14.45 41.43
C GLU C 518 8.08 -14.12 42.02
N CYS C 519 8.23 -12.96 42.66
CA CYS C 519 9.52 -12.64 43.27
C CYS C 519 9.36 -11.80 44.53
N PRO C 520 8.73 -12.31 45.58
CA PRO C 520 8.48 -11.42 46.74
C PRO C 520 9.74 -11.06 47.51
N GLU C 521 10.74 -11.94 47.57
CA GLU C 521 12.02 -11.57 48.18
C GLU C 521 12.59 -10.32 47.52
N SER C 522 12.67 -10.32 46.20
CA SER C 522 13.22 -9.19 45.46
C SER C 522 12.35 -7.94 45.61
N LEU C 523 11.03 -8.11 45.58
CA LEU C 523 10.16 -6.97 45.77
C LEU C 523 10.46 -6.31 47.10
N CYS C 524 10.55 -7.11 48.17
CA CYS C 524 10.94 -6.55 49.45
C CYS C 524 12.30 -5.86 49.37
N GLN C 525 13.33 -6.60 49.00
CA GLN C 525 14.68 -6.05 49.04
C GLN C 525 14.89 -4.95 48.00
N TYR C 526 13.87 -4.54 47.25
CA TYR C 526 14.10 -3.62 46.14
C TYR C 526 14.63 -2.27 46.60
N SER C 527 14.10 -1.72 47.69
CA SER C 527 14.56 -0.40 48.09
C SER C 527 15.97 -0.47 48.66
N PHE C 528 16.27 -1.49 49.47
CA PHE C 528 17.62 -1.70 49.95
C PHE C 528 18.59 -1.80 48.77
N ASN C 529 18.22 -2.57 47.74
CA ASN C 529 19.10 -2.77 46.60
C ASN C 529 19.28 -1.50 45.79
N SER C 530 18.19 -0.77 45.55
CA SER C 530 18.26 0.48 44.83
C SER C 530 19.14 1.49 45.55
N GLN C 531 19.02 1.55 46.88
CA GLN C 531 19.87 2.47 47.63
C GLN C 531 21.33 2.06 47.50
N ARG C 532 21.64 0.76 47.66
CA ARG C 532 23.02 0.32 47.54
C ARG C 532 23.58 0.58 46.15
N PHE C 533 22.76 0.36 45.13
CA PHE C 533 23.15 0.60 43.74
C PHE C 533 23.49 2.08 43.54
N ALA C 534 22.62 2.96 44.00
CA ALA C 534 22.90 4.39 43.89
C ALA C 534 24.15 4.76 44.69
N GLU C 535 24.36 4.13 45.84
CA GLU C 535 25.51 4.47 46.66
C GLU C 535 26.79 4.10 45.92
N LEU C 536 26.84 2.88 45.40
CA LEU C 536 28.00 2.42 44.66
C LEU C 536 28.26 3.28 43.42
N LEU C 537 27.20 3.76 42.76
CA LEU C 537 27.40 4.73 41.69
C LEU C 537 28.01 6.02 42.23
N SER C 538 27.57 6.47 43.40
CA SER C 538 28.01 7.76 43.92
C SER C 538 29.39 7.70 44.55
N THR C 539 29.90 6.50 44.82
CA THR C 539 31.23 6.36 45.39
C THR C 539 32.25 5.96 44.34
N LYS C 540 32.14 4.72 43.86
CA LYS C 540 33.14 4.19 42.95
C LYS C 540 33.00 4.75 41.55
N PHE C 541 31.80 5.17 41.14
CA PHE C 541 31.55 5.54 39.76
C PHE C 541 31.19 7.01 39.62
N LYS C 542 31.89 7.88 40.33
CA LYS C 542 31.57 9.29 40.28
C LYS C 542 31.83 9.88 38.90
N TYR C 543 32.68 9.24 38.09
CA TYR C 543 33.05 9.85 36.81
C TYR C 543 31.87 9.99 35.87
N ARG C 544 30.87 9.12 35.99
CA ARG C 544 29.68 9.20 35.15
C ARG C 544 28.58 10.02 35.81
N TYR C 545 28.94 11.10 36.50
CA TYR C 545 27.96 12.11 36.89
C TYR C 545 28.26 13.37 36.11
N GLU C 546 27.29 13.86 35.34
CA GLU C 546 27.45 15.14 34.67
C GLU C 546 26.14 15.92 34.58
N GLY C 547 25.26 15.74 35.57
CA GLY C 547 24.05 16.54 35.59
C GLY C 547 23.00 16.11 34.61
N LYS C 548 23.14 14.91 34.05
CA LYS C 548 22.21 14.43 33.04
C LYS C 548 21.76 13.04 33.42
N ILE C 549 20.44 12.81 33.28
CA ILE C 549 19.86 11.49 33.47
C ILE C 549 18.60 11.41 32.62
N THR C 550 18.21 10.19 32.25
CA THR C 550 17.05 9.96 31.41
C THR C 550 15.77 9.79 32.24
N ASN C 551 14.61 10.10 31.63
CA ASN C 551 13.36 9.84 32.35
C ASN C 551 13.27 8.38 32.75
N TYR C 552 13.68 7.48 31.86
CA TYR C 552 13.55 6.05 32.16
C TYR C 552 14.40 5.66 33.35
N PHE C 553 15.65 6.14 33.39
CA PHE C 553 16.52 5.75 34.48
C PHE C 553 16.03 6.33 35.81
N HIS C 554 15.58 7.59 35.77
CA HIS C 554 15.01 8.18 36.97
C HIS C 554 13.80 7.38 37.44
N LYS C 555 12.89 7.00 36.53
CA LYS C 555 11.74 6.23 36.99
C LYS C 555 12.16 4.88 37.56
N THR C 556 13.15 4.23 36.94
CA THR C 556 13.55 2.92 37.42
C THR C 556 14.10 2.96 38.83
N LEU C 557 14.94 3.96 39.12
CA LEU C 557 15.59 4.01 40.44
C LEU C 557 14.74 4.67 41.51
N ALA C 558 13.78 5.51 41.15
CA ALA C 558 13.02 6.29 42.12
C ALA C 558 11.59 5.82 42.34
N HIS C 559 10.93 5.31 41.32
CA HIS C 559 9.48 5.14 41.40
C HIS C 559 8.97 3.73 41.22
N VAL C 560 9.84 2.74 41.05
CA VAL C 560 9.36 1.42 40.69
C VAL C 560 8.51 0.82 41.83
N PRO C 561 8.99 0.78 43.09
CA PRO C 561 8.16 0.20 44.14
C PRO C 561 6.85 0.92 44.30
N GLU C 562 6.86 2.24 44.14
CA GLU C 562 5.61 3.00 44.22
C GLU C 562 4.68 2.59 43.09
N ILE C 563 5.22 2.31 41.91
CA ILE C 563 4.34 1.95 40.82
C ILE C 563 3.76 0.58 41.06
N ILE C 564 4.55 -0.36 41.58
CA ILE C 564 4.01 -1.68 41.88
C ILE C 564 2.96 -1.57 42.99
N GLU C 565 3.20 -0.72 43.98
CA GLU C 565 2.19 -0.51 45.00
C GLU C 565 0.90 0.00 44.38
N ARG C 566 1.02 0.94 43.44
CA ARG C 566 -0.19 1.53 42.86
C ARG C 566 -0.90 0.57 41.92
N ASP C 567 -0.17 -0.04 41.00
CA ASP C 567 -0.71 -0.77 39.86
C ASP C 567 -0.57 -2.28 39.94
N GLY C 568 0.32 -2.78 40.78
CA GLY C 568 0.47 -4.21 40.97
C GLY C 568 1.53 -4.84 40.12
N SER C 569 1.81 -4.26 38.96
CA SER C 569 2.70 -4.86 37.99
C SER C 569 3.29 -3.76 37.16
N ILE C 570 4.46 -4.01 36.62
CA ILE C 570 4.95 -3.06 35.65
C ILE C 570 4.53 -3.45 34.26
N GLY C 571 4.78 -4.73 33.94
CA GLY C 571 4.57 -5.22 32.59
C GLY C 571 3.16 -5.04 32.05
N ALA C 572 2.15 -5.18 32.92
CA ALA C 572 0.76 -5.23 32.47
C ALA C 572 0.22 -3.89 31.96
N TRP C 573 0.77 -2.76 32.39
CA TRP C 573 0.15 -1.46 32.07
C TRP C 573 1.08 -0.58 31.23
N ASN C 578 1.15 -1.37 20.49
CA ASN C 578 0.25 -0.62 19.62
C ASN C 578 0.89 -0.35 18.27
N GLN C 579 2.07 -0.94 18.04
CA GLN C 579 2.78 -0.75 16.78
C GLN C 579 2.20 -1.61 15.67
N SER C 580 1.47 -2.67 16.06
CA SER C 580 0.54 -3.37 15.17
C SER C 580 -0.71 -2.54 14.89
N GLY C 581 -1.01 -1.55 15.73
CA GLY C 581 -2.15 -0.70 15.53
C GLY C 581 -2.20 -0.12 14.13
N ASN C 582 -1.08 0.48 13.69
CA ASN C 582 -0.98 0.98 12.32
C ASN C 582 -1.31 -0.12 11.29
N LYS C 583 -0.59 -1.24 11.33
CA LYS C 583 -0.83 -2.29 10.35
C LYS C 583 -2.29 -2.71 10.34
N LEU C 584 -2.88 -2.90 11.52
CA LEU C 584 -4.25 -3.39 11.58
C LEU C 584 -5.22 -2.34 11.04
N PHE C 585 -4.99 -1.07 11.40
CA PHE C 585 -5.82 0.00 10.88
C PHE C 585 -5.79 0.00 9.35
N ARG C 586 -4.58 0.00 8.76
CA ARG C 586 -4.42 0.05 7.30
C ARG C 586 -5.06 -1.15 6.62
N ARG C 587 -4.84 -2.34 7.21
CA ARG C 587 -5.46 -3.56 6.70
C ARG C 587 -6.96 -3.38 6.53
N PHE C 588 -7.65 -3.05 7.63
CA PHE C 588 -9.10 -2.88 7.56
C PHE C 588 -9.46 -1.86 6.50
N ARG C 589 -8.81 -0.70 6.53
CA ARG C 589 -9.17 0.38 5.61
C ARG C 589 -9.10 -0.09 4.16
N LYS C 590 -7.98 -0.67 3.76
CA LYS C 590 -7.81 -1.09 2.36
C LYS C 590 -8.84 -2.14 1.97
N MET C 591 -8.99 -3.20 2.78
CA MET C 591 -9.68 -4.38 2.31
C MET C 591 -11.13 -4.50 2.75
N ASN C 592 -11.56 -3.82 3.81
CA ASN C 592 -12.88 -4.12 4.37
C ASN C 592 -13.77 -2.88 4.49
N ALA C 593 -13.46 -1.83 3.74
CA ALA C 593 -14.10 -0.53 3.94
C ALA C 593 -14.46 0.12 2.61
N ARG C 594 -15.60 0.80 2.60
CA ARG C 594 -16.02 1.57 1.45
C ARG C 594 -15.04 2.69 1.14
N GLN C 595 -14.66 2.81 -0.13
CA GLN C 595 -13.68 3.83 -0.52
C GLN C 595 -14.39 5.17 -0.68
N SER C 596 -14.92 5.65 0.45
CA SER C 596 -15.62 6.93 0.56
C SER C 596 -15.36 7.58 1.91
N LYS C 597 -14.93 8.84 1.91
CA LYS C 597 -14.61 9.53 3.15
C LYS C 597 -15.76 9.44 4.15
N CYS C 598 -16.99 9.43 3.65
CA CYS C 598 -18.17 9.36 4.51
C CYS C 598 -18.19 8.10 5.37
N TYR C 599 -17.85 6.94 4.79
CA TYR C 599 -18.08 5.65 5.42
C TYR C 599 -16.85 4.81 5.65
N GLU C 600 -15.66 5.25 5.24
CA GLU C 600 -14.51 4.39 5.48
C GLU C 600 -14.30 4.21 6.98
N MET C 601 -14.39 5.31 7.74
CA MET C 601 -14.08 5.22 9.16
C MET C 601 -15.14 4.44 9.91
N GLU C 602 -16.40 4.61 9.53
CA GLU C 602 -17.45 3.76 10.06
C GLU C 602 -17.04 2.30 9.92
N ASP C 603 -16.71 1.88 8.70
CA ASP C 603 -16.46 0.47 8.46
C ASP C 603 -15.22 -0.01 9.19
N VAL C 604 -14.21 0.85 9.30
CA VAL C 604 -12.98 0.47 9.98
C VAL C 604 -13.23 0.28 11.47
N LEU C 605 -13.93 1.24 12.10
CA LEU C 605 -14.24 1.13 13.52
C LEU C 605 -15.12 -0.08 13.79
N LYS C 606 -16.17 -0.26 13.00
CA LYS C 606 -17.03 -1.42 13.19
C LYS C 606 -16.23 -2.72 13.07
N HIS C 607 -15.32 -2.77 12.11
CA HIS C 607 -14.56 -3.99 11.84
C HIS C 607 -13.58 -4.30 12.96
N HIS C 608 -12.86 -3.28 13.39
CA HIS C 608 -11.94 -3.44 14.52
C HIS C 608 -12.71 -3.86 15.79
N TRP C 609 -13.88 -3.26 16.05
CA TRP C 609 -14.64 -3.65 17.20
C TRP C 609 -14.99 -5.13 17.16
N LEU C 610 -15.57 -5.58 16.03
CA LEU C 610 -15.87 -7.00 15.89
C LEU C 610 -14.63 -7.85 16.10
N TYR C 611 -13.48 -7.34 15.66
CA TYR C 611 -12.27 -8.14 15.69
C TYR C 611 -11.76 -8.29 17.10
N THR C 612 -12.21 -7.45 18.03
CA THR C 612 -11.78 -7.60 19.41
C THR C 612 -12.78 -8.33 20.31
N SER C 613 -13.83 -8.92 19.76
CA SER C 613 -14.86 -9.52 20.59
C SER C 613 -14.37 -10.87 21.10
N LYS C 614 -14.40 -11.07 22.42
CA LYS C 614 -14.04 -12.38 22.94
C LYS C 614 -14.98 -13.46 22.39
N TYR C 615 -16.18 -13.07 21.99
CA TYR C 615 -17.14 -14.07 21.58
C TYR C 615 -16.70 -14.73 20.29
N LEU C 616 -16.32 -13.93 19.30
CA LEU C 616 -15.85 -14.50 18.04
C LEU C 616 -14.51 -15.19 18.22
N GLN C 617 -13.65 -14.62 19.06
CA GLN C 617 -12.36 -15.22 19.36
C GLN C 617 -12.51 -16.65 19.89
N LYS C 618 -13.52 -16.89 20.75
CA LYS C 618 -13.72 -18.26 21.24
C LYS C 618 -13.87 -19.23 20.08
N PHE C 619 -14.69 -18.88 19.09
CA PHE C 619 -14.89 -19.76 17.95
C PHE C 619 -13.59 -20.01 17.23
N MET C 620 -12.82 -18.94 17.03
CA MET C 620 -11.55 -19.08 16.34
C MET C 620 -10.56 -19.97 17.09
N ASN C 621 -10.73 -20.14 18.40
CA ASN C 621 -9.87 -21.04 19.16
C ASN C 621 -10.44 -22.44 19.38
N ALA C 622 -11.61 -22.73 18.79
CA ALA C 622 -12.33 -23.96 19.05
C ALA C 622 -11.46 -25.21 19.01
N HIS C 623 -10.35 -25.19 18.26
CA HIS C 623 -9.55 -26.42 18.28
C HIS C 623 -8.75 -26.63 19.59
N ASN C 624 -9.11 -25.93 20.67
CA ASN C 624 -8.52 -26.19 21.99
C ASN C 624 -9.60 -26.38 23.05
N MET D 1 -5.12 49.39 -4.45
CA MET D 1 -4.95 48.18 -3.64
C MET D 1 -4.13 47.09 -4.33
N SER D 2 -2.85 46.92 -3.96
CA SER D 2 -1.98 45.95 -4.61
C SER D 2 -1.75 44.74 -3.71
N LEU D 3 -1.84 43.55 -4.30
CA LEU D 3 -1.62 42.28 -3.63
C LEU D 3 -0.16 41.89 -3.68
N GLN D 4 0.36 41.37 -2.57
CA GLN D 4 1.76 40.99 -2.50
C GLN D 4 1.92 39.70 -1.73
N MET D 5 2.59 38.71 -2.34
CA MET D 5 2.83 37.46 -1.65
C MET D 5 3.89 37.65 -0.56
N VAL D 6 3.81 36.82 0.48
CA VAL D 6 4.72 36.91 1.61
C VAL D 6 5.29 35.52 1.89
N THR D 7 6.58 35.45 2.17
CA THR D 7 7.25 34.25 2.66
C THR D 7 7.38 34.33 4.19
N VAL D 8 7.50 33.15 4.84
CA VAL D 8 7.50 33.07 6.30
C VAL D 8 8.67 32.23 6.80
N GLY D 9 9.08 32.53 8.03
CA GLY D 9 10.21 31.87 8.66
C GLY D 9 9.89 30.48 9.17
N HIS D 10 10.71 30.01 10.12
CA HIS D 10 10.61 28.61 10.58
C HIS D 10 9.31 28.34 11.33
N ASN D 11 8.79 29.33 12.06
CA ASN D 11 7.57 29.12 12.84
C ASN D 11 6.32 29.59 12.10
N ILE D 12 6.19 29.24 10.82
CA ILE D 12 4.97 29.56 10.10
C ILE D 12 3.78 28.78 10.66
N ALA D 13 4.06 27.62 11.28
CA ALA D 13 3.01 26.74 11.78
C ALA D 13 2.15 27.41 12.84
N LEU D 14 2.71 28.38 13.56
CA LEU D 14 1.95 29.08 14.59
C LEU D 14 0.72 29.78 14.02
N ILE D 15 0.77 30.23 12.77
CA ILE D 15 -0.36 31.00 12.24
C ILE D 15 -1.52 30.04 11.97
N GLN D 16 -2.70 30.41 12.43
CA GLN D 16 -3.89 29.62 12.18
C GLN D 16 -5.08 30.56 12.00
N PRO D 17 -6.15 30.07 11.37
CA PRO D 17 -7.38 30.87 11.29
C PRO D 17 -7.86 31.22 12.69
N GLY D 18 -8.38 32.44 12.84
CA GLY D 18 -8.75 32.97 14.14
C GLY D 18 -7.67 33.78 14.82
N PHE D 19 -6.51 33.94 14.21
CA PHE D 19 -5.44 34.72 14.82
C PHE D 19 -5.82 36.21 14.85
N SER D 20 -5.04 36.98 15.59
CA SER D 20 -5.23 38.43 15.70
C SER D 20 -3.90 39.18 15.57
N LEU D 21 -4.02 40.41 15.06
CA LEU D 21 -2.92 41.35 14.97
C LEU D 21 -3.31 42.62 15.68
N MET D 22 -2.38 43.14 16.45
CA MET D 22 -2.56 44.36 17.20
C MET D 22 -1.42 45.32 16.88
N ASN D 23 -1.76 46.60 16.79
CA ASN D 23 -0.81 47.61 16.37
C ASN D 23 -0.50 48.54 17.53
N PHE D 24 0.77 48.58 17.94
CA PHE D 24 1.26 49.45 19.01
C PHE D 24 2.36 50.33 18.45
N ASP D 25 2.05 51.61 18.25
CA ASP D 25 3.05 52.61 17.86
C ASP D 25 3.73 52.19 16.56
N GLY D 26 2.93 51.72 15.59
CA GLY D 26 3.47 51.30 14.32
C GLY D 26 4.03 49.89 14.29
N GLN D 27 4.41 49.33 15.45
CA GLN D 27 4.87 47.96 15.54
C GLN D 27 3.68 47.00 15.59
N VAL D 28 3.72 45.94 14.78
CA VAL D 28 2.63 44.97 14.70
C VAL D 28 2.96 43.75 15.56
N PHE D 29 1.94 43.21 16.22
CA PHE D 29 2.10 42.03 17.04
C PHE D 29 1.00 41.03 16.73
N PHE D 30 1.34 39.77 16.95
CA PHE D 30 0.55 38.61 16.55
C PHE D 30 0.18 37.81 17.78
N PHE D 31 -1.07 37.41 17.85
CA PHE D 31 -1.56 36.71 19.01
C PHE D 31 -2.56 35.63 18.58
N GLY D 32 -2.56 34.51 19.32
CA GLY D 32 -3.44 33.40 19.01
C GLY D 32 -2.75 32.31 18.21
N GLN D 33 -1.55 31.95 18.65
CA GLN D 33 -0.80 30.93 17.95
C GLN D 33 -1.52 29.58 18.04
N LYS D 34 -1.25 28.70 17.08
CA LYS D 34 -1.74 27.35 17.18
C LYS D 34 -0.95 26.59 18.24
N GLY D 35 -1.64 25.74 19.00
CA GLY D 35 -1.06 25.02 20.12
C GLY D 35 -0.80 25.87 21.35
N TRP D 36 -0.51 25.22 22.47
CA TRP D 36 -0.16 25.96 23.66
C TRP D 36 1.26 26.50 23.47
N PRO D 37 1.57 27.63 24.12
CA PRO D 37 2.92 28.23 23.98
C PRO D 37 4.06 27.29 24.40
N LYS D 38 5.12 27.28 23.60
CA LYS D 38 6.26 26.40 23.83
C LYS D 38 7.42 27.15 24.50
N ARG D 39 8.46 26.40 24.89
CA ARG D 39 9.57 27.02 25.61
C ARG D 39 10.21 28.15 24.82
N SER D 40 10.22 28.03 23.48
CA SER D 40 10.78 29.05 22.61
C SER D 40 10.08 30.40 22.76
N CYS D 41 8.79 30.41 23.10
CA CYS D 41 8.08 31.66 23.38
C CYS D 41 6.94 31.41 24.37
N PRO D 42 7.21 31.56 25.66
CA PRO D 42 6.21 31.23 26.68
C PRO D 42 4.98 32.10 26.69
N THR D 43 5.04 33.34 26.20
CA THR D 43 3.86 34.19 26.27
C THR D 43 2.85 33.86 25.19
N GLY D 44 3.32 33.43 24.02
CA GLY D 44 2.45 33.29 22.87
C GLY D 44 2.15 34.58 22.13
N VAL D 45 2.92 35.65 22.37
CA VAL D 45 2.74 36.93 21.68
C VAL D 45 4.00 37.23 20.91
N PHE D 46 3.86 37.67 19.67
CA PHE D 46 5.03 37.79 18.81
C PHE D 46 5.10 39.13 18.10
N HIS D 47 6.32 39.65 17.94
N HIS D 47 6.33 39.65 17.97
CA HIS D 47 6.56 40.78 17.05
CA HIS D 47 6.63 40.71 17.01
C HIS D 47 6.44 40.29 15.61
C HIS D 47 6.36 40.19 15.62
N PHE D 48 5.54 40.91 14.85
CA PHE D 48 5.12 40.48 13.53
C PHE D 48 5.78 41.41 12.51
N ASP D 49 6.95 41.02 11.99
CA ASP D 49 7.77 41.93 11.20
C ASP D 49 7.88 41.43 9.77
N ILE D 50 7.35 42.21 8.81
CA ILE D 50 7.44 41.87 7.40
C ILE D 50 8.47 42.82 6.78
N LYS D 51 9.66 42.29 6.52
CA LYS D 51 10.73 43.04 5.86
C LYS D 51 11.05 42.37 4.54
N GLN D 52 10.98 43.15 3.46
CA GLN D 52 11.23 42.66 2.11
C GLN D 52 10.30 41.49 1.79
N ASN D 53 9.01 41.66 2.10
CA ASN D 53 7.97 40.67 1.89
C ASN D 53 8.26 39.35 2.59
N HIS D 54 9.13 39.37 3.60
CA HIS D 54 9.48 38.20 4.40
C HIS D 54 8.94 38.42 5.80
N LEU D 55 8.18 37.45 6.31
CA LEU D 55 7.57 37.56 7.62
C LEU D 55 8.42 36.81 8.63
N LYS D 56 8.82 37.51 9.68
CA LYS D 56 9.47 36.93 10.83
C LYS D 56 8.62 37.17 12.06
N LEU D 57 8.50 36.12 12.86
CA LEU D 57 7.80 36.17 14.13
C LEU D 57 8.87 36.13 15.22
N LYS D 58 8.96 37.20 16.00
CA LYS D 58 9.99 37.18 17.02
C LYS D 58 9.37 37.18 18.42
N PRO D 59 9.87 36.37 19.35
CA PRO D 59 9.21 36.26 20.67
C PRO D 59 9.13 37.59 21.42
N ALA D 60 7.98 37.86 22.05
CA ALA D 60 7.78 39.01 22.92
C ALA D 60 7.59 38.57 24.37
N ILE D 61 8.03 39.40 25.31
CA ILE D 61 8.00 39.04 26.72
C ILE D 61 6.94 39.84 27.47
N PHE D 62 6.49 39.30 28.60
CA PHE D 62 5.50 39.94 29.44
C PHE D 62 6.16 40.50 30.71
N SER D 63 5.49 41.49 31.30
CA SER D 63 6.01 42.12 32.50
C SER D 63 5.79 41.22 33.71
N LYS D 64 6.39 41.61 34.83
CA LYS D 64 6.29 40.81 36.04
C LYS D 64 4.87 40.79 36.58
N ASP D 65 4.08 41.83 36.31
CA ASP D 65 2.71 41.90 36.84
C ASP D 65 1.66 41.44 35.84
N SER D 66 2.05 40.64 34.84
CA SER D 66 1.17 40.23 33.75
C SER D 66 0.50 38.89 34.04
N CYS D 67 -0.68 38.71 33.43
CA CYS D 67 -1.29 37.41 33.20
C CYS D 67 -0.57 36.72 32.06
N TYR D 68 -0.62 35.40 32.04
CA TYR D 68 -0.16 34.65 30.88
C TYR D 68 -1.41 34.06 30.22
N LEU D 69 -2.09 34.89 29.42
CA LEU D 69 -3.36 34.52 28.84
C LEU D 69 -3.15 33.39 27.83
N PRO D 70 -4.16 32.52 27.66
CA PRO D 70 -4.02 31.44 26.68
C PRO D 70 -4.18 31.99 25.27
N PRO D 71 -3.61 31.33 24.28
CA PRO D 71 -3.90 31.71 22.90
C PRO D 71 -5.41 31.65 22.64
N LEU D 72 -5.93 32.60 21.90
CA LEU D 72 -7.38 32.66 21.70
C LEU D 72 -7.72 32.83 20.22
N ARG D 73 -8.67 32.02 19.75
CA ARG D 73 -9.15 32.07 18.38
C ARG D 73 -10.49 32.77 18.37
N TYR D 74 -10.68 33.66 17.41
CA TYR D 74 -11.92 34.43 17.24
C TYR D 74 -12.40 35.21 18.47
N PRO D 75 -11.53 35.87 19.22
CA PRO D 75 -12.01 36.72 20.30
C PRO D 75 -12.44 38.07 19.76
N ALA D 76 -13.29 38.77 20.53
CA ALA D 76 -13.57 40.12 20.13
C ALA D 76 -12.45 41.01 20.61
N THR D 77 -11.91 41.81 19.71
CA THR D 77 -10.83 42.69 20.10
C THR D 77 -11.16 44.10 19.67
N CYS D 78 -10.65 45.06 20.44
CA CYS D 78 -10.70 46.45 19.98
C CYS D 78 -9.52 47.20 20.56
N SER D 79 -9.39 48.45 20.12
CA SER D 79 -8.31 49.34 20.52
C SER D 79 -8.89 50.44 21.39
N TYR D 80 -8.20 50.76 22.48
CA TYR D 80 -8.69 51.69 23.49
C TYR D 80 -7.65 52.80 23.71
N LYS D 81 -8.10 54.05 23.58
CA LYS D 81 -7.24 55.22 23.83
C LYS D 81 -7.55 55.91 25.16
N LYS D 88 -2.95 55.32 28.55
CA LYS D 88 -2.10 54.68 27.55
C LYS D 88 -2.92 53.89 26.53
N HIS D 89 -2.38 53.77 25.31
CA HIS D 89 -3.03 52.99 24.27
C HIS D 89 -2.97 51.50 24.60
N GLN D 90 -4.14 50.85 24.58
CA GLN D 90 -4.21 49.47 24.99
C GLN D 90 -5.20 48.70 24.12
N TYR D 91 -5.18 47.38 24.25
CA TYR D 91 -6.00 46.50 23.46
C TYR D 91 -6.89 45.69 24.39
N ILE D 92 -8.14 45.53 23.97
CA ILE D 92 -9.14 44.78 24.71
C ILE D 92 -9.34 43.46 23.99
N ILE D 93 -9.21 42.35 24.76
CA ILE D 93 -9.44 40.99 24.30
C ILE D 93 -10.60 40.45 25.13
N HIS D 94 -11.66 40.00 24.47
CA HIS D 94 -12.75 39.34 25.20
C HIS D 94 -13.19 38.07 24.49
N GLY D 95 -13.32 36.99 25.23
CA GLY D 95 -13.81 35.74 24.66
C GLY D 95 -12.71 34.98 23.96
N GLY D 96 -13.12 34.18 22.98
CA GLY D 96 -12.23 33.37 22.18
C GLY D 96 -12.23 31.90 22.56
N LYS D 97 -11.61 31.10 21.72
CA LYS D 97 -11.44 29.66 21.91
C LYS D 97 -10.02 29.36 22.37
N THR D 98 -9.89 28.47 23.29
CA THR D 98 -8.57 28.09 23.76
C THR D 98 -8.07 26.85 23.04
N PRO D 99 -6.75 26.56 23.15
CA PRO D 99 -6.22 25.32 22.53
C PRO D 99 -6.93 24.06 23.01
N ASN D 100 -7.59 24.11 24.16
CA ASN D 100 -8.41 23.00 24.62
C ASN D 100 -9.86 23.10 24.19
N ASN D 101 -10.19 24.03 23.29
CA ASN D 101 -11.53 24.21 22.75
C ASN D 101 -12.55 24.75 23.74
N GLU D 102 -12.11 25.21 24.91
CA GLU D 102 -12.98 25.92 25.83
C GLU D 102 -13.17 27.37 25.38
N LEU D 103 -14.33 27.92 25.67
CA LEU D 103 -14.61 29.32 25.40
C LEU D 103 -14.34 30.14 26.65
N SER D 104 -13.58 31.23 26.49
CA SER D 104 -13.23 32.09 27.60
C SER D 104 -14.25 33.21 27.70
N ASP D 105 -14.70 33.49 28.92
CA ASP D 105 -15.55 34.65 29.18
C ASP D 105 -14.75 35.83 29.72
N LYS D 106 -13.46 35.64 29.93
CA LYS D 106 -12.60 36.63 30.55
C LYS D 106 -12.31 37.79 29.61
N ILE D 107 -11.69 38.82 30.16
CA ILE D 107 -11.26 39.99 29.42
C ILE D 107 -9.80 40.26 29.77
N TYR D 108 -8.97 40.37 28.75
CA TYR D 108 -7.56 40.66 28.92
C TYR D 108 -7.30 42.03 28.33
N ILE D 109 -6.35 42.75 28.93
CA ILE D 109 -5.97 44.09 28.48
C ILE D 109 -4.47 44.11 28.24
N MET D 110 -4.10 44.50 27.03
CA MET D 110 -2.71 44.50 26.56
C MET D 110 -2.20 45.93 26.46
N SER D 111 -1.02 46.19 27.00
CA SER D 111 -0.40 47.50 26.85
C SER D 111 1.11 47.31 26.75
N VAL D 112 1.80 48.34 26.26
CA VAL D 112 3.26 48.31 26.20
C VAL D 112 3.82 48.75 27.54
N ALA D 113 4.45 47.83 28.26
CA ALA D 113 4.98 48.19 29.57
C ALA D 113 6.36 48.79 29.46
N CYS D 114 7.18 48.23 28.59
CA CYS D 114 8.57 48.65 28.44
C CYS D 114 9.03 48.29 27.04
N LYS D 115 9.78 49.19 26.41
CA LYS D 115 10.30 48.97 25.07
C LYS D 115 11.80 49.09 25.07
N ASN D 116 12.50 47.96 25.00
CA ASN D 116 13.94 47.94 24.92
C ASN D 116 14.36 47.50 23.53
N ASN D 117 14.97 48.40 22.78
CA ASN D 117 15.59 48.02 21.51
C ASN D 117 14.66 47.26 20.57
N VAL D 120 9.82 44.72 22.66
CA VAL D 120 8.89 45.36 23.58
C VAL D 120 8.48 44.34 24.60
N THR D 121 8.30 44.78 25.84
CA THR D 121 7.63 44.00 26.88
C THR D 121 6.20 44.50 27.06
N PHE D 122 5.26 43.56 27.19
CA PHE D 122 3.85 43.88 27.36
C PHE D 122 3.41 43.74 28.80
N ARG D 123 2.38 44.49 29.16
CA ARG D 123 1.60 44.28 30.37
C ARG D 123 0.27 43.70 29.94
N CYS D 124 -0.01 42.48 30.41
CA CYS D 124 -1.26 41.77 30.17
C CYS D 124 -1.96 41.61 31.49
N THR D 125 -3.04 42.36 31.70
CA THR D 125 -3.78 42.24 32.94
C THR D 125 -5.20 41.81 32.65
N GLU D 126 -5.71 40.88 33.42
CA GLU D 126 -7.08 40.46 33.23
C GLU D 126 -7.98 41.31 34.10
N LYS D 127 -9.12 41.69 33.54
CA LYS D 127 -10.12 42.45 34.25
C LYS D 127 -11.26 41.52 34.62
N ASP D 128 -11.54 41.41 35.93
CA ASP D 128 -12.68 40.65 36.40
C ASP D 128 -13.97 41.38 36.06
N LEU D 129 -15.04 40.62 35.85
CA LEU D 129 -16.30 41.16 35.36
C LEU D 129 -17.43 40.70 36.26
N VAL D 130 -18.26 41.64 36.70
CA VAL D 130 -19.38 41.28 37.57
C VAL D 130 -20.66 41.94 37.06
N GLY D 131 -21.78 41.38 37.50
CA GLY D 131 -23.08 41.87 37.07
C GLY D 131 -23.71 40.93 36.06
N ASP D 132 -24.02 41.47 34.89
CA ASP D 132 -24.50 40.67 33.75
C ASP D 132 -23.34 40.32 32.83
N VAL D 133 -22.52 39.40 33.31
CA VAL D 133 -21.37 38.98 32.49
C VAL D 133 -21.90 38.23 31.26
N PRO D 134 -21.38 38.50 30.07
CA PRO D 134 -21.84 37.77 28.89
C PRO D 134 -21.28 36.34 28.91
N GLU D 135 -22.11 35.38 28.47
CA GLU D 135 -21.63 34.01 28.42
C GLU D 135 -20.38 33.92 27.53
N PRO D 136 -19.44 33.03 27.84
CA PRO D 136 -18.23 32.95 27.02
C PRO D 136 -18.59 32.64 25.57
N ARG D 137 -17.94 33.33 24.65
CA ARG D 137 -18.33 33.32 23.25
C ARG D 137 -17.12 33.52 22.37
N TYR D 138 -17.29 33.22 21.08
CA TYR D 138 -16.33 33.65 20.06
C TYR D 138 -17.11 34.17 18.87
N GLY D 139 -16.38 34.82 17.96
CA GLY D 139 -16.99 35.37 16.76
C GLY D 139 -17.93 36.52 17.04
N HIS D 140 -17.60 37.38 18.00
CA HIS D 140 -18.45 38.46 18.46
C HIS D 140 -17.66 39.76 18.36
N SER D 141 -18.35 40.89 18.54
CA SER D 141 -17.71 42.20 18.43
C SER D 141 -17.67 42.90 19.78
N ILE D 142 -16.61 43.69 19.97
CA ILE D 142 -16.49 44.62 21.08
C ILE D 142 -15.75 45.88 20.60
N ASP D 143 -16.28 47.06 20.96
CA ASP D 143 -15.72 48.36 20.59
C ASP D 143 -15.89 49.31 21.76
N VAL D 144 -15.27 50.49 21.65
CA VAL D 144 -15.38 51.52 22.68
C VAL D 144 -16.14 52.72 22.11
N VAL D 145 -17.15 53.18 22.85
CA VAL D 145 -17.91 54.38 22.50
C VAL D 145 -17.62 55.44 23.53
N TYR D 146 -17.75 56.70 23.09
CA TYR D 146 -17.48 57.87 23.90
C TYR D 146 -18.73 58.74 23.89
N SER D 147 -19.26 59.05 25.06
CA SER D 147 -20.43 59.90 25.17
C SER D 147 -20.28 60.80 26.39
N ARG D 148 -20.41 62.11 26.17
CA ARG D 148 -20.37 63.10 27.23
C ARG D 148 -19.11 62.96 28.06
N GLY D 149 -17.96 62.86 27.37
CA GLY D 149 -16.69 62.74 28.04
C GLY D 149 -16.50 61.46 28.83
N LYS D 150 -17.30 60.43 28.58
CA LYS D 150 -17.20 59.18 29.29
C LYS D 150 -17.01 58.04 28.29
N SER D 151 -16.26 57.02 28.69
CA SER D 151 -15.92 55.90 27.82
C SER D 151 -16.58 54.63 28.31
N MET D 152 -17.11 53.85 27.36
CA MET D 152 -17.82 52.62 27.71
C MET D 152 -17.55 51.60 26.61
N GLY D 153 -17.53 50.31 26.96
CA GLY D 153 -17.38 49.28 25.96
C GLY D 153 -18.74 48.73 25.54
N VAL D 154 -18.87 48.46 24.25
CA VAL D 154 -20.07 47.85 23.71
C VAL D 154 -19.68 46.50 23.16
N LEU D 155 -20.40 45.47 23.59
CA LEU D 155 -20.19 44.09 23.16
C LEU D 155 -21.48 43.55 22.59
N PHE D 156 -21.39 42.85 21.47
CA PHE D 156 -22.60 42.31 20.85
C PHE D 156 -22.32 41.08 20.01
N GLY D 157 -23.23 40.08 20.12
CA GLY D 157 -23.26 38.95 19.20
C GLY D 157 -22.39 37.78 19.59
N GLY D 158 -22.32 36.84 18.65
CA GLY D 158 -21.43 35.70 18.72
C GLY D 158 -22.19 34.39 18.89
N ARG D 159 -21.43 33.32 19.13
CA ARG D 159 -22.00 32.00 19.32
C ARG D 159 -21.27 31.30 20.45
N SER D 160 -21.93 30.29 21.02
CA SER D 160 -21.35 29.54 22.14
C SER D 160 -21.91 28.12 22.12
N TYR D 161 -21.41 27.31 23.04
CA TYR D 161 -21.92 25.94 23.16
C TYR D 161 -23.33 25.97 23.73
N MET D 162 -23.98 24.82 23.73
CA MET D 162 -25.29 24.77 24.35
C MET D 162 -25.16 24.98 25.86
N PRO D 163 -26.22 25.45 26.49
CA PRO D 163 -26.20 25.59 27.95
C PRO D 163 -26.04 24.22 28.62
N SER D 164 -25.48 24.24 29.84
CA SER D 164 -25.13 23.01 30.55
C SER D 164 -26.32 22.07 30.74
N THR D 165 -27.55 22.59 30.72
CA THR D 165 -28.71 21.72 30.91
C THR D 165 -29.03 20.92 29.66
N GLN D 166 -28.94 21.53 28.47
CA GLN D 166 -29.28 20.87 27.22
C GLN D 166 -28.07 20.26 26.51
N ARG D 167 -26.86 20.62 26.91
CA ARG D 167 -25.67 20.13 26.23
C ARG D 167 -25.52 18.63 26.45
N THR D 168 -25.27 17.90 25.37
CA THR D 168 -25.08 16.47 25.43
C THR D 168 -23.80 16.08 24.71
N THR D 169 -23.13 15.02 25.20
CA THR D 169 -21.84 14.62 24.66
C THR D 169 -21.89 14.23 23.20
N GLU D 170 -23.03 13.72 22.73
CA GLU D 170 -23.13 13.39 21.31
C GLU D 170 -23.07 14.67 20.47
N LYS D 171 -23.54 15.80 20.99
CA LYS D 171 -23.47 17.10 20.32
C LYS D 171 -22.67 18.09 21.16
N TRP D 172 -21.62 17.56 21.79
CA TRP D 172 -20.84 18.33 22.76
C TRP D 172 -20.27 19.61 22.19
N ASN D 173 -19.97 19.62 20.90
CA ASN D 173 -19.36 20.79 20.29
C ASN D 173 -20.36 21.64 19.54
N SER D 174 -21.62 21.23 19.49
CA SER D 174 -22.62 22.02 18.80
C SER D 174 -22.74 23.43 19.38
N VAL D 175 -22.94 24.39 18.50
CA VAL D 175 -22.98 25.79 18.87
C VAL D 175 -24.29 26.40 18.39
N ALA D 176 -24.65 27.49 19.05
CA ALA D 176 -25.79 28.30 18.69
C ALA D 176 -25.39 29.76 18.84
N ASP D 177 -26.07 30.63 18.10
CA ASP D 177 -25.82 32.06 18.24
C ASP D 177 -26.23 32.51 19.64
N CYS D 178 -25.46 33.44 20.20
CA CYS D 178 -25.88 34.04 21.46
C CYS D 178 -27.09 34.91 21.25
N LEU D 179 -27.88 35.08 22.30
CA LEU D 179 -28.99 36.02 22.24
C LEU D 179 -28.46 37.40 21.88
N PRO D 180 -29.13 38.11 20.99
CA PRO D 180 -28.60 39.40 20.49
C PRO D 180 -28.85 40.54 21.47
N HIS D 181 -28.15 40.50 22.60
CA HIS D 181 -28.23 41.54 23.62
C HIS D 181 -27.00 42.43 23.53
N VAL D 182 -27.18 43.73 23.69
CA VAL D 182 -26.05 44.65 23.72
C VAL D 182 -25.53 44.70 25.16
N PHE D 183 -24.21 44.64 25.33
CA PHE D 183 -23.61 44.63 26.66
C PHE D 183 -22.74 45.86 26.81
N LEU D 184 -23.06 46.72 27.77
CA LEU D 184 -22.18 47.82 28.16
C LEU D 184 -21.23 47.35 29.25
N ILE D 185 -19.95 47.66 29.07
CA ILE D 185 -18.87 47.12 29.90
C ILE D 185 -17.96 48.26 30.34
N ASP D 186 -17.90 48.50 31.64
CA ASP D 186 -16.98 49.48 32.21
C ASP D 186 -15.69 48.74 32.54
N PHE D 187 -14.63 49.06 31.78
CA PHE D 187 -13.35 48.39 31.93
C PHE D 187 -12.63 48.79 33.20
N GLU D 188 -12.87 49.98 33.73
CA GLU D 188 -12.12 50.39 34.92
C GLU D 188 -12.48 49.52 36.12
N PHE D 189 -13.77 49.27 36.31
CA PHE D 189 -14.27 48.51 37.44
C PHE D 189 -14.82 47.15 37.03
N GLY D 190 -15.03 46.92 35.76
CA GLY D 190 -15.40 45.59 35.34
C GLY D 190 -16.86 45.28 35.52
N CYS D 191 -17.75 46.20 35.18
CA CYS D 191 -19.16 45.93 35.38
C CYS D 191 -19.86 45.84 34.02
N ALA D 192 -20.98 45.11 33.99
CA ALA D 192 -21.65 44.81 32.74
C ALA D 192 -23.16 44.97 32.86
N THR D 193 -23.76 45.61 31.88
CA THR D 193 -25.21 45.82 31.81
C THR D 193 -25.71 45.31 30.47
N SER D 194 -26.79 44.53 30.49
CA SER D 194 -27.32 43.96 29.25
C SER D 194 -28.58 44.70 28.84
N TYR D 195 -28.69 45.00 27.54
CA TYR D 195 -29.81 45.75 26.98
C TYR D 195 -30.43 44.92 25.86
N ILE D 196 -31.70 44.57 26.04
CA ILE D 196 -32.50 43.91 25.02
C ILE D 196 -33.13 44.98 24.14
N LEU D 197 -32.93 44.88 22.82
CA LEU D 197 -33.45 45.82 21.84
C LEU D 197 -34.45 45.15 20.91
N PRO D 198 -35.59 45.79 20.63
CA PRO D 198 -36.59 45.15 19.75
C PRO D 198 -36.14 45.03 18.31
N GLU D 199 -35.26 45.93 17.83
CA GLU D 199 -34.84 45.91 16.44
C GLU D 199 -33.88 44.77 16.12
N LEU D 200 -33.24 44.20 17.14
CA LEU D 200 -32.29 43.09 16.97
C LEU D 200 -33.03 41.82 17.37
N GLN D 201 -33.61 41.15 16.37
CA GLN D 201 -34.40 39.95 16.61
C GLN D 201 -33.57 38.68 16.58
N ASP D 202 -32.60 38.58 15.69
CA ASP D 202 -31.89 37.33 15.50
C ASP D 202 -30.46 37.43 16.01
N GLY D 203 -29.85 36.25 16.22
CA GLY D 203 -28.45 36.18 16.59
C GLY D 203 -27.53 36.39 15.40
N LEU D 204 -26.31 36.82 15.71
CA LEU D 204 -25.40 37.22 14.66
C LEU D 204 -23.97 36.95 15.14
N SER D 205 -23.12 36.43 14.25
CA SER D 205 -21.70 36.21 14.54
C SER D 205 -20.87 36.46 13.28
N PHE D 206 -19.57 36.65 13.51
CA PHE D 206 -18.60 36.91 12.44
C PHE D 206 -18.96 38.15 11.62
N HIS D 207 -19.58 39.14 12.26
CA HIS D 207 -19.93 40.38 11.60
C HIS D 207 -18.77 41.37 11.67
N VAL D 208 -18.95 42.52 11.03
CA VAL D 208 -17.99 43.62 11.05
C VAL D 208 -18.55 44.75 11.90
N SER D 209 -17.66 45.43 12.62
CA SER D 209 -18.03 46.46 13.60
C SER D 209 -17.24 47.74 13.39
N ILE D 210 -17.93 48.87 13.32
CA ILE D 210 -17.27 50.17 13.16
C ILE D 210 -17.74 51.14 14.24
N ALA D 211 -16.82 51.70 15.01
CA ALA D 211 -17.16 52.54 16.15
C ALA D 211 -16.67 53.95 15.92
N ARG D 212 -17.60 54.91 15.96
CA ARG D 212 -17.25 56.32 15.85
C ARG D 212 -18.06 57.09 16.90
N ASN D 213 -17.36 57.79 17.78
CA ASN D 213 -17.98 58.59 18.83
C ASN D 213 -18.97 57.76 19.65
N ASP D 214 -20.23 58.16 19.70
CA ASP D 214 -21.22 57.45 20.50
C ASP D 214 -21.98 56.41 19.70
N THR D 215 -21.44 55.98 18.56
CA THR D 215 -22.15 55.08 17.68
C THR D 215 -21.30 53.88 17.31
N VAL D 216 -21.98 52.74 17.16
CA VAL D 216 -21.38 51.52 16.63
C VAL D 216 -22.28 51.00 15.52
N TYR D 217 -21.72 50.84 14.34
CA TYR D 217 -22.40 50.26 13.20
C TYR D 217 -22.06 48.78 13.11
N ILE D 218 -23.10 47.98 12.86
CA ILE D 218 -23.01 46.54 12.73
C ILE D 218 -23.31 46.19 11.29
N LEU D 219 -22.39 45.46 10.65
CA LEU D 219 -22.44 45.15 9.24
C LEU D 219 -22.32 43.67 9.01
N GLY D 220 -23.14 43.14 8.10
CA GLY D 220 -23.02 41.76 7.68
C GLY D 220 -23.24 40.76 8.81
N GLY D 221 -22.36 39.76 8.87
CA GLY D 221 -22.49 38.68 9.83
C GLY D 221 -23.23 37.48 9.28
N HIS D 222 -23.34 36.45 10.13
CA HIS D 222 -24.01 35.20 9.80
C HIS D 222 -24.93 34.84 10.95
N SER D 223 -26.17 34.50 10.64
CA SER D 223 -27.15 34.09 11.65
C SER D 223 -27.31 32.60 11.50
N LEU D 224 -27.00 31.87 12.56
CA LEU D 224 -26.97 30.42 12.48
C LEU D 224 -28.37 29.85 12.32
N ALA D 225 -29.34 30.34 13.08
CA ALA D 225 -30.65 29.71 13.11
C ALA D 225 -31.29 29.67 11.72
N SER D 226 -31.33 30.81 11.05
CA SER D 226 -31.82 30.87 9.68
C SER D 226 -30.79 30.43 8.66
N ASN D 227 -29.51 30.41 9.04
CA ASN D 227 -28.39 30.18 8.13
C ASN D 227 -28.40 31.19 6.99
N ILE D 228 -28.61 32.44 7.35
CA ILE D 228 -28.64 33.55 6.39
C ILE D 228 -27.54 34.53 6.77
N ARG D 229 -26.92 35.09 5.76
CA ARG D 229 -25.96 36.15 6.01
C ARG D 229 -26.69 37.44 5.69
N PRO D 230 -27.36 38.06 6.67
CA PRO D 230 -28.32 39.11 6.35
C PRO D 230 -27.63 40.35 5.80
N ALA D 231 -28.30 40.98 4.85
CA ALA D 231 -27.83 42.22 4.22
C ALA D 231 -28.42 43.45 4.92
N ASN D 232 -28.37 43.44 6.25
CA ASN D 232 -28.83 44.54 7.06
C ASN D 232 -27.65 45.24 7.71
N LEU D 233 -27.86 46.51 8.00
CA LEU D 233 -26.92 47.36 8.72
C LEU D 233 -27.64 47.96 9.91
N TYR D 234 -27.01 47.89 11.08
CA TYR D 234 -27.62 48.36 12.32
C TYR D 234 -26.78 49.49 12.90
N ARG D 235 -27.42 50.59 13.26
CA ARG D 235 -26.75 51.68 13.97
C ARG D 235 -27.11 51.60 15.45
N ILE D 236 -26.11 51.73 16.31
CA ILE D 236 -26.30 51.65 17.75
C ILE D 236 -25.76 52.91 18.39
N ARG D 237 -26.65 53.70 18.99
CA ARG D 237 -26.26 54.91 19.69
C ARG D 237 -26.28 54.63 21.18
N VAL D 238 -25.30 55.18 21.89
CA VAL D 238 -25.17 55.03 23.32
C VAL D 238 -24.96 56.41 23.94
N ASP D 239 -25.83 56.79 24.87
CA ASP D 239 -25.67 58.01 25.65
C ASP D 239 -25.29 57.63 27.07
N LEU D 240 -24.35 58.37 27.65
CA LEU D 240 -23.83 58.11 28.99
C LEU D 240 -24.08 59.30 29.90
N PRO D 241 -25.25 59.44 30.39
CA PRO D 241 -25.49 60.46 31.40
C PRO D 241 -24.87 60.00 32.70
N LEU D 242 -25.12 60.73 33.77
CA LEU D 242 -24.53 60.31 35.04
C LEU D 242 -25.18 59.04 35.56
N GLY D 243 -26.45 58.82 35.21
CA GLY D 243 -27.15 57.60 35.61
C GLY D 243 -26.91 56.45 34.66
N THR D 244 -27.91 55.58 34.56
CA THR D 244 -27.79 54.41 33.70
C THR D 244 -27.78 54.85 32.24
N PRO D 245 -26.86 54.31 31.43
CA PRO D 245 -26.81 54.66 30.02
C PRO D 245 -28.11 54.36 29.30
N ALA D 246 -28.22 54.90 28.10
CA ALA D 246 -29.36 54.60 27.25
C ALA D 246 -28.81 54.24 25.89
N VAL D 247 -29.31 53.14 25.34
CA VAL D 247 -28.85 52.63 24.06
C VAL D 247 -30.06 52.51 23.14
N ASN D 248 -29.92 53.01 21.91
CA ASN D 248 -31.00 52.93 20.95
C ASN D 248 -30.43 52.46 19.62
N CYS D 249 -31.10 51.49 19.02
CA CYS D 249 -30.67 50.91 17.76
C CYS D 249 -31.70 51.22 16.68
N THR D 250 -31.20 51.40 15.47
CA THR D 250 -32.06 51.66 14.33
C THR D 250 -31.55 50.87 13.12
N VAL D 251 -32.49 50.29 12.38
CA VAL D 251 -32.16 49.58 11.14
C VAL D 251 -31.93 50.61 10.03
N LEU D 252 -30.89 50.38 9.20
CA LEU D 252 -30.51 51.27 8.11
C LEU D 252 -30.47 50.51 6.79
N PRO D 253 -31.14 51.00 5.76
CA PRO D 253 -31.05 50.33 4.46
C PRO D 253 -29.65 50.46 3.88
N GLY D 254 -29.41 49.63 2.86
CA GLY D 254 -28.12 49.66 2.22
C GLY D 254 -27.07 48.83 2.92
N GLY D 255 -27.49 47.75 3.59
CA GLY D 255 -26.55 46.91 4.31
C GLY D 255 -25.99 45.84 3.40
N ILE D 256 -24.67 45.65 3.48
CA ILE D 256 -23.97 44.60 2.74
C ILE D 256 -24.19 43.25 3.42
N SER D 257 -24.06 42.17 2.65
CA SER D 257 -24.18 40.80 3.15
C SER D 257 -22.81 40.12 3.10
N VAL D 258 -22.14 40.04 4.26
CA VAL D 258 -20.81 39.42 4.31
C VAL D 258 -20.48 38.98 5.74
N SER D 259 -19.97 37.75 5.89
CA SER D 259 -19.43 37.24 7.15
C SER D 259 -17.91 37.08 7.06
N SER D 260 -17.23 37.25 8.20
CA SER D 260 -15.80 37.05 8.31
C SER D 260 -14.98 37.99 7.40
N ALA D 261 -15.54 39.13 7.02
CA ALA D 261 -14.79 40.13 6.27
C ALA D 261 -13.75 40.79 7.16
N ILE D 262 -12.77 41.43 6.53
CA ILE D 262 -11.72 42.12 7.25
C ILE D 262 -11.88 43.63 7.06
N LEU D 263 -11.57 44.40 8.10
CA LEU D 263 -11.77 45.85 8.07
C LEU D 263 -10.49 46.60 8.41
N THR D 264 -10.20 47.64 7.63
CA THR D 264 -9.03 48.47 7.87
C THR D 264 -9.38 49.94 7.66
N GLN D 265 -8.58 50.79 8.29
CA GLN D 265 -8.75 52.25 8.29
C GLN D 265 -7.71 52.90 7.37
N THR D 266 -8.22 53.60 6.35
CA THR D 266 -7.41 54.36 5.40
C THR D 266 -7.47 55.84 5.77
N ASN D 267 -6.31 56.49 5.78
CA ASN D 267 -6.22 57.92 6.06
C ASN D 267 -6.92 58.16 7.40
N ASN D 268 -7.95 59.01 7.44
CA ASN D 268 -8.75 59.29 8.62
C ASN D 268 -10.20 59.34 8.18
N ASP D 269 -11.06 58.69 8.97
CA ASP D 269 -12.50 58.69 8.76
C ASP D 269 -12.95 58.00 7.46
N GLU D 270 -12.12 57.15 6.88
CA GLU D 270 -12.52 56.33 5.75
C GLU D 270 -12.06 54.90 5.98
N PHE D 271 -12.96 53.92 5.85
CA PHE D 271 -12.66 52.52 6.11
C PHE D 271 -12.92 51.68 4.86
N VAL D 272 -12.08 50.66 4.65
CA VAL D 272 -12.28 49.73 3.55
C VAL D 272 -12.33 48.32 4.12
N ILE D 273 -13.29 47.53 3.63
CA ILE D 273 -13.45 46.15 4.03
C ILE D 273 -13.17 45.25 2.82
N VAL D 274 -12.34 44.23 3.05
CA VAL D 274 -11.93 43.26 2.06
C VAL D 274 -12.63 41.95 2.39
N GLY D 275 -12.79 41.12 1.37
CA GLY D 275 -13.88 40.15 1.37
C GLY D 275 -13.79 39.11 2.48
N GLY D 276 -14.90 38.40 2.58
CA GLY D 276 -15.06 37.31 3.53
C GLY D 276 -15.82 36.26 2.77
N TYR D 277 -16.84 35.68 3.40
CA TYR D 277 -17.65 34.69 2.73
C TYR D 277 -19.05 35.26 2.54
N GLN D 278 -19.50 35.26 1.29
CA GLN D 278 -20.82 35.73 0.91
C GLN D 278 -21.85 34.60 0.87
N LEU D 279 -21.41 33.40 0.52
CA LEU D 279 -22.25 32.21 0.62
C LEU D 279 -21.36 31.06 1.08
N GLU D 280 -22.01 29.97 1.51
CA GLU D 280 -21.23 28.83 1.94
C GLU D 280 -20.31 28.36 0.82
N ASN D 281 -20.80 28.36 -0.42
CA ASN D 281 -20.04 27.91 -1.57
C ASN D 281 -19.31 29.05 -2.30
N GLN D 282 -19.67 30.30 -2.03
CA GLN D 282 -19.15 31.47 -2.73
C GLN D 282 -18.36 32.39 -1.79
N LYS D 283 -17.41 33.09 -2.37
CA LYS D 283 -16.53 34.00 -1.65
C LYS D 283 -16.79 35.42 -2.10
N ARG D 284 -16.65 36.39 -1.20
CA ARG D 284 -16.87 37.79 -1.53
C ARG D 284 -15.60 38.36 -2.12
N MET D 285 -15.52 38.39 -3.45
CA MET D 285 -14.30 38.84 -4.10
C MET D 285 -14.21 40.36 -4.20
N VAL D 286 -15.35 41.06 -4.12
CA VAL D 286 -15.40 42.52 -4.18
C VAL D 286 -15.00 43.14 -2.85
N CYS D 287 -14.76 44.44 -2.85
CA CYS D 287 -14.39 45.18 -1.65
C CYS D 287 -15.30 46.38 -1.52
N SER D 288 -15.54 46.81 -0.28
CA SER D 288 -16.45 47.91 0.00
C SER D 288 -15.74 49.03 0.73
N LEU D 289 -16.23 50.25 0.52
CA LEU D 289 -15.73 51.46 1.13
C LEU D 289 -16.84 52.10 1.98
N VAL D 290 -16.52 52.38 3.23
CA VAL D 290 -17.46 52.97 4.18
C VAL D 290 -16.93 54.36 4.55
N SER D 291 -17.75 55.37 4.33
CA SER D 291 -17.46 56.73 4.74
C SER D 291 -18.41 57.13 5.84
N LEU D 292 -17.86 57.75 6.88
CA LEU D 292 -18.62 57.99 8.10
C LEU D 292 -19.22 59.40 8.20
N ILE D 297 -23.64 57.37 7.31
CA ILE D 297 -22.77 56.27 6.90
C ILE D 297 -23.10 55.83 5.46
N GLU D 298 -22.11 55.77 4.58
CA GLU D 298 -22.39 55.43 3.18
C GLU D 298 -21.42 54.40 2.66
N ILE D 299 -21.95 53.38 1.97
CA ILE D 299 -21.17 52.25 1.45
C ILE D 299 -21.15 52.28 -0.08
N SER D 300 -19.94 52.29 -0.65
CA SER D 300 -19.75 52.27 -2.10
C SER D 300 -18.81 51.12 -2.47
N GLU D 301 -19.16 50.40 -3.54
CA GLU D 301 -18.28 49.36 -4.07
C GLU D 301 -16.99 49.95 -4.61
N MET D 302 -15.89 49.20 -4.49
CA MET D 302 -14.62 49.62 -5.07
C MET D 302 -14.17 48.60 -6.12
N GLU D 303 -13.18 49.02 -6.91
CA GLU D 303 -12.65 48.14 -7.94
C GLU D 303 -11.96 46.96 -7.26
N THR D 304 -12.32 45.77 -7.70
CA THR D 304 -11.77 44.59 -7.08
C THR D 304 -10.28 44.50 -7.36
N PRO D 305 -9.47 44.09 -6.39
CA PRO D 305 -8.03 44.04 -6.59
C PRO D 305 -7.66 42.92 -7.54
N ASP D 306 -6.37 42.88 -7.89
CA ASP D 306 -5.83 41.92 -8.87
C ASP D 306 -5.56 40.58 -8.16
N TRP D 307 -6.65 39.87 -7.86
CA TRP D 307 -6.52 38.58 -7.20
C TRP D 307 -5.79 37.59 -8.11
N THR D 308 -4.95 36.73 -7.52
CA THR D 308 -4.33 35.66 -8.30
C THR D 308 -5.29 34.46 -8.39
N SER D 309 -4.93 33.50 -9.24
CA SER D 309 -5.81 32.36 -9.44
C SER D 309 -5.89 31.48 -8.20
N ASP D 310 -4.79 31.35 -7.45
CA ASP D 310 -4.81 30.56 -6.22
C ASP D 310 -5.84 31.10 -5.24
N ILE D 311 -5.86 32.42 -5.04
CA ILE D 311 -6.87 33.04 -4.18
C ILE D 311 -8.27 32.82 -4.74
N LYS D 312 -8.42 32.91 -6.06
CA LYS D 312 -9.74 32.80 -6.67
C LYS D 312 -10.34 31.40 -6.48
N HIS D 313 -9.50 30.36 -6.57
CA HIS D 313 -9.99 28.98 -6.56
C HIS D 313 -9.93 28.33 -5.19
N SER D 314 -9.46 29.05 -4.18
CA SER D 314 -9.51 28.55 -2.82
C SER D 314 -10.92 28.68 -2.25
N LYS D 315 -11.32 27.65 -1.47
CA LYS D 315 -12.60 27.61 -0.78
C LYS D 315 -12.58 28.44 0.48
N ILE D 316 -11.45 28.43 1.19
CA ILE D 316 -11.32 29.08 2.50
C ILE D 316 -10.29 30.19 2.37
N TRP D 317 -10.54 31.33 3.03
CA TRP D 317 -9.49 32.32 3.20
C TRP D 317 -9.66 33.03 4.54
N PHE D 318 -8.53 33.47 5.11
CA PHE D 318 -8.59 34.08 6.44
C PHE D 318 -7.57 35.19 6.54
N GLY D 319 -7.80 36.13 7.45
CA GLY D 319 -6.84 37.21 7.55
C GLY D 319 -7.13 38.10 8.72
N SER D 320 -6.29 39.13 8.87
CA SER D 320 -6.44 40.10 9.93
C SER D 320 -6.02 41.49 9.44
N ASN D 321 -6.45 42.50 10.17
CA ASN D 321 -6.04 43.87 9.90
C ASN D 321 -4.73 44.14 10.62
N MET D 322 -3.74 44.66 9.86
CA MET D 322 -2.43 45.01 10.42
C MET D 322 -2.38 46.39 11.06
N GLY D 323 -3.29 47.28 10.70
CA GLY D 323 -3.29 48.57 11.35
C GLY D 323 -2.96 49.69 10.39
N ASN D 324 -1.95 49.48 9.57
CA ASN D 324 -1.49 50.51 8.65
C ASN D 324 -2.29 50.51 7.34
N GLY D 325 -3.62 50.45 7.40
CA GLY D 325 -4.42 50.34 6.20
C GLY D 325 -4.08 49.15 5.33
N THR D 326 -3.45 48.13 5.87
CA THR D 326 -3.01 46.96 5.12
C THR D 326 -3.53 45.69 5.78
N ILE D 327 -3.98 44.75 4.95
CA ILE D 327 -4.55 43.48 5.41
C ILE D 327 -3.50 42.40 5.22
N PHE D 328 -3.45 41.45 6.16
CA PHE D 328 -2.60 40.26 6.06
C PHE D 328 -3.50 39.06 5.90
N LEU D 329 -3.46 38.42 4.74
CA LEU D 329 -4.36 37.30 4.52
C LEU D 329 -3.59 36.03 4.19
N GLY D 330 -4.29 34.91 4.32
CA GLY D 330 -3.71 33.59 4.14
C GLY D 330 -4.72 32.65 3.51
N ILE D 331 -4.19 31.70 2.74
CA ILE D 331 -4.92 30.72 1.94
C ILE D 331 -4.33 29.34 2.18
N PRO D 332 -5.12 28.26 2.13
CA PRO D 332 -4.55 26.94 2.36
C PRO D 332 -3.77 26.39 1.17
N GLY D 333 -2.77 25.57 1.52
CA GLY D 333 -1.88 24.91 0.57
C GLY D 333 -2.52 23.85 -0.30
N ASP D 334 -1.73 23.37 -1.26
CA ASP D 334 -2.15 22.36 -2.22
C ASP D 334 -2.11 20.98 -1.56
N ASN D 335 -2.80 20.02 -2.17
CA ASN D 335 -2.86 18.69 -1.57
C ASN D 335 -1.49 18.01 -1.55
N LYS D 336 -0.70 18.17 -2.60
CA LYS D 336 0.58 17.48 -2.68
C LYS D 336 1.52 17.84 -1.54
N GLU D 341 3.52 23.68 1.12
CA GLU D 341 3.35 24.37 2.39
C GLU D 341 1.90 24.30 2.89
N ALA D 342 1.74 24.40 4.21
CA ALA D 342 0.40 24.36 4.79
C ALA D 342 -0.42 25.57 4.37
N PHE D 343 0.20 26.75 4.37
CA PHE D 343 -0.49 27.98 4.06
C PHE D 343 0.38 28.85 3.15
N TYR D 344 -0.29 29.69 2.36
CA TYR D 344 0.34 30.67 1.51
C TYR D 344 -0.24 32.02 1.89
N PHE D 345 0.63 33.01 2.15
CA PHE D 345 0.23 34.29 2.73
C PHE D 345 0.51 35.44 1.79
N TYR D 346 -0.39 36.42 1.83
CA TYR D 346 -0.29 37.63 1.02
C TYR D 346 -0.57 38.84 1.91
N THR D 347 -0.16 40.03 1.43
CA THR D 347 -0.48 41.30 2.07
C THR D 347 -1.15 42.19 1.04
N LEU D 348 -2.36 42.66 1.35
CA LEU D 348 -3.16 43.50 0.46
C LEU D 348 -3.19 44.92 1.01
N ARG D 349 -2.65 45.88 0.26
CA ARG D 349 -2.50 47.23 0.78
C ARG D 349 -3.59 48.18 0.27
N CYS D 350 -3.86 49.20 1.05
CA CYS D 350 -4.87 50.19 0.74
C CYS D 350 -4.33 51.57 1.13
N SER D 351 -4.77 52.61 0.41
CA SER D 351 -4.21 53.96 0.57
C SER D 351 -2.69 53.94 0.44
N PHE E 19 -40.64 -43.33 47.63
CA PHE E 19 -40.86 -44.46 48.51
C PHE E 19 -40.65 -45.79 47.81
N VAL E 20 -41.15 -45.91 46.58
CA VAL E 20 -41.28 -47.17 45.86
C VAL E 20 -39.93 -47.92 45.81
N GLN E 21 -38.83 -47.16 45.69
CA GLN E 21 -37.52 -47.81 45.60
C GLN E 21 -37.16 -48.48 46.93
N THR E 22 -37.51 -47.81 48.06
CA THR E 22 -37.30 -48.40 49.38
C THR E 22 -38.25 -49.57 49.63
N CYS E 23 -39.49 -49.50 49.08
CA CYS E 23 -40.45 -50.57 49.33
C CYS E 23 -39.97 -51.85 48.65
N ARG E 24 -39.51 -51.74 47.39
CA ARG E 24 -38.97 -52.89 46.67
C ARG E 24 -37.72 -53.45 47.32
N GLU E 25 -36.79 -52.56 47.71
CA GLU E 25 -35.54 -52.99 48.32
C GLU E 25 -35.79 -53.83 49.56
N GLU E 26 -36.61 -53.31 50.48
CA GLU E 26 -37.14 -54.12 51.58
C GLU E 26 -37.69 -55.46 51.10
N HIS E 27 -38.52 -55.44 50.05
CA HIS E 27 -39.16 -56.67 49.61
C HIS E 27 -38.18 -57.61 48.90
N LYS E 28 -36.93 -57.21 48.69
CA LYS E 28 -35.96 -58.11 48.05
C LYS E 28 -35.74 -59.39 48.87
N LYS E 29 -35.82 -59.31 50.19
CA LYS E 29 -35.81 -60.51 51.06
C LYS E 29 -37.21 -61.03 51.43
N LYS E 30 -38.24 -60.16 51.46
CA LYS E 30 -39.64 -60.59 51.60
C LYS E 30 -40.00 -61.64 50.55
N HIS E 31 -39.99 -61.26 49.29
CA HIS E 31 -40.00 -62.25 48.22
C HIS E 31 -38.59 -62.80 48.04
N PRO E 32 -38.32 -64.09 48.36
CA PRO E 32 -36.93 -64.57 48.39
C PRO E 32 -36.12 -64.31 47.13
N ASP E 33 -36.64 -64.68 45.96
CA ASP E 33 -35.86 -64.46 44.73
C ASP E 33 -36.75 -64.08 43.55
N ALA E 34 -37.99 -63.64 43.78
CA ALA E 34 -38.89 -63.33 42.68
C ALA E 34 -38.59 -61.96 42.07
N SER E 35 -38.71 -61.88 40.74
CA SER E 35 -38.72 -60.60 40.02
C SER E 35 -40.16 -60.17 39.87
N VAL E 36 -40.57 -59.10 40.58
CA VAL E 36 -41.98 -58.74 40.69
C VAL E 36 -42.43 -57.92 39.47
N ASN E 37 -43.73 -57.98 39.20
CA ASN E 37 -44.39 -57.31 38.08
C ASN E 37 -44.46 -55.81 38.28
N PHE E 38 -44.55 -55.08 37.16
CA PHE E 38 -44.66 -53.63 37.24
C PHE E 38 -46.03 -53.22 37.74
N SER E 39 -47.10 -53.68 37.08
CA SER E 39 -48.46 -53.34 37.51
C SER E 39 -48.71 -53.64 38.99
N GLU E 40 -48.60 -54.93 39.37
CA GLU E 40 -48.88 -55.35 40.75
C GLU E 40 -48.00 -54.58 41.76
N PHE E 41 -46.68 -54.45 41.50
CA PHE E 41 -45.84 -53.69 42.43
C PHE E 41 -46.34 -52.24 42.60
N SER E 42 -46.64 -51.56 41.47
CA SER E 42 -47.27 -50.24 41.57
C SER E 42 -48.52 -50.31 42.46
N LYS E 43 -49.33 -51.38 42.33
CA LYS E 43 -50.57 -51.45 43.11
C LYS E 43 -50.24 -51.57 44.61
N LYS E 44 -49.15 -52.30 44.96
CA LYS E 44 -48.86 -52.55 46.39
C LYS E 44 -48.26 -51.31 47.05
N CYS E 45 -47.30 -50.64 46.35
CA CYS E 45 -46.70 -49.43 46.90
C CYS E 45 -47.77 -48.37 47.08
N SER E 46 -48.63 -48.20 46.06
CA SER E 46 -49.83 -47.39 46.18
C SER E 46 -50.63 -47.71 47.43
N GLU E 47 -50.91 -49.00 47.64
CA GLU E 47 -51.90 -49.39 48.65
C GLU E 47 -51.44 -49.09 50.08
N ARG E 48 -50.13 -49.15 50.33
CA ARG E 48 -49.61 -48.68 51.60
C ARG E 48 -49.77 -47.16 51.79
N ARG E 97 -9.58 -46.97 -0.42
CA ARG E 97 -8.16 -47.24 -0.24
C ARG E 97 -7.83 -48.73 -0.44
N PRO E 98 -6.63 -49.04 -0.91
CA PRO E 98 -6.23 -50.45 -1.07
C PRO E 98 -5.56 -50.98 0.19
N PRO E 99 -5.68 -52.28 0.46
CA PRO E 99 -5.16 -52.83 1.72
C PRO E 99 -3.65 -52.88 1.76
N SER E 100 -3.08 -52.69 2.96
CA SER E 100 -1.65 -52.89 3.13
C SER E 100 -1.31 -54.32 2.75
N ALA E 101 -0.03 -54.61 2.49
CA ALA E 101 0.35 -55.99 2.23
C ALA E 101 -0.04 -56.86 3.42
N PHE E 102 0.33 -56.40 4.62
CA PHE E 102 -0.06 -57.06 5.85
C PHE E 102 -1.57 -57.19 5.97
N PHE E 103 -2.32 -56.22 5.45
CA PHE E 103 -3.76 -56.25 5.58
C PHE E 103 -4.40 -57.33 4.71
N LEU E 104 -4.02 -57.39 3.44
CA LEU E 104 -4.49 -58.46 2.57
C LEU E 104 -4.07 -59.83 3.10
N PHE E 105 -2.83 -59.91 3.59
CA PHE E 105 -2.34 -61.13 4.23
C PHE E 105 -3.27 -61.59 5.35
N CYS E 106 -3.65 -60.67 6.24
CA CYS E 106 -4.48 -61.03 7.37
C CYS E 106 -5.87 -61.46 6.93
N SER E 107 -6.40 -60.83 5.89
CA SER E 107 -7.71 -61.26 5.39
C SER E 107 -7.63 -62.69 4.87
N GLU E 108 -6.50 -63.04 4.23
CA GLU E 108 -6.34 -64.40 3.72
C GLU E 108 -6.06 -65.41 4.83
N TYR E 109 -5.34 -65.01 5.88
CA TYR E 109 -4.93 -65.92 6.96
C TYR E 109 -5.89 -65.99 8.14
N ARG E 110 -6.88 -65.12 8.20
CA ARG E 110 -7.92 -65.25 9.22
C ARG E 110 -8.56 -66.63 9.23
N PRO E 111 -8.87 -67.26 8.09
CA PRO E 111 -9.41 -68.62 8.19
C PRO E 111 -8.46 -69.62 8.83
N LYS E 112 -7.15 -69.62 8.51
CA LYS E 112 -6.30 -70.64 9.15
C LYS E 112 -6.28 -70.46 10.67
N ILE E 113 -6.01 -69.24 11.13
CA ILE E 113 -5.97 -68.97 12.57
C ILE E 113 -7.33 -69.25 13.20
N LYS E 114 -8.42 -68.96 12.50
CA LYS E 114 -9.74 -69.17 13.09
C LYS E 114 -10.05 -70.65 13.22
N GLY E 115 -9.74 -71.43 12.19
CA GLY E 115 -10.02 -72.86 12.24
C GLY E 115 -9.23 -73.55 13.32
N GLU E 116 -8.00 -73.09 13.57
CA GLU E 116 -7.19 -73.72 14.60
C GLU E 116 -7.59 -73.28 16.01
N HIS E 117 -8.02 -72.03 16.17
CA HIS E 117 -8.54 -71.51 17.43
C HIS E 117 -9.80 -70.71 17.16
N PRO E 118 -11.00 -71.21 17.51
CA PRO E 118 -12.25 -70.54 17.13
C PRO E 118 -12.67 -69.37 18.00
N GLY E 119 -12.35 -69.41 19.29
CA GLY E 119 -12.83 -68.41 20.21
C GLY E 119 -11.82 -67.31 20.51
N LEU E 120 -10.75 -67.25 19.73
CA LEU E 120 -9.76 -66.22 19.94
C LEU E 120 -10.39 -64.85 19.66
N SER E 121 -10.17 -63.90 20.58
CA SER E 121 -10.74 -62.57 20.44
C SER E 121 -10.09 -61.83 19.28
N ILE E 122 -10.61 -60.65 18.96
CA ILE E 122 -10.00 -59.85 17.90
C ILE E 122 -8.61 -59.41 18.32
N GLY E 123 -8.48 -58.92 19.55
CA GLY E 123 -7.16 -58.58 20.06
C GLY E 123 -6.20 -59.73 19.96
N ASP E 124 -6.65 -60.93 20.34
CA ASP E 124 -5.77 -62.09 20.33
C ASP E 124 -5.43 -62.54 18.91
N VAL E 125 -6.43 -62.64 18.03
CA VAL E 125 -6.16 -63.08 16.66
C VAL E 125 -5.25 -62.10 15.95
N ALA E 126 -5.52 -60.80 16.11
CA ALA E 126 -4.67 -59.81 15.49
C ALA E 126 -3.27 -59.84 16.09
N LYS E 127 -3.16 -59.96 17.42
CA LYS E 127 -1.85 -60.02 18.06
C LYS E 127 -1.04 -61.17 17.48
N LYS E 128 -1.67 -62.33 17.30
CA LYS E 128 -0.98 -63.48 16.72
C LYS E 128 -0.57 -63.20 15.28
N LEU E 129 -1.56 -63.01 14.39
CA LEU E 129 -1.29 -62.65 13.01
C LEU E 129 -0.11 -61.69 12.93
N GLY E 130 -0.15 -60.62 13.72
CA GLY E 130 0.91 -59.64 13.70
C GLY E 130 2.25 -60.21 14.14
N GLU E 131 2.26 -61.00 15.22
CA GLU E 131 3.52 -61.51 15.75
C GLU E 131 4.18 -62.48 14.77
N MET E 132 3.41 -63.45 14.28
CA MET E 132 3.96 -64.44 13.36
C MET E 132 4.36 -63.81 12.01
N TRP E 133 3.51 -62.95 11.46
CA TRP E 133 3.87 -62.28 10.21
C TRP E 133 5.02 -61.31 10.40
N ASN E 134 5.14 -60.70 11.59
CA ASN E 134 6.29 -59.86 11.89
C ASN E 134 7.55 -60.69 11.95
N ASN E 135 7.46 -61.90 12.51
CA ASN E 135 8.62 -62.79 12.56
C ASN E 135 9.04 -63.23 11.16
N THR E 136 8.10 -63.39 10.23
CA THR E 136 8.46 -63.85 8.89
C THR E 136 9.48 -62.92 8.23
N ASP E 140 9.89 -63.85 2.30
CA ASP E 140 8.76 -64.75 2.39
C ASP E 140 7.46 -64.01 2.09
N LYS E 141 7.33 -62.81 2.67
CA LYS E 141 6.14 -62.00 2.52
C LYS E 141 6.20 -61.08 1.31
N GLN E 142 7.12 -61.33 0.37
CA GLN E 142 7.24 -60.45 -0.79
C GLN E 142 6.01 -60.44 -1.70
N PRO E 143 5.34 -61.57 -1.98
CA PRO E 143 4.13 -61.49 -2.82
C PRO E 143 3.05 -60.59 -2.24
N TYR E 144 2.98 -60.48 -0.92
CA TYR E 144 2.04 -59.54 -0.31
C TYR E 144 2.35 -58.12 -0.71
N GLU E 145 3.63 -57.73 -0.65
CA GLU E 145 4.02 -56.38 -1.04
C GLU E 145 3.78 -56.15 -2.54
N LYS E 146 3.97 -57.18 -3.36
CA LYS E 146 3.69 -57.06 -4.78
C LYS E 146 2.21 -56.76 -5.02
N LYS E 147 1.32 -57.58 -4.42
CA LYS E 147 -0.10 -57.35 -4.56
C LYS E 147 -0.49 -55.97 -4.06
N ALA E 148 0.14 -55.53 -2.96
CA ALA E 148 -0.16 -54.22 -2.40
C ALA E 148 0.20 -53.12 -3.39
N ALA E 149 1.39 -53.21 -4.00
CA ALA E 149 1.82 -52.18 -4.95
C ALA E 149 0.90 -52.15 -6.18
N LYS E 150 0.47 -53.33 -6.64
CA LYS E 150 -0.43 -53.38 -7.79
C LYS E 150 -1.77 -52.72 -7.46
N LEU E 151 -2.36 -53.09 -6.33
CA LEU E 151 -3.62 -52.48 -5.94
C LEU E 151 -3.46 -50.99 -5.70
N LYS E 152 -2.33 -50.59 -5.13
CA LYS E 152 -2.04 -49.17 -4.92
C LYS E 152 -2.12 -48.41 -6.23
N GLU E 153 -1.38 -48.85 -7.26
CA GLU E 153 -1.37 -48.08 -8.50
C GLU E 153 -2.72 -48.15 -9.21
N LYS E 154 -3.45 -49.25 -9.06
CA LYS E 154 -4.82 -49.28 -9.58
C LYS E 154 -5.68 -48.19 -8.95
N TYR E 155 -5.66 -48.11 -7.62
CA TYR E 155 -6.43 -47.08 -6.92
C TYR E 155 -5.98 -45.68 -7.32
N GLU E 156 -4.67 -45.48 -7.48
CA GLU E 156 -4.13 -44.21 -7.97
C GLU E 156 -4.81 -43.81 -9.27
N LYS E 157 -4.83 -44.72 -10.24
CA LYS E 157 -5.51 -44.47 -11.50
C LYS E 157 -6.96 -44.05 -11.26
N ASP E 158 -7.66 -44.76 -10.38
CA ASP E 158 -9.06 -44.43 -10.05
C ASP E 158 -9.22 -42.97 -9.65
N ILE E 159 -9.86 -42.17 -10.50
CA ILE E 159 -10.07 -40.75 -10.24
C ILE E 159 -11.45 -40.46 -9.66
#